data_5BO4
#
_entry.id   5BO4
#
_cell.length_a   185.217
_cell.length_b   185.217
_cell.length_c   67.204
_cell.angle_alpha   90.000
_cell.angle_beta   90.000
_cell.angle_gamma   120.000
#
_symmetry.space_group_name_H-M   'P 32'
#
loop_
_entity.id
_entity.type
_entity.pdbx_description
1 polymer 'Suppressor of cytokine signaling 2'
2 polymer 'Transcription elongation factor B polypeptide 2'
3 polymer 'Transcription elongation factor B polypeptide 1'
4 water water
#
loop_
_entity_poly.entity_id
_entity_poly.type
_entity_poly.pdbx_seq_one_letter_code
_entity_poly.pdbx_strand_id
1 'polypeptide(L)'
;SMQAARLAKALRELGQTGWYWGSMTVNEAKEKLKEAPEGTFLIRDSSHSDYLLTISVKTSAGPTNLRIEYQDGKFRLDSI
I(CAS)VKSKLKQFDSVVHLIDYYVQMCKDKRTGPEAPRNGTVHLYLTKPLYTSAPSLQHLCRLTINKCTGAIWGLPLPT
RLKDYLEEYKFQV
;
A,D,G,J,M,P
2 'polypeptide(L)'
;MDVFLMIRRHKTTIFTDAKESSTVFELKRIVEGILKRPPDEQRLYKDDQLLDDGKTLGECGFTSQTARPQAPATVGLAFR
ADDTFEAL(CAS)IEPFSSPPELPDVMK
;
B,E,H,K,N,Q
3 'polypeptide(L)'
;MMYVKLISSDGHEFIVKREHALTSGTIKAMLSGPGQFAENETNEVNFREIPSHVLSKVCMYFTYKVRYTNSSTEIPEFPI
APEIALELLMAANFLDC
;
C,F,I,L,O,R
#
# COMPACT_ATOMS: atom_id res chain seq x y z
N MET A 2 -35.66 -39.74 -34.44
CA MET A 2 -34.35 -39.18 -33.97
C MET A 2 -33.10 -39.86 -34.56
N GLN A 3 -33.29 -40.87 -35.42
CA GLN A 3 -32.18 -41.58 -36.06
C GLN A 3 -31.26 -40.62 -36.84
N ALA A 4 -31.85 -39.73 -37.63
CA ALA A 4 -31.07 -38.85 -38.50
C ALA A 4 -30.24 -37.87 -37.67
N ALA A 5 -30.93 -37.12 -36.81
CA ALA A 5 -30.28 -36.16 -35.93
C ALA A 5 -29.00 -36.71 -35.29
N ARG A 6 -29.07 -37.95 -34.82
CA ARG A 6 -27.95 -38.59 -34.15
C ARG A 6 -26.86 -38.95 -35.13
N LEU A 7 -27.24 -39.39 -36.33
CA LEU A 7 -26.27 -39.76 -37.36
C LEU A 7 -25.53 -38.51 -37.82
N ALA A 8 -26.29 -37.46 -38.13
CA ALA A 8 -25.70 -36.22 -38.64
C ALA A 8 -24.65 -35.71 -37.68
N LYS A 9 -25.02 -35.65 -36.40
CA LYS A 9 -24.12 -35.19 -35.36
C LYS A 9 -22.87 -36.02 -35.34
N ALA A 10 -23.06 -37.34 -35.34
CA ALA A 10 -21.94 -38.29 -35.27
C ALA A 10 -20.98 -38.06 -36.42
N LEU A 11 -21.53 -37.71 -37.58
CA LEU A 11 -20.73 -37.41 -38.75
C LEU A 11 -20.05 -36.05 -38.67
N ARG A 12 -20.72 -35.08 -38.04
CA ARG A 12 -20.11 -33.76 -37.80
C ARG A 12 -18.87 -33.91 -36.91
N GLU A 13 -19.00 -34.70 -35.86
CA GLU A 13 -17.88 -34.97 -34.97
C GLU A 13 -16.76 -35.66 -35.73
N LEU A 14 -17.15 -36.59 -36.59
CA LEU A 14 -16.22 -37.48 -37.26
C LEU A 14 -15.34 -36.65 -38.19
N GLY A 15 -15.93 -35.66 -38.84
CA GLY A 15 -15.20 -34.74 -39.70
C GLY A 15 -14.22 -33.87 -38.95
N GLN A 16 -14.47 -33.64 -37.66
CA GLN A 16 -13.60 -32.84 -36.81
C GLN A 16 -12.35 -33.58 -36.39
N THR A 17 -12.40 -34.91 -36.38
CA THR A 17 -11.28 -35.69 -35.88
C THR A 17 -10.00 -35.48 -36.68
N GLY A 18 -10.13 -35.49 -38.01
CA GLY A 18 -8.97 -35.48 -38.88
C GLY A 18 -8.43 -36.88 -39.16
N TRP A 19 -9.10 -37.90 -38.64
CA TRP A 19 -8.79 -39.29 -39.00
C TRP A 19 -9.99 -40.05 -39.58
N TYR A 20 -10.96 -39.31 -40.10
CA TYR A 20 -12.03 -39.89 -40.92
C TYR A 20 -11.67 -39.72 -42.39
N TRP A 21 -11.39 -40.83 -43.06
CA TRP A 21 -10.87 -40.83 -44.40
C TRP A 21 -11.91 -40.98 -45.52
N GLY A 22 -13.19 -41.02 -45.15
CA GLY A 22 -14.28 -41.07 -46.12
C GLY A 22 -14.24 -42.31 -47.00
N SER A 23 -14.33 -42.13 -48.31
CA SER A 23 -14.39 -43.24 -49.24
C SER A 23 -13.06 -43.93 -49.50
N MET A 24 -12.29 -44.19 -48.46
CA MET A 24 -11.00 -44.85 -48.63
C MET A 24 -11.30 -46.32 -48.88
N THR A 25 -10.40 -47.02 -49.57
CA THR A 25 -10.57 -48.44 -49.83
C THR A 25 -9.72 -49.29 -48.92
N VAL A 26 -10.02 -50.59 -48.91
CA VAL A 26 -9.27 -51.56 -48.13
C VAL A 26 -7.79 -51.58 -48.49
N ASN A 27 -7.48 -51.53 -49.78
CA ASN A 27 -6.09 -51.60 -50.23
C ASN A 27 -5.36 -50.29 -50.00
N GLU A 28 -6.10 -49.19 -49.99
CA GLU A 28 -5.56 -47.89 -49.63
C GLU A 28 -5.26 -47.84 -48.12
N ALA A 29 -6.21 -48.28 -47.32
CA ALA A 29 -5.99 -48.35 -45.88
C ALA A 29 -4.79 -49.25 -45.55
N LYS A 30 -4.67 -50.37 -46.26
CA LYS A 30 -3.59 -51.32 -46.02
C LYS A 30 -2.22 -50.73 -46.34
N GLU A 31 -2.11 -50.00 -47.45
CA GLU A 31 -0.83 -49.38 -47.83
C GLU A 31 -0.47 -48.22 -46.89
N LYS A 32 -1.49 -47.49 -46.45
CA LYS A 32 -1.30 -46.40 -45.51
C LYS A 32 -0.79 -46.91 -44.16
N LEU A 33 -1.46 -47.92 -43.60
CA LEU A 33 -1.10 -48.41 -42.26
C LEU A 33 0.02 -49.46 -42.26
N LYS A 34 0.50 -49.83 -43.44
CA LYS A 34 1.40 -50.99 -43.60
C LYS A 34 2.56 -51.04 -42.61
N GLU A 35 3.28 -49.91 -42.50
CA GLU A 35 4.50 -49.83 -41.66
C GLU A 35 4.31 -48.97 -40.40
N ALA A 36 3.06 -48.63 -40.07
CA ALA A 36 2.75 -47.75 -38.94
C ALA A 36 2.78 -48.52 -37.63
N PRO A 37 2.82 -47.80 -36.49
CA PRO A 37 2.91 -48.50 -35.20
C PRO A 37 1.62 -49.24 -34.76
N GLU A 38 1.77 -50.46 -34.29
CA GLU A 38 0.68 -51.21 -33.68
C GLU A 38 -0.25 -50.29 -32.92
N GLY A 39 -1.55 -50.38 -33.23
CA GLY A 39 -2.54 -49.55 -32.59
C GLY A 39 -2.93 -48.33 -33.39
N THR A 40 -2.17 -48.01 -34.44
CA THR A 40 -2.49 -46.86 -35.30
C THR A 40 -3.78 -47.19 -36.05
N PHE A 41 -4.72 -46.26 -36.05
CA PHE A 41 -6.05 -46.52 -36.55
C PHE A 41 -6.59 -45.35 -37.34
N LEU A 42 -7.66 -45.62 -38.09
CA LEU A 42 -8.44 -44.57 -38.75
C LEU A 42 -9.82 -45.12 -39.06
N ILE A 43 -10.74 -44.23 -39.37
CA ILE A 43 -12.07 -44.65 -39.75
C ILE A 43 -12.34 -44.21 -41.19
N ARG A 44 -12.99 -45.09 -41.93
CA ARG A 44 -13.42 -44.78 -43.28
C ARG A 44 -14.79 -45.37 -43.49
N ASP A 45 -15.40 -45.05 -44.62
CA ASP A 45 -16.70 -45.60 -44.98
C ASP A 45 -16.61 -47.10 -45.17
N SER A 46 -17.71 -47.79 -44.87
CA SER A 46 -17.78 -49.23 -45.05
C SER A 46 -18.44 -49.55 -46.37
N SER A 47 -17.82 -50.46 -47.11
CA SER A 47 -18.26 -50.84 -48.44
C SER A 47 -19.48 -51.76 -48.37
N HIS A 48 -19.59 -52.47 -47.26
CA HIS A 48 -20.65 -53.44 -47.04
C HIS A 48 -22.01 -52.76 -46.89
N SER A 49 -23.07 -53.43 -47.31
CA SER A 49 -24.42 -52.82 -47.31
C SER A 49 -24.91 -52.59 -45.90
N ASP A 50 -24.72 -53.61 -45.06
CA ASP A 50 -25.16 -53.58 -43.67
C ASP A 50 -24.40 -52.61 -42.77
N TYR A 51 -23.14 -52.31 -43.09
CA TYR A 51 -22.30 -51.50 -42.22
C TYR A 51 -22.07 -50.09 -42.75
N LEU A 52 -21.99 -49.13 -41.84
CA LEU A 52 -21.78 -47.71 -42.17
C LEU A 52 -20.31 -47.33 -42.21
N LEU A 53 -19.56 -47.69 -41.17
CA LEU A 53 -18.15 -47.29 -41.05
C LEU A 53 -17.31 -48.48 -40.69
N THR A 54 -16.00 -48.29 -40.80
CA THR A 54 -15.02 -49.32 -40.49
C THR A 54 -13.84 -48.70 -39.81
N ILE A 55 -13.30 -49.41 -38.83
CA ILE A 55 -12.05 -49.07 -38.19
C ILE A 55 -10.97 -49.86 -38.90
N SER A 56 -9.97 -49.18 -39.45
CA SER A 56 -8.83 -49.85 -40.08
C SER A 56 -7.64 -49.64 -39.16
N VAL A 57 -7.08 -50.73 -38.65
CA VAL A 57 -6.09 -50.63 -37.58
C VAL A 57 -4.88 -51.52 -37.78
N LYS A 58 -3.71 -51.05 -37.32
CA LYS A 58 -2.50 -51.85 -37.38
C LYS A 58 -2.44 -52.85 -36.24
N THR A 59 -2.00 -54.04 -36.57
CA THR A 59 -1.82 -55.12 -35.61
C THR A 59 -0.47 -55.72 -35.89
N SER A 60 0.04 -56.51 -34.94
CA SER A 60 1.27 -57.25 -35.18
C SER A 60 1.17 -58.12 -36.45
N ALA A 61 -0.03 -58.64 -36.73
CA ALA A 61 -0.30 -59.39 -37.96
C ALA A 61 -0.22 -58.49 -39.21
N GLY A 62 -0.82 -57.30 -39.14
CA GLY A 62 -0.79 -56.36 -40.25
C GLY A 62 -1.97 -55.43 -40.10
N PRO A 63 -2.19 -54.56 -41.10
CA PRO A 63 -3.41 -53.77 -41.04
C PRO A 63 -4.62 -54.67 -41.30
N THR A 64 -5.67 -54.46 -40.51
CA THR A 64 -6.89 -55.24 -40.59
C THR A 64 -8.05 -54.26 -40.46
N ASN A 65 -9.27 -54.77 -40.49
CA ASN A 65 -10.47 -53.92 -40.47
C ASN A 65 -11.50 -54.46 -39.49
N LEU A 66 -12.19 -53.56 -38.81
CA LEU A 66 -13.22 -53.92 -37.87
C LEU A 66 -14.35 -52.94 -38.10
N ARG A 67 -15.54 -53.47 -38.36
CA ARG A 67 -16.65 -52.65 -38.84
C ARG A 67 -17.50 -52.14 -37.69
N ILE A 68 -18.22 -51.05 -37.95
CA ILE A 68 -19.10 -50.44 -36.98
C ILE A 68 -20.55 -50.48 -37.47
N GLU A 69 -21.42 -51.08 -36.66
CA GLU A 69 -22.86 -51.11 -36.88
C GLU A 69 -23.48 -49.79 -36.41
N TYR A 70 -24.41 -49.28 -37.22
CA TYR A 70 -25.29 -48.21 -36.78
C TYR A 70 -26.73 -48.69 -36.94
N GLN A 71 -27.27 -49.29 -35.87
CA GLN A 71 -28.63 -49.82 -35.87
C GLN A 71 -29.44 -49.22 -34.71
N ASP A 72 -30.67 -48.82 -35.02
CA ASP A 72 -31.63 -48.32 -34.04
C ASP A 72 -31.04 -47.20 -33.20
N GLY A 73 -30.45 -46.22 -33.89
CA GLY A 73 -29.90 -45.04 -33.25
C GLY A 73 -28.59 -45.22 -32.48
N LYS A 74 -27.98 -46.40 -32.55
CA LYS A 74 -26.76 -46.66 -31.77
C LYS A 74 -25.63 -47.30 -32.58
N PHE A 75 -24.39 -47.00 -32.19
CA PHE A 75 -23.19 -47.59 -32.76
C PHE A 75 -22.66 -48.70 -31.88
N ARG A 76 -22.01 -49.68 -32.50
CA ARG A 76 -21.22 -50.66 -31.79
C ARG A 76 -20.35 -51.38 -32.79
N LEU A 77 -19.37 -52.13 -32.30
CA LEU A 77 -18.49 -52.90 -33.16
C LEU A 77 -19.22 -54.11 -33.77
N ASP A 78 -18.74 -54.53 -34.95
CA ASP A 78 -19.26 -55.71 -35.65
C ASP A 78 -19.44 -56.92 -34.76
N SER A 79 -20.69 -57.18 -34.38
CA SER A 79 -21.05 -58.27 -33.47
C SER A 79 -20.84 -59.69 -34.01
N ILE A 80 -20.41 -59.82 -35.26
CA ILE A 80 -19.98 -61.12 -35.77
C ILE A 80 -18.61 -61.48 -35.23
N ILE A 81 -17.68 -60.52 -35.27
CA ILE A 81 -16.32 -60.72 -34.79
C ILE A 81 -16.22 -60.57 -33.26
N CAS A 82 -16.93 -59.60 -32.70
CA CAS A 82 -16.90 -59.35 -31.25
CB CAS A 82 -16.79 -57.86 -30.95
C CAS A 82 -18.15 -59.87 -30.61
O CAS A 82 -19.24 -59.69 -31.14
SG CAS A 82 -15.49 -57.14 -31.87
AS CAS A 82 -13.64 -57.42 -30.67
CE1 CAS A 82 -14.07 -57.20 -28.74
CE2 CAS A 82 -12.87 -59.23 -31.04
N VAL A 83 -18.00 -60.51 -29.46
CA VAL A 83 -19.11 -61.18 -28.78
C VAL A 83 -20.16 -60.15 -28.32
N LYS A 84 -21.36 -60.25 -28.89
CA LYS A 84 -22.44 -59.28 -28.63
C LYS A 84 -22.72 -59.04 -27.14
N SER A 85 -22.64 -60.09 -26.34
CA SER A 85 -22.80 -59.98 -24.88
C SER A 85 -21.74 -59.06 -24.24
N LYS A 86 -20.57 -58.95 -24.88
CA LYS A 86 -19.49 -58.06 -24.43
C LYS A 86 -19.34 -56.83 -25.34
N LEU A 87 -20.44 -56.11 -25.55
CA LEU A 87 -20.46 -54.92 -26.41
C LEU A 87 -21.24 -53.77 -25.80
N LYS A 88 -20.55 -52.66 -25.61
CA LYS A 88 -21.15 -51.41 -25.15
C LYS A 88 -21.67 -50.64 -26.37
N GLN A 89 -22.69 -49.82 -26.17
CA GLN A 89 -23.26 -49.03 -27.27
C GLN A 89 -23.08 -47.53 -27.05
N PHE A 90 -23.01 -46.81 -28.16
CA PHE A 90 -22.66 -45.39 -28.16
C PHE A 90 -23.58 -44.64 -29.10
N ASP A 91 -23.85 -43.38 -28.77
CA ASP A 91 -24.57 -42.48 -29.66
C ASP A 91 -23.60 -41.72 -30.57
N SER A 92 -22.31 -41.88 -30.35
CA SER A 92 -21.29 -41.22 -31.17
C SER A 92 -20.18 -42.20 -31.54
N VAL A 93 -19.79 -42.17 -32.81
CA VAL A 93 -18.71 -43.03 -33.32
C VAL A 93 -17.34 -42.55 -32.82
N VAL A 94 -17.17 -41.26 -32.55
CA VAL A 94 -15.94 -40.77 -31.91
C VAL A 94 -15.92 -41.19 -30.43
N HIS A 95 -17.04 -41.01 -29.74
CA HIS A 95 -17.16 -41.50 -28.38
C HIS A 95 -16.76 -42.98 -28.33
N LEU A 96 -17.28 -43.76 -29.26
CA LEU A 96 -16.96 -45.19 -29.34
C LEU A 96 -15.46 -45.40 -29.42
N ILE A 97 -14.81 -44.70 -30.34
CA ILE A 97 -13.37 -44.86 -30.56
C ILE A 97 -12.58 -44.33 -29.37
N ASP A 98 -13.02 -43.20 -28.82
CA ASP A 98 -12.37 -42.61 -27.67
C ASP A 98 -12.38 -43.61 -26.54
N TYR A 99 -13.56 -44.17 -26.25
CA TYR A 99 -13.76 -45.15 -25.18
C TYR A 99 -12.78 -46.32 -25.25
N TYR A 100 -12.53 -46.82 -26.46
CA TYR A 100 -11.62 -47.95 -26.63
C TYR A 100 -10.15 -47.55 -26.58
N VAL A 101 -9.83 -46.36 -27.08
CA VAL A 101 -8.47 -45.83 -26.97
C VAL A 101 -8.04 -45.83 -25.51
N GLN A 102 -8.91 -45.30 -24.65
CA GLN A 102 -8.62 -45.19 -23.22
C GLN A 102 -8.52 -46.54 -22.54
N MET A 103 -9.52 -47.39 -22.76
CA MET A 103 -9.60 -48.69 -22.07
C MET A 103 -8.31 -49.49 -22.11
N CYS A 104 -7.62 -49.49 -23.24
CA CYS A 104 -6.39 -50.27 -23.39
C CYS A 104 -5.11 -49.52 -22.97
N LYS A 105 -5.24 -48.54 -22.09
CA LYS A 105 -4.08 -47.89 -21.47
C LYS A 105 -3.78 -48.53 -20.10
N HIS A 120 -8.31 -56.66 -24.95
CA HIS A 120 -9.37 -56.03 -25.73
C HIS A 120 -8.76 -55.11 -26.78
N LEU A 121 -9.62 -54.43 -27.55
CA LEU A 121 -9.21 -53.71 -28.76
C LEU A 121 -8.05 -52.75 -28.54
N TYR A 122 -7.00 -52.91 -29.34
CA TYR A 122 -5.79 -52.10 -29.20
C TYR A 122 -5.77 -50.98 -30.23
N LEU A 123 -6.30 -49.83 -29.82
CA LEU A 123 -6.14 -48.59 -30.57
C LEU A 123 -5.28 -47.64 -29.76
N THR A 124 -4.40 -46.90 -30.45
CA THR A 124 -3.49 -45.98 -29.79
C THR A 124 -3.63 -44.59 -30.40
N LYS A 125 -2.89 -44.31 -31.45
CA LYS A 125 -2.91 -42.99 -32.05
C LYS A 125 -3.61 -43.05 -33.42
N PRO A 126 -4.42 -42.05 -33.74
CA PRO A 126 -5.06 -41.98 -35.05
C PRO A 126 -4.08 -41.57 -36.12
N LEU A 127 -4.29 -42.03 -37.35
CA LEU A 127 -3.50 -41.59 -38.50
C LEU A 127 -4.22 -40.43 -39.16
N TYR A 128 -3.71 -39.21 -38.98
CA TYR A 128 -4.43 -38.04 -39.52
C TYR A 128 -4.36 -37.91 -41.06
N THR A 129 -5.49 -37.61 -41.67
CA THR A 129 -5.53 -37.33 -43.11
C THR A 129 -4.68 -36.10 -43.41
N SER A 130 -4.84 -35.09 -42.56
CA SER A 130 -4.05 -33.86 -42.65
C SER A 130 -3.87 -33.30 -41.25
N ALA A 131 -2.84 -32.45 -41.12
CA ALA A 131 -2.53 -31.77 -39.87
C ALA A 131 -3.76 -31.03 -39.34
N PRO A 132 -4.22 -31.39 -38.13
CA PRO A 132 -5.37 -30.68 -37.57
C PRO A 132 -4.99 -29.26 -37.16
N SER A 133 -6.00 -28.43 -36.89
CA SER A 133 -5.75 -27.07 -36.44
C SER A 133 -5.10 -27.09 -35.06
N LEU A 134 -4.41 -25.98 -34.76
CA LEU A 134 -3.80 -25.78 -33.45
C LEU A 134 -4.89 -25.69 -32.41
N GLN A 135 -5.95 -24.94 -32.72
CA GLN A 135 -7.09 -24.81 -31.82
C GLN A 135 -7.61 -26.17 -31.36
N HIS A 136 -7.74 -27.09 -32.33
CA HIS A 136 -8.18 -28.45 -32.04
C HIS A 136 -7.13 -29.20 -31.22
N LEU A 137 -5.87 -29.09 -31.65
CA LEU A 137 -4.76 -29.73 -30.96
C LEU A 137 -4.72 -29.33 -29.48
N CYS A 138 -5.02 -28.06 -29.19
CA CYS A 138 -5.13 -27.59 -27.82
C CYS A 138 -6.34 -28.22 -27.14
N ARG A 139 -7.48 -28.19 -27.84
CA ARG A 139 -8.72 -28.83 -27.36
C ARG A 139 -8.50 -30.29 -26.93
N LEU A 140 -7.66 -31.01 -27.69
CA LEU A 140 -7.31 -32.39 -27.35
C LEU A 140 -6.50 -32.47 -26.05
N THR A 141 -5.49 -31.60 -25.94
CA THR A 141 -4.64 -31.55 -24.74
C THR A 141 -5.45 -31.15 -23.52
N ILE A 142 -6.26 -30.11 -23.69
CA ILE A 142 -7.09 -29.62 -22.60
C ILE A 142 -8.03 -30.71 -22.10
N ASN A 143 -8.68 -31.41 -23.02
CA ASN A 143 -9.65 -32.44 -22.65
C ASN A 143 -8.99 -33.60 -21.93
N LYS A 144 -7.74 -33.90 -22.31
CA LYS A 144 -6.97 -34.95 -21.65
C LYS A 144 -6.62 -34.65 -20.18
N CYS A 145 -6.68 -33.37 -19.79
CA CYS A 145 -6.38 -32.96 -18.43
C CYS A 145 -7.63 -32.90 -17.55
N THR A 146 -8.74 -32.42 -18.12
CA THR A 146 -9.94 -32.13 -17.33
C THR A 146 -11.22 -32.46 -18.07
N GLY A 147 -12.30 -32.61 -17.29
CA GLY A 147 -13.66 -32.67 -17.82
C GLY A 147 -14.39 -31.36 -17.59
N ALA A 148 -14.17 -30.75 -16.42
CA ALA A 148 -14.85 -29.50 -16.07
C ALA A 148 -14.39 -28.31 -16.94
N ILE A 149 -15.18 -27.99 -17.95
CA ILE A 149 -14.88 -26.89 -18.86
C ILE A 149 -15.31 -25.56 -18.26
N TRP A 150 -16.43 -25.60 -17.51
CA TRP A 150 -16.99 -24.43 -16.82
C TRP A 150 -15.99 -23.74 -15.90
N GLY A 151 -15.13 -24.52 -15.25
CA GLY A 151 -14.10 -24.00 -14.36
C GLY A 151 -12.75 -23.92 -15.03
N LEU A 152 -12.66 -23.10 -16.08
CA LEU A 152 -11.40 -22.87 -16.78
C LEU A 152 -11.24 -21.38 -17.06
N PRO A 153 -10.02 -20.84 -16.87
CA PRO A 153 -9.82 -19.41 -17.03
C PRO A 153 -9.87 -19.01 -18.50
N LEU A 154 -11.07 -19.06 -19.07
CA LEU A 154 -11.27 -18.86 -20.49
C LEU A 154 -12.59 -18.13 -20.75
N PRO A 155 -12.65 -17.34 -21.84
CA PRO A 155 -13.89 -16.68 -22.22
C PRO A 155 -14.96 -17.69 -22.67
N THR A 156 -16.19 -17.21 -22.81
CA THR A 156 -17.33 -18.08 -23.07
C THR A 156 -17.27 -18.75 -24.45
N ARG A 157 -16.75 -18.06 -25.46
CA ARG A 157 -16.70 -18.63 -26.81
C ARG A 157 -15.73 -19.80 -26.89
N LEU A 158 -14.58 -19.67 -26.21
CA LEU A 158 -13.60 -20.76 -26.16
C LEU A 158 -14.13 -21.93 -25.34
N LYS A 159 -14.83 -21.64 -24.24
CA LYS A 159 -15.48 -22.71 -23.45
C LYS A 159 -16.47 -23.49 -24.31
N ASP A 160 -17.24 -22.78 -25.15
CA ASP A 160 -18.19 -23.41 -26.09
C ASP A 160 -17.48 -24.31 -27.12
N TYR A 161 -16.36 -23.84 -27.65
CA TYR A 161 -15.56 -24.63 -28.56
C TYR A 161 -15.19 -25.96 -27.94
N LEU A 162 -14.82 -25.93 -26.66
CA LEU A 162 -14.40 -27.16 -25.98
C LEU A 162 -15.59 -28.11 -25.78
N GLU A 163 -16.78 -27.55 -25.62
CA GLU A 163 -18.02 -28.34 -25.49
C GLU A 163 -18.35 -29.15 -26.75
N GLU A 164 -18.07 -28.57 -27.92
CA GLU A 164 -18.37 -29.17 -29.20
C GLU A 164 -17.64 -30.48 -29.44
N TYR A 165 -16.49 -30.69 -28.79
CA TYR A 165 -15.69 -31.91 -28.98
C TYR A 165 -14.95 -32.34 -27.70
N LYS A 166 -15.62 -33.11 -26.86
CA LYS A 166 -15.13 -33.45 -25.50
C LYS A 166 -13.98 -34.47 -25.45
N PHE A 167 -13.63 -35.06 -26.59
CA PHE A 167 -12.87 -36.33 -26.61
C PHE A 167 -11.36 -36.15 -26.45
N GLN A 168 -10.68 -37.24 -26.13
CA GLN A 168 -9.22 -37.26 -25.88
C GLN A 168 -8.46 -37.79 -27.08
N VAL A 169 -9.11 -37.81 -28.23
CA VAL A 169 -8.47 -38.27 -29.45
C VAL A 169 -9.29 -37.80 -30.62
N ASP B 2 16.09 -32.95 -45.02
CA ASP B 2 15.60 -31.69 -44.42
C ASP B 2 15.77 -31.68 -42.90
N VAL B 3 16.05 -30.50 -42.37
CA VAL B 3 16.18 -30.33 -40.93
C VAL B 3 15.73 -28.92 -40.52
N PHE B 4 14.91 -28.85 -39.47
CA PHE B 4 14.21 -27.62 -39.10
C PHE B 4 14.76 -27.07 -37.79
N LEU B 5 15.08 -25.78 -37.79
CA LEU B 5 15.77 -25.19 -36.65
C LEU B 5 15.36 -23.74 -36.40
N MET B 6 15.64 -23.29 -35.18
CA MET B 6 15.40 -21.90 -34.79
C MET B 6 16.73 -21.27 -34.36
N ILE B 7 17.16 -20.29 -35.15
CA ILE B 7 18.45 -19.63 -34.94
C ILE B 7 18.22 -18.43 -34.02
N ARG B 8 18.87 -18.44 -32.85
CA ARG B 8 18.58 -17.47 -31.79
C ARG B 8 19.78 -16.59 -31.38
N ARG B 9 19.53 -15.27 -31.30
CA ARG B 9 20.47 -14.32 -30.70
C ARG B 9 19.69 -13.23 -29.96
N HIS B 10 19.93 -13.12 -28.65
CA HIS B 10 19.28 -12.11 -27.81
C HIS B 10 17.75 -12.30 -27.82
N LYS B 11 17.00 -11.34 -28.38
CA LYS B 11 15.55 -11.44 -28.45
C LYS B 11 15.07 -11.92 -29.83
N THR B 12 16.02 -12.13 -30.75
CA THR B 12 15.71 -12.58 -32.10
C THR B 12 15.67 -14.11 -32.19
N THR B 13 14.74 -14.63 -33.01
CA THR B 13 14.63 -16.07 -33.28
C THR B 13 14.17 -16.28 -34.73
N ILE B 14 14.91 -17.10 -35.48
CA ILE B 14 14.62 -17.31 -36.91
C ILE B 14 14.25 -18.76 -37.22
N PHE B 15 13.09 -18.97 -37.85
CA PHE B 15 12.62 -20.30 -38.26
C PHE B 15 12.94 -20.56 -39.73
N THR B 16 13.72 -21.60 -39.98
CA THR B 16 14.07 -21.99 -41.34
C THR B 16 14.47 -23.47 -41.42
N ASP B 17 14.97 -23.87 -42.59
CA ASP B 17 15.41 -25.23 -42.82
C ASP B 17 16.32 -25.32 -44.05
N ALA B 18 16.90 -26.49 -44.24
CA ALA B 18 17.76 -26.80 -45.38
C ALA B 18 18.17 -28.26 -45.30
N LYS B 19 18.98 -28.71 -46.25
CA LYS B 19 19.45 -30.10 -46.24
C LYS B 19 20.27 -30.42 -44.99
N GLU B 20 20.17 -31.66 -44.54
CA GLU B 20 21.03 -32.18 -43.47
C GLU B 20 22.48 -32.14 -43.90
N SER B 21 22.71 -32.13 -45.22
CA SER B 21 24.04 -32.09 -45.82
C SER B 21 24.58 -30.68 -46.13
N SER B 22 23.82 -29.63 -45.80
CA SER B 22 24.28 -28.25 -46.04
C SER B 22 25.35 -27.85 -45.02
N THR B 23 26.21 -26.91 -45.41
CA THR B 23 27.34 -26.49 -44.58
C THR B 23 26.98 -25.34 -43.65
N VAL B 24 27.74 -25.20 -42.57
CA VAL B 24 27.48 -24.16 -41.56
C VAL B 24 27.64 -22.76 -42.16
N PHE B 25 28.52 -22.63 -43.16
CA PHE B 25 28.69 -21.40 -43.92
C PHE B 25 27.44 -21.05 -44.72
N GLU B 26 26.91 -22.04 -45.45
CA GLU B 26 25.65 -21.86 -46.18
C GLU B 26 24.54 -21.35 -45.26
N LEU B 27 24.49 -21.86 -44.03
CA LEU B 27 23.53 -21.40 -43.03
C LEU B 27 23.80 -19.96 -42.63
N LYS B 28 25.07 -19.64 -42.44
CA LYS B 28 25.50 -18.26 -42.20
C LYS B 28 25.14 -17.34 -43.36
N ARG B 29 25.26 -17.85 -44.59
CA ARG B 29 24.89 -17.09 -45.78
C ARG B 29 23.37 -16.84 -45.84
N ILE B 30 22.58 -17.79 -45.34
CA ILE B 30 21.12 -17.64 -45.25
C ILE B 30 20.73 -16.59 -44.18
N VAL B 31 21.52 -16.50 -43.12
CA VAL B 31 21.33 -15.44 -42.11
C VAL B 31 21.64 -14.05 -42.71
N GLU B 32 22.61 -13.99 -43.62
CA GLU B 32 22.95 -12.73 -44.32
C GLU B 32 21.83 -12.22 -45.23
N GLY B 33 21.01 -13.13 -45.74
CA GLY B 33 19.84 -12.77 -46.55
C GLY B 33 18.68 -12.21 -45.74
N ILE B 34 18.65 -12.50 -44.44
CA ILE B 34 17.58 -12.01 -43.56
C ILE B 34 18.07 -10.83 -42.70
N LEU B 35 19.19 -11.02 -42.00
CA LEU B 35 19.70 -10.02 -41.04
C LEU B 35 20.75 -9.04 -41.59
N LYS B 36 21.29 -9.33 -42.77
CA LYS B 36 22.12 -8.37 -43.51
C LYS B 36 23.54 -8.17 -42.96
N ARG B 37 23.99 -9.09 -42.12
CA ARG B 37 25.40 -9.12 -41.69
C ARG B 37 26.10 -10.23 -42.48
N PRO B 38 27.45 -10.24 -42.46
CA PRO B 38 28.19 -11.23 -43.25
C PRO B 38 28.45 -12.55 -42.50
N PRO B 39 28.92 -13.59 -43.22
CA PRO B 39 29.27 -14.87 -42.60
C PRO B 39 30.49 -14.83 -41.67
N ASP B 40 31.53 -14.10 -42.06
CA ASP B 40 32.77 -13.98 -41.27
C ASP B 40 32.61 -13.15 -39.99
N GLU B 41 31.54 -12.37 -39.90
CA GLU B 41 31.18 -11.65 -38.67
C GLU B 41 29.96 -12.27 -37.99
N GLN B 42 29.91 -13.60 -37.98
CA GLN B 42 28.86 -14.36 -37.29
C GLN B 42 29.42 -15.69 -36.80
N ARG B 43 29.17 -16.02 -35.52
CA ARG B 43 29.63 -17.28 -34.93
C ARG B 43 28.43 -18.07 -34.42
N LEU B 44 28.23 -19.25 -34.99
CA LEU B 44 27.11 -20.11 -34.63
C LEU B 44 27.50 -21.08 -33.51
N TYR B 45 26.50 -21.76 -32.94
CA TYR B 45 26.77 -22.70 -31.85
C TYR B 45 25.61 -23.67 -31.63
N LYS B 46 25.97 -24.91 -31.26
CA LYS B 46 25.01 -25.90 -30.79
C LYS B 46 25.18 -26.03 -29.29
N ASP B 47 24.19 -25.55 -28.54
CA ASP B 47 24.25 -25.46 -27.07
C ASP B 47 25.41 -24.55 -26.63
N ASP B 48 26.52 -25.14 -26.17
CA ASP B 48 27.70 -24.37 -25.74
C ASP B 48 28.82 -24.34 -26.81
N GLN B 49 29.04 -25.47 -27.47
CA GLN B 49 30.13 -25.61 -28.45
C GLN B 49 29.84 -24.95 -29.81
N LEU B 50 30.81 -24.19 -30.31
CA LEU B 50 30.70 -23.50 -31.60
C LEU B 50 30.83 -24.47 -32.78
N LEU B 51 30.51 -23.98 -33.98
CA LEU B 51 30.43 -24.82 -35.18
C LEU B 51 31.46 -24.44 -36.22
N ASP B 52 31.88 -25.41 -37.04
CA ASP B 52 32.83 -25.17 -38.12
C ASP B 52 32.11 -24.97 -39.46
N ASP B 53 32.53 -23.94 -40.20
CA ASP B 53 31.90 -23.57 -41.47
C ASP B 53 31.83 -24.72 -42.49
N GLY B 54 32.84 -25.57 -42.50
CA GLY B 54 32.96 -26.64 -43.48
C GLY B 54 32.11 -27.88 -43.21
N LYS B 55 31.83 -28.15 -41.94
CA LYS B 55 31.06 -29.33 -41.55
C LYS B 55 29.58 -29.23 -41.97
N THR B 56 28.98 -30.36 -42.28
CA THR B 56 27.55 -30.40 -42.62
C THR B 56 26.72 -30.27 -41.35
N LEU B 57 25.48 -29.84 -41.50
CA LEU B 57 24.56 -29.73 -40.37
C LEU B 57 24.35 -31.09 -39.71
N GLY B 58 24.38 -32.13 -40.54
CA GLY B 58 24.38 -33.52 -40.06
C GLY B 58 25.64 -33.85 -39.26
N GLU B 59 26.81 -33.49 -39.81
CA GLU B 59 28.08 -33.68 -39.10
C GLU B 59 28.08 -32.93 -37.77
N CYS B 60 27.44 -31.77 -37.72
CA CYS B 60 27.29 -31.00 -36.48
C CYS B 60 26.30 -31.64 -35.49
N GLY B 61 25.51 -32.61 -35.96
CA GLY B 61 24.62 -33.39 -35.11
C GLY B 61 23.16 -32.96 -35.17
N PHE B 62 22.78 -32.29 -36.26
CA PHE B 62 21.44 -31.73 -36.38
C PHE B 62 20.37 -32.77 -36.70
N THR B 63 20.72 -33.75 -37.54
CA THR B 63 19.79 -34.82 -38.02
C THR B 63 18.28 -34.52 -38.12
N SER B 64 17.66 -35.02 -39.18
CA SER B 64 16.21 -34.97 -39.34
C SER B 64 15.51 -35.55 -38.12
N GLN B 65 16.04 -36.67 -37.61
CA GLN B 65 15.49 -37.35 -36.44
C GLN B 65 15.33 -36.43 -35.22
N THR B 66 16.31 -35.56 -34.95
CA THR B 66 16.32 -34.77 -33.72
C THR B 66 16.07 -33.26 -33.87
N ALA B 67 15.57 -32.83 -35.02
CA ALA B 67 15.28 -31.43 -35.26
C ALA B 67 14.17 -31.27 -36.29
N ARG B 68 12.97 -31.67 -35.88
CA ARG B 68 11.79 -31.74 -36.76
C ARG B 68 10.96 -30.45 -36.65
N PRO B 69 9.97 -30.27 -37.54
CA PRO B 69 9.18 -29.05 -37.58
C PRO B 69 8.58 -28.68 -36.22
N GLN B 70 7.91 -29.66 -35.60
CA GLN B 70 7.26 -29.49 -34.31
C GLN B 70 8.23 -29.26 -33.15
N ALA B 71 9.46 -29.75 -33.29
CA ALA B 71 10.51 -29.53 -32.31
C ALA B 71 11.81 -29.21 -33.04
N PRO B 72 11.97 -27.95 -33.48
CA PRO B 72 13.17 -27.55 -34.21
C PRO B 72 14.30 -27.21 -33.25
N ALA B 73 15.52 -27.61 -33.62
CA ALA B 73 16.67 -27.45 -32.74
C ALA B 73 17.15 -26.00 -32.69
N THR B 74 17.63 -25.56 -31.53
CA THR B 74 18.13 -24.20 -31.33
C THR B 74 19.56 -24.07 -31.85
N VAL B 75 19.83 -22.98 -32.57
CA VAL B 75 21.17 -22.65 -33.03
C VAL B 75 21.56 -21.28 -32.45
N GLY B 76 22.64 -21.23 -31.68
CA GLY B 76 23.13 -19.99 -31.10
C GLY B 76 23.71 -19.10 -32.17
N LEU B 77 23.70 -17.78 -31.93
CA LEU B 77 24.31 -16.80 -32.83
C LEU B 77 24.86 -15.60 -32.07
N ALA B 78 26.01 -15.09 -32.52
CA ALA B 78 26.64 -13.91 -31.90
C ALA B 78 27.35 -13.06 -32.97
N PHE B 79 27.28 -11.74 -32.81
CA PHE B 79 27.81 -10.79 -33.81
C PHE B 79 29.26 -10.33 -33.54
N ARG B 80 29.88 -9.76 -34.58
CA ARG B 80 31.23 -9.22 -34.48
C ARG B 80 31.18 -7.82 -33.90
N ALA B 81 31.45 -7.70 -32.61
CA ALA B 81 31.49 -6.41 -31.92
C ALA B 81 32.78 -5.67 -32.26
N ASP B 82 32.73 -4.86 -33.31
CA ASP B 82 33.86 -4.03 -33.75
C ASP B 82 35.12 -4.86 -34.04
N ASP B 83 36.09 -4.82 -33.12
CA ASP B 83 37.37 -5.51 -33.29
C ASP B 83 37.41 -6.85 -32.54
N THR B 84 36.24 -7.45 -32.32
CA THR B 84 36.12 -8.73 -31.63
C THR B 84 34.72 -9.32 -31.83
N PHE B 85 34.45 -10.48 -31.24
CA PHE B 85 33.11 -11.09 -31.25
C PHE B 85 32.45 -10.93 -29.88
N GLU B 86 31.14 -10.67 -29.88
CA GLU B 86 30.39 -10.58 -28.62
C GLU B 86 30.08 -11.96 -28.05
N ALA B 87 29.75 -12.00 -26.76
CA ALA B 87 29.40 -13.25 -26.08
C ALA B 87 28.03 -13.72 -26.52
N LEU B 88 27.99 -14.91 -27.14
CA LEU B 88 26.74 -15.56 -27.51
C LEU B 88 25.75 -15.50 -26.35
N CAS B 89 24.61 -14.85 -26.58
CA CAS B 89 23.58 -14.76 -25.56
CB CAS B 89 23.65 -13.41 -24.84
C CAS B 89 22.20 -14.92 -26.15
O CAS B 89 21.92 -14.47 -27.26
SG CAS B 89 23.02 -13.70 -23.22
AS CAS B 89 21.54 -12.06 -22.91
CE1 CAS B 89 21.20 -11.03 -24.59
CE2 CAS B 89 19.85 -12.85 -22.21
N ILE B 90 21.34 -15.56 -25.37
CA ILE B 90 19.96 -15.83 -25.76
C ILE B 90 19.04 -15.33 -24.65
N GLU B 91 18.06 -14.50 -25.01
CA GLU B 91 17.00 -14.12 -24.07
C GLU B 91 16.04 -15.30 -23.95
N PRO B 92 15.78 -15.78 -22.72
CA PRO B 92 14.82 -16.87 -22.57
C PRO B 92 13.41 -16.42 -22.92
N PHE B 93 12.56 -17.38 -23.27
CA PHE B 93 11.15 -17.09 -23.55
C PHE B 93 10.39 -16.83 -22.26
N SER B 94 9.19 -16.30 -22.39
CA SER B 94 8.33 -16.02 -21.24
C SER B 94 8.09 -17.30 -20.44
N SER B 95 7.69 -17.12 -19.18
CA SER B 95 7.35 -18.24 -18.33
C SER B 95 5.83 -18.42 -18.35
N PRO B 96 5.37 -19.68 -18.48
CA PRO B 96 3.91 -19.89 -18.42
C PRO B 96 3.41 -19.79 -16.99
N PRO B 97 2.11 -19.50 -16.82
CA PRO B 97 1.51 -19.58 -15.49
C PRO B 97 1.49 -21.01 -14.93
N GLU B 98 1.21 -21.13 -13.64
CA GLU B 98 0.92 -22.42 -13.02
C GLU B 98 -0.47 -22.86 -13.49
N LEU B 99 -0.65 -24.17 -13.65
CA LEU B 99 -1.94 -24.71 -14.07
C LEU B 99 -3.00 -24.50 -13.00
N PRO B 100 -4.25 -24.20 -13.40
CA PRO B 100 -5.30 -24.18 -12.39
C PRO B 100 -5.56 -25.59 -11.86
N ASP B 101 -6.12 -25.69 -10.65
CA ASP B 101 -6.35 -26.98 -10.00
C ASP B 101 -7.15 -27.94 -10.88
N VAL B 102 -8.10 -27.37 -11.62
CA VAL B 102 -8.95 -28.13 -12.55
C VAL B 102 -8.17 -29.01 -13.53
N MET B 103 -7.00 -28.55 -13.97
CA MET B 103 -6.17 -29.32 -14.89
C MET B 103 -5.09 -30.14 -14.16
N LYS B 104 -5.46 -30.69 -13.01
CA LYS B 104 -4.57 -31.50 -12.16
C LYS B 104 -3.15 -30.94 -12.08
N MET C 1 7.46 -10.90 -51.03
CA MET C 1 8.43 -11.03 -49.91
C MET C 1 8.96 -12.45 -49.81
N MET C 2 9.91 -12.65 -48.90
CA MET C 2 10.43 -13.99 -48.57
C MET C 2 10.14 -14.33 -47.12
N TYR C 3 10.31 -13.37 -46.21
CA TYR C 3 10.07 -13.57 -44.79
C TYR C 3 9.19 -12.47 -44.22
N VAL C 4 8.88 -12.60 -42.93
CA VAL C 4 8.08 -11.63 -42.19
C VAL C 4 8.48 -11.69 -40.71
N LYS C 5 8.09 -10.66 -39.95
CA LYS C 5 8.44 -10.57 -38.54
C LYS C 5 7.21 -10.63 -37.64
N LEU C 6 7.34 -11.34 -36.52
CA LEU C 6 6.29 -11.38 -35.50
C LEU C 6 6.90 -11.00 -34.16
N ILE C 7 6.35 -9.98 -33.50
CA ILE C 7 6.87 -9.54 -32.20
C ILE C 7 5.88 -9.87 -31.08
N SER C 8 6.34 -10.71 -30.15
CA SER C 8 5.56 -11.09 -28.97
C SER C 8 5.24 -9.89 -28.06
N SER C 9 4.32 -10.11 -27.12
CA SER C 9 3.90 -9.08 -26.19
C SER C 9 5.02 -8.64 -25.26
N ASP C 10 5.93 -9.58 -24.97
CA ASP C 10 7.14 -9.28 -24.20
C ASP C 10 8.38 -9.11 -25.09
N GLY C 11 8.18 -8.64 -26.33
CA GLY C 11 9.28 -8.11 -27.15
C GLY C 11 10.10 -9.07 -28.00
N HIS C 12 10.04 -10.36 -27.72
CA HIS C 12 10.76 -11.35 -28.52
C HIS C 12 10.42 -11.23 -30.00
N GLU C 13 11.45 -11.15 -30.85
CA GLU C 13 11.26 -11.11 -32.31
C GLU C 13 11.36 -12.53 -32.92
N PHE C 14 10.31 -12.93 -33.63
CA PHE C 14 10.26 -14.21 -34.32
C PHE C 14 10.17 -13.97 -35.83
N ILE C 15 11.10 -14.57 -36.59
CA ILE C 15 11.12 -14.41 -38.05
C ILE C 15 10.86 -15.75 -38.73
N VAL C 16 9.83 -15.78 -39.57
CA VAL C 16 9.35 -17.01 -40.20
C VAL C 16 9.20 -16.84 -41.71
N LYS C 17 9.25 -17.94 -42.44
CA LYS C 17 9.07 -17.90 -43.89
C LYS C 17 7.70 -17.30 -44.22
N ARG C 18 7.62 -16.56 -45.32
CA ARG C 18 6.39 -15.86 -45.71
C ARG C 18 5.19 -16.79 -45.81
N GLU C 19 5.38 -17.91 -46.51
CA GLU C 19 4.30 -18.89 -46.72
C GLU C 19 3.97 -19.72 -45.46
N HIS C 20 4.88 -19.75 -44.49
CA HIS C 20 4.62 -20.42 -43.21
C HIS C 20 3.69 -19.62 -42.32
N ALA C 21 3.86 -18.29 -42.35
CA ALA C 21 3.02 -17.38 -41.57
C ALA C 21 1.63 -17.23 -42.17
N LEU C 22 1.45 -17.62 -43.43
CA LEU C 22 0.14 -17.60 -44.07
C LEU C 22 -0.78 -18.73 -43.58
N THR C 23 -0.24 -19.66 -42.81
CA THR C 23 -1.05 -20.67 -42.14
C THR C 23 -2.14 -20.00 -41.29
N SER C 24 -1.75 -19.00 -40.50
CA SER C 24 -2.70 -18.19 -39.73
C SER C 24 -3.55 -17.34 -40.65
N GLY C 25 -4.86 -17.61 -40.66
CA GLY C 25 -5.81 -16.86 -41.49
C GLY C 25 -5.88 -15.39 -41.13
N THR C 26 -5.64 -15.08 -39.86
CA THR C 26 -5.56 -13.69 -39.41
C THR C 26 -4.35 -12.98 -40.03
N ILE C 27 -3.20 -13.64 -40.03
CA ILE C 27 -1.97 -13.05 -40.59
C ILE C 27 -2.09 -12.86 -42.10
N LYS C 28 -2.77 -13.78 -42.78
CA LYS C 28 -2.99 -13.68 -44.22
C LYS C 28 -3.66 -12.35 -44.58
N ALA C 29 -4.46 -11.82 -43.66
CA ALA C 29 -5.12 -10.52 -43.83
C ALA C 29 -4.12 -9.34 -43.90
N MET C 30 -2.92 -9.52 -43.36
CA MET C 30 -1.83 -8.56 -43.57
C MET C 30 -0.49 -9.28 -43.71
N ASN C 43 5.56 -6.99 -43.65
CA ASN C 43 6.84 -7.57 -43.28
C ASN C 43 7.12 -7.56 -41.77
N GLU C 44 6.15 -7.09 -40.99
CA GLU C 44 6.27 -7.10 -39.52
C GLU C 44 4.88 -7.01 -38.86
N VAL C 45 4.71 -7.75 -37.75
CA VAL C 45 3.45 -7.73 -36.98
C VAL C 45 3.71 -7.86 -35.48
N ASN C 46 3.07 -6.99 -34.70
CA ASN C 46 3.20 -6.95 -33.24
C ASN C 46 2.00 -7.64 -32.60
N PHE C 47 2.24 -8.35 -31.49
CA PHE C 47 1.16 -9.02 -30.75
C PHE C 47 1.22 -8.67 -29.27
N ARG C 48 0.47 -7.64 -28.88
CA ARG C 48 0.44 -7.20 -27.48
C ARG C 48 -0.21 -8.22 -26.54
N GLU C 49 -1.04 -9.11 -27.08
CA GLU C 49 -1.78 -10.07 -26.26
C GLU C 49 -1.10 -11.44 -26.14
N ILE C 50 -0.15 -11.74 -27.02
CA ILE C 50 0.47 -13.07 -27.09
C ILE C 50 1.94 -13.05 -26.63
N PRO C 51 2.25 -13.68 -25.49
CA PRO C 51 3.65 -13.73 -25.04
C PRO C 51 4.55 -14.59 -25.92
N SER C 52 5.84 -14.60 -25.60
CA SER C 52 6.86 -15.26 -26.42
C SER C 52 6.81 -16.78 -26.28
N HIS C 53 6.50 -17.26 -25.08
CA HIS C 53 6.41 -18.70 -24.84
C HIS C 53 5.23 -19.31 -25.59
N VAL C 54 4.21 -18.52 -25.86
CA VAL C 54 3.07 -18.95 -26.66
C VAL C 54 3.34 -18.76 -28.15
N LEU C 55 3.88 -17.60 -28.52
CA LEU C 55 4.11 -17.30 -29.94
C LEU C 55 5.19 -18.18 -30.57
N SER C 56 6.15 -18.64 -29.77
CA SER C 56 7.17 -19.57 -30.26
C SER C 56 6.53 -20.88 -30.71
N LYS C 57 5.55 -21.34 -29.94
CA LYS C 57 4.82 -22.55 -30.26
C LYS C 57 4.01 -22.37 -31.55
N VAL C 58 3.40 -21.21 -31.71
CA VAL C 58 2.63 -20.88 -32.91
C VAL C 58 3.50 -20.90 -34.18
N CYS C 59 4.76 -20.51 -34.05
CA CYS C 59 5.69 -20.59 -35.17
C CYS C 59 6.05 -22.05 -35.48
N MET C 60 6.19 -22.87 -34.43
CA MET C 60 6.46 -24.31 -34.61
C MET C 60 5.31 -25.00 -35.34
N TYR C 61 4.08 -24.71 -34.92
CA TYR C 61 2.90 -25.24 -35.58
C TYR C 61 2.88 -24.87 -37.07
N PHE C 62 3.28 -23.64 -37.42
CA PHE C 62 3.36 -23.26 -38.83
C PHE C 62 4.28 -24.21 -39.59
N THR C 63 5.45 -24.47 -39.02
CA THR C 63 6.40 -25.37 -39.66
C THR C 63 5.73 -26.71 -39.89
N TYR C 64 5.16 -27.24 -38.81
CA TYR C 64 4.39 -28.49 -38.80
C TYR C 64 3.31 -28.53 -39.89
N LYS C 65 2.42 -27.55 -39.86
CA LYS C 65 1.26 -27.51 -40.75
C LYS C 65 1.69 -27.53 -42.21
N VAL C 66 2.64 -26.67 -42.58
CA VAL C 66 3.07 -26.57 -43.97
C VAL C 66 3.79 -27.85 -44.39
N ARG C 67 4.69 -28.31 -43.52
CA ARG C 67 5.42 -29.56 -43.76
C ARG C 67 4.49 -30.73 -44.02
N TYR C 68 3.37 -30.78 -43.30
CA TYR C 68 2.44 -31.91 -43.40
C TYR C 68 1.07 -31.52 -43.96
N THR C 69 1.13 -30.95 -45.15
CA THR C 69 -0.01 -30.78 -46.03
C THR C 69 0.29 -31.70 -47.21
N ASN C 70 -0.72 -32.36 -47.76
CA ASN C 70 -0.55 -33.37 -48.82
C ASN C 70 0.70 -34.25 -48.58
N SER C 71 0.64 -35.06 -47.52
CA SER C 71 1.81 -35.79 -47.04
C SER C 71 1.82 -37.27 -47.40
N SER C 72 2.80 -37.68 -48.20
CA SER C 72 3.10 -39.09 -48.44
C SER C 72 3.61 -39.73 -47.15
N THR C 73 4.29 -38.93 -46.33
CA THR C 73 4.80 -39.37 -45.03
C THR C 73 3.69 -39.34 -43.97
N GLU C 74 3.87 -40.13 -42.91
CA GLU C 74 2.98 -40.11 -41.77
C GLU C 74 3.12 -38.79 -41.01
N ILE C 75 1.99 -38.15 -40.71
CA ILE C 75 1.98 -36.92 -39.93
C ILE C 75 2.24 -37.25 -38.47
N PRO C 76 3.29 -36.68 -37.87
CA PRO C 76 3.64 -36.99 -36.49
C PRO C 76 2.83 -36.15 -35.50
N GLU C 77 2.98 -36.43 -34.21
CA GLU C 77 2.27 -35.66 -33.18
C GLU C 77 2.95 -34.31 -32.93
N PHE C 78 2.13 -33.29 -32.67
CA PHE C 78 2.61 -31.96 -32.30
C PHE C 78 2.39 -31.82 -30.79
N PRO C 79 3.47 -31.93 -30.01
CA PRO C 79 3.26 -31.96 -28.58
C PRO C 79 2.95 -30.57 -28.03
N ILE C 80 1.99 -30.51 -27.11
CA ILE C 80 1.63 -29.28 -26.41
C ILE C 80 1.65 -29.57 -24.92
N ALA C 81 2.32 -28.72 -24.17
CA ALA C 81 2.38 -28.85 -22.72
C ALA C 81 1.08 -28.27 -22.12
N PRO C 82 0.51 -28.95 -21.11
CA PRO C 82 -0.69 -28.46 -20.41
C PRO C 82 -0.62 -26.97 -20.01
N GLU C 83 0.58 -26.53 -19.63
CA GLU C 83 0.78 -25.17 -19.12
C GLU C 83 0.49 -24.09 -20.18
N ILE C 84 0.83 -24.38 -21.42
CA ILE C 84 0.62 -23.44 -22.53
C ILE C 84 -0.71 -23.64 -23.25
N ALA C 85 -1.34 -24.81 -23.07
CA ALA C 85 -2.56 -25.18 -23.78
C ALA C 85 -3.63 -24.08 -23.79
N LEU C 86 -3.91 -23.52 -22.62
CA LEU C 86 -4.95 -22.48 -22.46
C LEU C 86 -4.63 -21.18 -23.20
N GLU C 87 -3.36 -20.78 -23.19
CA GLU C 87 -2.93 -19.56 -23.85
C GLU C 87 -2.77 -19.78 -25.34
N LEU C 88 -2.29 -20.97 -25.69
CA LEU C 88 -2.13 -21.39 -27.08
C LEU C 88 -3.49 -21.53 -27.79
N LEU C 89 -4.50 -22.01 -27.05
CA LEU C 89 -5.86 -22.08 -27.57
C LEU C 89 -6.36 -20.68 -27.94
N MET C 90 -6.23 -19.74 -26.99
CA MET C 90 -6.67 -18.36 -27.19
C MET C 90 -5.91 -17.71 -28.34
N ALA C 91 -4.61 -17.94 -28.40
CA ALA C 91 -3.80 -17.46 -29.51
C ALA C 91 -4.23 -18.08 -30.84
N ALA C 92 -4.41 -19.40 -30.84
CA ALA C 92 -4.77 -20.11 -32.07
C ALA C 92 -6.16 -19.71 -32.61
N ASN C 93 -7.07 -19.38 -31.70
CA ASN C 93 -8.35 -18.79 -32.07
C ASN C 93 -8.13 -17.40 -32.68
N PHE C 94 -7.39 -16.57 -31.95
CA PHE C 94 -6.96 -15.23 -32.40
C PHE C 94 -6.44 -15.28 -33.83
N LEU C 95 -5.53 -16.21 -34.08
CA LEU C 95 -4.82 -16.29 -35.35
C LEU C 95 -5.53 -17.07 -36.46
N ASP C 96 -6.60 -17.78 -36.11
CA ASP C 96 -7.31 -18.63 -37.07
C ASP C 96 -6.37 -19.68 -37.67
N CYS C 97 -5.97 -20.66 -36.86
CA CYS C 97 -5.08 -21.72 -37.33
C CYS C 97 -5.13 -22.96 -36.44
N MET D 2 21.30 41.56 -17.02
CA MET D 2 20.47 41.59 -15.79
C MET D 2 19.07 42.15 -16.08
N GLN D 3 18.04 41.33 -15.89
CA GLN D 3 16.65 41.80 -15.88
C GLN D 3 15.63 40.87 -15.20
N ALA D 4 15.23 39.80 -15.89
CA ALA D 4 14.07 38.98 -15.44
C ALA D 4 14.39 38.07 -14.26
N ALA D 5 15.57 37.47 -14.31
CA ALA D 5 16.11 36.73 -13.19
C ALA D 5 16.15 37.64 -11.97
N ARG D 6 16.64 38.86 -12.16
CA ARG D 6 16.76 39.84 -11.08
C ARG D 6 15.39 40.20 -10.51
N LEU D 7 14.42 40.46 -11.37
CA LEU D 7 13.07 40.81 -10.92
C LEU D 7 12.37 39.62 -10.28
N ALA D 8 12.39 38.48 -10.98
CA ALA D 8 11.86 37.23 -10.46
C ALA D 8 12.39 36.98 -9.06
N LYS D 9 13.71 37.01 -8.91
CA LYS D 9 14.35 36.82 -7.61
C LYS D 9 13.75 37.78 -6.58
N ALA D 10 13.74 39.07 -6.91
CA ALA D 10 13.25 40.10 -5.99
C ALA D 10 11.76 39.96 -5.68
N LEU D 11 11.00 39.43 -6.62
CA LEU D 11 9.58 39.12 -6.39
C LEU D 11 9.40 37.90 -5.49
N ARG D 12 10.24 36.88 -5.71
CA ARG D 12 10.24 35.66 -4.92
C ARG D 12 10.51 35.98 -3.45
N GLU D 13 11.57 36.76 -3.23
CA GLU D 13 11.91 37.34 -1.92
C GLU D 13 10.73 38.07 -1.30
N LEU D 14 10.04 38.85 -2.12
CA LEU D 14 8.89 39.63 -1.68
C LEU D 14 7.72 38.73 -1.26
N GLY D 15 7.62 37.57 -1.92
CA GLY D 15 6.59 36.57 -1.59
C GLY D 15 6.79 35.91 -0.25
N GLN D 16 8.02 35.88 0.24
CA GLN D 16 8.33 35.32 1.55
C GLN D 16 8.00 36.28 2.68
N THR D 17 7.80 37.55 2.35
CA THR D 17 7.63 38.58 3.37
C THR D 17 6.38 38.39 4.22
N GLY D 18 5.23 38.30 3.54
CA GLY D 18 3.92 38.31 4.19
C GLY D 18 3.15 39.61 3.93
N TRP D 19 3.86 40.67 3.53
CA TRP D 19 3.26 42.01 3.36
C TRP D 19 3.29 42.50 1.91
N TYR D 20 3.29 41.56 0.97
CA TYR D 20 3.17 41.88 -0.43
C TYR D 20 1.78 41.44 -0.89
N TRP D 21 1.02 42.39 -1.43
CA TRP D 21 -0.40 42.20 -1.68
C TRP D 21 -0.79 42.06 -3.15
N GLY D 22 0.19 41.66 -3.97
CA GLY D 22 -0.07 41.35 -5.38
C GLY D 22 -0.94 42.36 -6.10
N SER D 23 -2.08 41.90 -6.63
CA SER D 23 -2.98 42.74 -7.41
C SER D 23 -3.94 43.57 -6.58
N MET D 24 -3.45 44.14 -5.48
CA MET D 24 -4.26 44.99 -4.63
C MET D 24 -4.38 46.36 -5.29
N THR D 25 -5.59 46.90 -5.30
CA THR D 25 -5.85 48.20 -5.91
C THR D 25 -5.65 49.34 -4.90
N VAL D 26 -5.75 50.57 -5.38
CA VAL D 26 -5.54 51.77 -4.56
C VAL D 26 -6.57 51.90 -3.45
N ASN D 27 -7.85 51.73 -3.78
CA ASN D 27 -8.91 51.78 -2.78
C ASN D 27 -8.87 50.57 -1.86
N GLU D 28 -8.46 49.43 -2.40
CA GLU D 28 -8.28 48.23 -1.59
C GLU D 28 -7.22 48.49 -0.52
N ALA D 29 -6.12 49.11 -0.94
CA ALA D 29 -5.08 49.53 -0.02
C ALA D 29 -5.56 50.64 0.93
N LYS D 30 -6.28 51.62 0.37
CA LYS D 30 -6.81 52.75 1.16
C LYS D 30 -7.69 52.26 2.31
N GLU D 31 -8.60 51.35 2.01
CA GLU D 31 -9.55 50.83 3.00
C GLU D 31 -8.88 49.93 4.05
N LYS D 32 -7.75 49.33 3.70
CA LYS D 32 -7.05 48.38 4.57
C LYS D 32 -6.18 49.13 5.60
N LEU D 33 -5.56 50.22 5.16
CA LEU D 33 -4.75 51.06 6.04
C LEU D 33 -5.56 52.25 6.55
N LYS D 34 -6.85 52.25 6.26
CA LYS D 34 -7.76 53.35 6.57
C LYS D 34 -7.59 53.89 7.98
N GLU D 35 -7.66 53.01 8.97
CA GLU D 35 -7.60 53.39 10.39
C GLU D 35 -6.47 52.70 11.15
N ALA D 36 -5.38 52.41 10.45
CA ALA D 36 -4.19 51.78 11.05
C ALA D 36 -3.30 52.86 11.65
N PRO D 37 -2.35 52.46 12.53
CA PRO D 37 -1.42 53.45 13.09
C PRO D 37 -0.44 53.97 12.06
N GLU D 38 0.03 55.20 12.29
CA GLU D 38 1.00 55.86 11.42
C GLU D 38 2.22 54.96 11.18
N GLY D 39 2.69 54.94 9.94
CA GLY D 39 3.82 54.10 9.57
C GLY D 39 3.46 52.74 9.02
N THR D 40 2.21 52.31 9.20
CA THR D 40 1.77 51.03 8.67
C THR D 40 1.82 51.05 7.13
N PHE D 41 2.60 50.12 6.58
CA PHE D 41 2.88 50.08 5.16
C PHE D 41 2.58 48.71 4.60
N LEU D 42 2.55 48.61 3.27
CA LEU D 42 2.53 47.34 2.57
C LEU D 42 3.00 47.54 1.14
N ILE D 43 3.43 46.45 0.52
CA ILE D 43 3.89 46.48 -0.86
C ILE D 43 2.88 45.78 -1.77
N ARG D 44 2.63 46.37 -2.93
CA ARG D 44 1.74 45.77 -3.92
C ARG D 44 2.19 46.15 -5.31
N ASP D 45 1.70 45.38 -6.29
CA ASP D 45 1.91 45.70 -7.68
C ASP D 45 1.34 47.09 -7.96
N SER D 46 2.09 47.88 -8.73
CA SER D 46 1.61 49.20 -9.18
C SER D 46 0.56 49.04 -10.26
N SER D 47 -0.41 49.95 -10.27
CA SER D 47 -1.39 50.01 -11.37
C SER D 47 -0.90 50.92 -12.49
N HIS D 48 0.22 51.59 -12.27
CA HIS D 48 0.83 52.51 -13.23
C HIS D 48 1.68 51.77 -14.26
N SER D 49 1.68 52.28 -15.49
CA SER D 49 2.41 51.66 -16.59
C SER D 49 3.92 51.63 -16.36
N ASP D 50 4.52 52.80 -16.20
CA ASP D 50 5.94 52.92 -15.90
C ASP D 50 6.42 52.06 -14.73
N TYR D 51 5.66 52.05 -13.63
CA TYR D 51 6.16 51.49 -12.37
C TYR D 51 5.82 50.02 -12.19
N LEU D 52 6.56 49.39 -11.27
CA LEU D 52 6.48 47.96 -11.03
C LEU D 52 5.86 47.64 -9.67
N LEU D 53 6.27 48.36 -8.63
CA LEU D 53 5.76 48.15 -7.28
C LEU D 53 5.49 49.48 -6.57
N THR D 54 4.66 49.41 -5.54
CA THR D 54 4.25 50.60 -4.79
C THR D 54 4.25 50.34 -3.30
N ILE D 55 4.64 51.35 -2.52
CA ILE D 55 4.48 51.34 -1.08
C ILE D 55 3.18 52.07 -0.72
N SER D 56 2.17 51.32 -0.29
CA SER D 56 0.99 51.91 0.32
C SER D 56 1.33 52.08 1.79
N VAL D 57 1.18 53.28 2.33
CA VAL D 57 1.54 53.56 3.72
C VAL D 57 0.59 54.53 4.38
N LYS D 58 0.34 54.31 5.67
CA LYS D 58 -0.55 55.16 6.44
C LYS D 58 0.23 56.37 6.92
N THR D 59 -0.30 57.56 6.63
CA THR D 59 0.32 58.80 7.09
C THR D 59 -0.70 59.58 7.89
N SER D 60 -0.20 60.58 8.62
CA SER D 60 -1.05 61.49 9.37
C SER D 60 -2.23 61.97 8.54
N ALA D 61 -1.98 62.22 7.25
CA ALA D 61 -2.99 62.75 6.32
C ALA D 61 -3.94 61.70 5.72
N GLY D 62 -3.60 60.42 5.86
CA GLY D 62 -4.39 59.35 5.30
C GLY D 62 -3.49 58.30 4.64
N PRO D 63 -4.09 57.20 4.16
CA PRO D 63 -3.32 56.25 3.36
C PRO D 63 -2.88 56.88 2.04
N THR D 64 -1.62 56.70 1.68
CA THR D 64 -1.09 57.25 0.41
C THR D 64 -0.09 56.30 -0.21
N ASN D 65 0.36 56.62 -1.43
CA ASN D 65 1.24 55.74 -2.17
C ASN D 65 2.57 56.39 -2.53
N LEU D 66 3.61 55.58 -2.56
CA LEU D 66 4.94 56.00 -2.98
C LEU D 66 5.54 54.89 -3.81
N ARG D 67 5.78 55.16 -5.09
CA ARG D 67 6.06 54.11 -6.07
C ARG D 67 7.53 53.72 -6.07
N ILE D 68 7.83 52.55 -6.62
CA ILE D 68 9.19 52.02 -6.69
C ILE D 68 9.66 51.86 -8.14
N GLU D 69 10.72 52.58 -8.48
CA GLU D 69 11.31 52.44 -9.81
C GLU D 69 12.19 51.21 -9.84
N TYR D 70 12.21 50.55 -11.01
CA TYR D 70 13.11 49.46 -11.28
C TYR D 70 13.78 49.68 -12.64
N GLN D 71 14.99 50.25 -12.60
CA GLN D 71 15.80 50.46 -13.79
C GLN D 71 17.18 49.79 -13.61
N ASP D 72 17.67 49.18 -14.69
CA ASP D 72 18.96 48.47 -14.71
C ASP D 72 19.21 47.61 -13.48
N GLY D 73 18.29 46.67 -13.23
CA GLY D 73 18.42 45.72 -12.13
C GLY D 73 18.35 46.27 -10.72
N LYS D 74 18.00 47.54 -10.54
CA LYS D 74 18.08 48.19 -9.22
C LYS D 74 16.81 48.94 -8.82
N PHE D 75 16.42 48.78 -7.56
CA PHE D 75 15.21 49.38 -7.00
C PHE D 75 15.52 50.64 -6.23
N ARG D 76 14.66 51.65 -6.36
CA ARG D 76 14.77 52.89 -5.60
C ARG D 76 13.44 53.62 -5.57
N LEU D 77 13.32 54.54 -4.63
CA LEU D 77 12.06 55.26 -4.43
C LEU D 77 11.78 56.21 -5.59
N ASP D 78 10.51 56.60 -5.74
CA ASP D 78 10.10 57.45 -6.86
C ASP D 78 10.91 58.75 -6.89
N SER D 79 11.82 58.83 -7.87
CA SER D 79 12.71 59.99 -8.04
C SER D 79 11.98 61.31 -8.32
N ILE D 80 10.76 61.24 -8.81
CA ILE D 80 9.94 62.42 -8.98
C ILE D 80 9.65 63.06 -7.62
N ILE D 81 9.10 62.25 -6.71
CA ILE D 81 8.69 62.72 -5.38
C ILE D 81 9.88 62.80 -4.40
N CAS D 82 10.75 61.79 -4.43
CA CAS D 82 11.91 61.71 -3.52
CB CAS D 82 12.11 60.27 -3.04
C CAS D 82 13.17 62.14 -4.24
O CAS D 82 13.65 61.43 -5.13
SG CAS D 82 10.78 59.66 -2.03
AS CAS D 82 10.88 60.97 -0.24
CE1 CAS D 82 11.00 59.88 1.42
CE2 CAS D 82 9.28 62.17 -0.21
N VAL D 83 13.74 63.26 -3.83
CA VAL D 83 14.88 63.88 -4.53
C VAL D 83 15.90 62.83 -5.00
N LYS D 84 16.14 62.80 -6.30
CA LYS D 84 16.97 61.76 -6.94
C LYS D 84 18.42 61.77 -6.50
N SER D 85 18.98 62.97 -6.29
CA SER D 85 20.37 63.12 -5.83
C SER D 85 20.62 62.42 -4.48
N LYS D 86 19.61 62.45 -3.61
CA LYS D 86 19.66 61.75 -2.32
C LYS D 86 18.81 60.49 -2.41
N LEU D 87 19.34 59.44 -3.04
CA LEU D 87 18.59 58.21 -3.27
C LEU D 87 19.51 56.98 -3.41
N LYS D 88 19.30 56.00 -2.52
CA LYS D 88 20.06 54.74 -2.53
C LYS D 88 19.35 53.71 -3.40
N GLN D 89 20.09 52.74 -3.91
CA GLN D 89 19.52 51.72 -4.79
C GLN D 89 19.82 50.32 -4.29
N PHE D 90 18.88 49.41 -4.53
CA PHE D 90 18.95 48.06 -3.95
C PHE D 90 18.70 46.99 -5.00
N ASP D 91 19.34 45.83 -4.84
CA ASP D 91 19.07 44.65 -5.68
C ASP D 91 17.83 43.88 -5.19
N SER D 92 17.50 44.05 -3.91
CA SER D 92 16.30 43.47 -3.34
C SER D 92 15.38 44.60 -2.94
N VAL D 93 14.08 44.40 -3.13
CA VAL D 93 13.07 45.37 -2.70
C VAL D 93 12.79 45.18 -1.21
N VAL D 94 12.87 43.94 -0.75
CA VAL D 94 12.69 43.64 0.67
C VAL D 94 13.85 44.27 1.47
N HIS D 95 15.04 44.24 0.90
CA HIS D 95 16.17 44.98 1.47
C HIS D 95 15.91 46.49 1.44
N LEU D 96 15.41 46.97 0.29
CA LEU D 96 15.04 48.38 0.15
C LEU D 96 14.19 48.81 1.33
N ILE D 97 13.11 48.06 1.59
CA ILE D 97 12.19 48.37 2.67
C ILE D 97 12.86 48.28 4.04
N ASP D 98 13.65 47.21 4.24
CA ASP D 98 14.33 47.00 5.52
C ASP D 98 15.17 48.24 5.93
N TYR D 99 15.83 48.83 4.95
CA TYR D 99 16.64 50.03 5.15
C TYR D 99 15.81 51.16 5.75
N TYR D 100 14.70 51.50 5.11
CA TYR D 100 13.91 52.65 5.53
C TYR D 100 13.18 52.41 6.85
N VAL D 101 12.92 51.14 7.18
CA VAL D 101 12.36 50.78 8.48
C VAL D 101 13.40 51.00 9.59
N GLN D 102 14.64 50.57 9.34
CA GLN D 102 15.74 50.81 10.26
C GLN D 102 16.07 52.30 10.35
N MET D 103 15.99 52.99 9.21
CA MET D 103 16.45 54.39 9.10
C MET D 103 15.69 55.37 10.00
N CYS D 104 14.36 55.27 10.05
CA CYS D 104 13.57 56.24 10.82
C CYS D 104 13.63 56.01 12.34
N LYS D 105 14.18 54.87 12.78
CA LYS D 105 14.55 54.66 14.19
C LYS D 105 16.07 54.73 14.35
N HIS D 120 12.96 62.12 5.88
CA HIS D 120 13.10 60.68 5.71
C HIS D 120 11.75 59.99 5.81
N LEU D 121 11.65 58.82 5.18
CA LEU D 121 10.40 58.07 5.10
C LEU D 121 10.05 57.41 6.44
N TYR D 122 8.76 57.37 6.75
CA TYR D 122 8.28 56.81 8.01
C TYR D 122 7.48 55.53 7.84
N LEU D 123 8.19 54.41 7.77
CA LEU D 123 7.58 53.10 7.86
C LEU D 123 7.69 52.60 9.31
N THR D 124 6.79 51.72 9.74
CA THR D 124 6.87 51.11 11.07
C THR D 124 6.58 49.62 11.02
N LYS D 125 5.31 49.22 11.04
CA LYS D 125 4.94 47.80 10.98
C LYS D 125 4.30 47.44 9.63
N PRO D 126 4.65 46.25 9.09
CA PRO D 126 4.04 45.77 7.84
C PRO D 126 2.69 45.09 8.03
N LEU D 127 1.69 45.50 7.24
CA LEU D 127 0.40 44.83 7.25
C LEU D 127 0.51 43.45 6.58
N TYR D 128 0.48 42.40 7.38
CA TYR D 128 0.58 41.02 6.88
C TYR D 128 -0.71 40.57 6.22
N THR D 129 -0.61 39.81 5.14
CA THR D 129 -1.79 39.25 4.49
C THR D 129 -2.39 38.20 5.43
N SER D 130 -1.55 37.26 5.86
CA SER D 130 -1.91 36.31 6.91
C SER D 130 -0.84 36.36 8.00
N ALA D 131 -1.13 35.76 9.14
CA ALA D 131 -0.18 35.70 10.24
C ALA D 131 0.99 34.83 9.85
N PRO D 132 2.22 35.30 10.07
CA PRO D 132 3.40 34.50 9.69
C PRO D 132 3.54 33.19 10.47
N SER D 133 4.49 32.36 10.05
CA SER D 133 4.84 31.17 10.81
C SER D 133 5.60 31.60 12.05
N LEU D 134 5.70 30.68 12.99
CA LEU D 134 6.52 30.88 14.17
C LEU D 134 8.00 30.81 13.77
N GLN D 135 8.31 29.88 12.88
CA GLN D 135 9.67 29.74 12.34
C GLN D 135 10.15 31.05 11.71
N HIS D 136 9.29 31.70 10.93
CA HIS D 136 9.61 33.01 10.33
C HIS D 136 9.67 34.13 11.38
N LEU D 137 8.74 34.10 12.33
CA LEU D 137 8.76 35.08 13.42
C LEU D 137 10.06 35.00 14.21
N CYS D 138 10.48 33.78 14.55
CA CYS D 138 11.77 33.53 15.19
C CYS D 138 12.93 34.03 14.35
N ARG D 139 12.85 33.73 13.04
CA ARG D 139 13.87 34.15 12.08
C ARG D 139 14.07 35.68 12.06
N LEU D 140 12.97 36.43 12.09
CA LEU D 140 13.04 37.90 12.09
C LEU D 140 13.75 38.46 13.34
N THR D 141 13.45 37.86 14.50
CA THR D 141 14.01 38.33 15.78
C THR D 141 15.51 38.08 15.90
N ILE D 142 15.92 36.89 15.44
CA ILE D 142 17.34 36.54 15.36
C ILE D 142 18.08 37.49 14.42
N ASN D 143 17.47 37.76 13.26
CA ASN D 143 18.00 38.72 12.28
C ASN D 143 18.11 40.15 12.83
N LYS D 144 17.22 40.50 13.76
CA LYS D 144 17.28 41.79 14.44
C LYS D 144 18.44 41.93 15.44
N CYS D 145 18.98 40.79 15.90
CA CYS D 145 20.07 40.79 16.87
C CYS D 145 21.45 40.39 16.34
N THR D 146 21.50 39.73 15.18
CA THR D 146 22.79 39.39 14.56
C THR D 146 22.68 39.12 13.05
N GLY D 147 23.77 39.42 12.34
CA GLY D 147 23.92 39.04 10.94
C GLY D 147 24.67 37.72 10.82
N ALA D 148 25.67 37.52 11.68
CA ALA D 148 26.51 36.32 11.66
C ALA D 148 25.73 35.07 12.06
N ILE D 149 25.17 34.40 11.06
CA ILE D 149 24.43 33.14 11.28
C ILE D 149 25.38 31.98 11.52
N TRP D 150 26.57 32.04 10.91
CA TRP D 150 27.60 31.01 11.10
C TRP D 150 28.03 30.87 12.56
N GLY D 151 27.87 31.94 13.34
CA GLY D 151 28.14 31.90 14.78
C GLY D 151 26.89 31.80 15.63
N LEU D 152 26.08 30.77 15.39
CA LEU D 152 24.90 30.47 16.20
C LEU D 152 24.79 28.98 16.48
N PRO D 153 24.53 28.59 17.75
CA PRO D 153 24.43 27.18 18.07
C PRO D 153 23.16 26.56 17.46
N LEU D 154 23.28 26.16 16.19
CA LEU D 154 22.18 25.56 15.45
C LEU D 154 22.72 24.53 14.46
N PRO D 155 21.91 23.50 14.14
CA PRO D 155 22.30 22.57 13.07
C PRO D 155 22.19 23.22 11.68
N THR D 156 22.92 22.66 10.71
CA THR D 156 22.96 23.21 9.35
C THR D 156 21.59 23.40 8.71
N ARG D 157 20.63 22.53 9.05
CA ARG D 157 19.26 22.64 8.56
C ARG D 157 18.67 24.02 8.86
N LEU D 158 18.82 24.46 10.11
CA LEU D 158 18.30 25.74 10.56
C LEU D 158 19.20 26.92 10.19
N LYS D 159 20.51 26.69 10.13
CA LYS D 159 21.45 27.70 9.64
C LYS D 159 21.16 28.01 8.17
N ASP D 160 20.80 26.97 7.41
CA ASP D 160 20.38 27.13 6.01
C ASP D 160 19.00 27.77 5.89
N TYR D 161 18.13 27.52 6.87
CA TYR D 161 16.80 28.13 6.92
C TYR D 161 16.87 29.65 7.16
N LEU D 162 17.80 30.08 8.02
CA LEU D 162 18.00 31.51 8.27
C LEU D 162 18.68 32.23 7.10
N GLU D 163 19.47 31.49 6.33
CA GLU D 163 20.10 32.03 5.12
C GLU D 163 19.05 32.45 4.10
N GLU D 164 17.98 31.67 3.99
CA GLU D 164 16.93 31.90 2.99
C GLU D 164 16.05 33.13 3.23
N TYR D 165 16.24 33.81 4.36
CA TYR D 165 15.62 35.13 4.59
C TYR D 165 16.44 35.87 5.65
N LYS D 166 17.23 36.85 5.21
CA LYS D 166 18.17 37.53 6.08
C LYS D 166 17.67 38.88 6.61
N PHE D 167 16.43 39.26 6.29
CA PHE D 167 15.95 40.61 6.60
C PHE D 167 15.26 40.69 7.97
N GLN D 168 15.45 41.82 8.65
CA GLN D 168 14.89 42.05 9.97
C GLN D 168 13.36 42.14 9.94
N VAL D 169 12.83 42.68 8.85
CA VAL D 169 11.38 42.80 8.69
C VAL D 169 10.90 41.88 7.57
N ASP E 2 -13.36 40.33 24.73
CA ASP E 2 -12.52 39.09 24.76
C ASP E 2 -11.17 39.41 25.39
N VAL E 3 -10.56 38.40 26.02
CA VAL E 3 -9.30 38.59 26.75
C VAL E 3 -8.62 37.23 27.01
N PHE E 4 -7.30 37.20 26.95
CA PHE E 4 -6.55 35.95 26.86
C PHE E 4 -5.61 35.76 28.05
N LEU E 5 -5.65 34.57 28.64
CA LEU E 5 -5.12 34.35 29.98
C LEU E 5 -4.35 33.04 30.16
N MET E 6 -3.26 33.13 30.92
CA MET E 6 -2.60 31.97 31.49
C MET E 6 -3.15 31.76 32.90
N ILE E 7 -3.65 30.55 33.18
CA ILE E 7 -4.07 30.20 34.53
C ILE E 7 -3.02 29.25 35.12
N ARG E 8 -2.30 29.72 36.13
CA ARG E 8 -1.09 29.03 36.62
C ARG E 8 -1.19 28.58 38.08
N ARG E 9 -0.85 27.31 38.31
CA ARG E 9 -0.68 26.74 39.66
C ARG E 9 0.38 25.65 39.59
N HIS E 10 1.37 25.75 40.47
CA HIS E 10 2.46 24.77 40.54
C HIS E 10 3.09 24.60 39.14
N LYS E 11 3.05 23.39 38.58
CA LYS E 11 3.60 23.14 37.25
C LYS E 11 2.52 22.99 36.17
N THR E 12 1.29 23.40 36.49
CA THR E 12 0.20 23.42 35.53
C THR E 12 0.06 24.83 34.95
N THR E 13 -0.36 24.89 33.69
CA THR E 13 -0.63 26.16 33.03
C THR E 13 -1.72 25.95 31.95
N ILE E 14 -2.73 26.82 31.94
CA ILE E 14 -3.84 26.68 31.00
C ILE E 14 -4.00 27.95 30.17
N PHE E 15 -4.31 27.77 28.90
CA PHE E 15 -4.56 28.87 27.97
C PHE E 15 -6.02 28.88 27.51
N THR E 16 -6.70 30.00 27.70
CA THR E 16 -8.05 30.17 27.15
C THR E 16 -8.55 31.63 27.17
N ASP E 17 -9.65 31.85 26.45
CA ASP E 17 -10.33 33.15 26.40
C ASP E 17 -10.59 33.65 27.82
N GLU E 20 -14.10 39.55 29.11
CA GLU E 20 -13.87 40.80 29.84
C GLU E 20 -14.98 41.04 30.86
N SER E 21 -16.24 40.98 30.42
CA SER E 21 -17.38 41.18 31.30
C SER E 21 -17.77 39.91 32.06
N SER E 22 -17.15 38.78 31.70
CA SER E 22 -17.37 37.53 32.42
C SER E 22 -16.85 37.62 33.85
N THR E 23 -17.46 36.84 34.74
CA THR E 23 -17.14 36.91 36.17
C THR E 23 -15.99 35.99 36.52
N VAL E 24 -15.40 36.23 37.68
CA VAL E 24 -14.33 35.37 38.21
C VAL E 24 -14.87 33.97 38.52
N PHE E 25 -16.10 33.92 39.01
CA PHE E 25 -16.77 32.64 39.29
C PHE E 25 -17.02 31.84 38.02
N GLU E 26 -17.35 32.54 36.93
CA GLU E 26 -17.51 31.89 35.62
C GLU E 26 -16.17 31.34 35.12
N LEU E 27 -15.09 32.03 35.44
CA LEU E 27 -13.75 31.58 35.05
C LEU E 27 -13.34 30.34 35.85
N LYS E 28 -13.88 30.18 37.05
CA LYS E 28 -13.67 28.95 37.83
C LYS E 28 -14.41 27.75 37.24
N ARG E 29 -15.65 27.96 36.77
CA ARG E 29 -16.43 26.90 36.13
C ARG E 29 -15.72 26.31 34.91
N ILE E 30 -14.91 27.14 34.24
CA ILE E 30 -14.07 26.68 33.17
C ILE E 30 -12.90 25.88 33.74
N VAL E 31 -12.33 26.37 34.85
CA VAL E 31 -11.23 25.66 35.53
C VAL E 31 -11.69 24.27 35.98
N GLU E 32 -12.91 24.22 36.55
CA GLU E 32 -13.54 22.98 37.01
C GLU E 32 -13.61 21.92 35.90
N GLY E 33 -14.07 22.33 34.72
CA GLY E 33 -14.20 21.42 33.60
C GLY E 33 -12.90 20.75 33.21
N ILE E 34 -11.80 21.48 33.27
CA ILE E 34 -10.50 20.98 32.82
C ILE E 34 -9.81 20.15 33.90
N LEU E 35 -9.91 20.59 35.17
CA LEU E 35 -9.18 19.95 36.28
C LEU E 35 -10.07 19.24 37.32
N LYS E 36 -11.39 19.26 37.11
CA LYS E 36 -12.32 18.49 37.95
C LYS E 36 -12.32 18.88 39.44
N ARG E 37 -12.14 20.17 39.71
CA ARG E 37 -12.13 20.71 41.07
C ARG E 37 -13.18 21.81 41.18
N PRO E 38 -14.07 21.74 42.19
CA PRO E 38 -15.18 22.70 42.25
C PRO E 38 -14.74 24.14 42.59
N PRO E 39 -15.51 25.16 42.14
CA PRO E 39 -15.19 26.57 42.36
C PRO E 39 -15.04 26.98 43.83
N ASP E 40 -15.75 26.29 44.73
CA ASP E 40 -15.64 26.53 46.17
C ASP E 40 -14.26 26.11 46.72
N GLU E 41 -13.64 25.14 46.06
CA GLU E 41 -12.28 24.68 46.41
C GLU E 41 -11.20 25.36 45.55
N GLN E 42 -11.58 26.42 44.84
CA GLN E 42 -10.66 27.20 44.01
C GLN E 42 -10.46 28.61 44.57
N ARG E 43 -9.26 29.14 44.36
CA ARG E 43 -8.94 30.53 44.69
C ARG E 43 -8.12 31.16 43.56
N LEU E 44 -8.67 32.18 42.91
CA LEU E 44 -7.99 32.85 41.81
C LEU E 44 -7.35 34.17 42.27
N TYR E 45 -6.11 34.41 41.86
CA TYR E 45 -5.34 35.60 42.28
C TYR E 45 -4.84 36.39 41.07
N LYS E 46 -4.87 37.72 41.17
CA LYS E 46 -4.09 38.58 40.27
C LYS E 46 -2.83 38.98 41.03
N ASP E 47 -1.69 38.44 40.60
CA ASP E 47 -0.41 38.64 41.29
C ASP E 47 -0.51 38.20 42.76
N ASP E 48 -0.54 39.16 43.69
CA ASP E 48 -0.67 38.88 45.11
C ASP E 48 -2.13 38.90 45.58
N GLN E 49 -2.92 39.84 45.05
CA GLN E 49 -4.29 40.05 45.53
C GLN E 49 -5.27 39.00 45.02
N LEU E 50 -6.23 38.64 45.88
CA LEU E 50 -7.28 37.68 45.55
C LEU E 50 -8.37 38.32 44.72
N LEU E 51 -8.90 37.59 43.75
CA LEU E 51 -10.03 38.04 42.95
C LEU E 51 -11.33 37.53 43.56
N ASP E 52 -12.37 38.34 43.50
CA ASP E 52 -13.67 38.01 44.09
C ASP E 52 -14.66 37.52 43.02
N ASP E 53 -15.46 36.54 43.39
CA ASP E 53 -16.35 35.83 42.47
C ASP E 53 -17.31 36.72 41.69
N GLY E 54 -17.88 37.71 42.38
CA GLY E 54 -18.90 38.58 41.79
C GLY E 54 -18.38 39.58 40.78
N LYS E 55 -17.13 40.03 40.94
CA LYS E 55 -16.53 41.03 40.05
C LYS E 55 -16.23 40.49 38.65
N THR E 56 -16.33 41.36 37.65
CA THR E 56 -15.99 41.01 36.27
C THR E 56 -14.48 41.00 36.11
N LEU E 57 -13.98 40.22 35.15
CA LEU E 57 -12.57 40.22 34.81
C LEU E 57 -12.10 41.63 34.46
N GLY E 58 -12.95 42.38 33.77
CA GLY E 58 -12.70 43.79 33.50
C GLY E 58 -12.52 44.56 34.80
N GLU E 59 -13.47 44.38 35.72
CA GLU E 59 -13.44 45.03 37.04
C GLU E 59 -12.18 44.66 37.84
N CYS E 60 -11.68 43.45 37.64
CA CYS E 60 -10.44 42.99 38.27
C CYS E 60 -9.18 43.67 37.74
N GLY E 61 -9.23 44.11 36.48
CA GLY E 61 -8.07 44.72 35.81
C GLY E 61 -7.59 44.01 34.54
N PHE E 62 -8.34 43.01 34.08
CA PHE E 62 -7.98 42.25 32.89
C PHE E 62 -8.75 42.76 31.67
N THR E 63 -8.24 43.84 31.07
CA THR E 63 -8.82 44.41 29.85
C THR E 63 -8.25 43.74 28.61
N SER E 64 -8.85 44.06 27.46
CA SER E 64 -8.29 43.67 26.16
C SER E 64 -6.97 44.38 25.92
N GLN E 65 -6.92 45.67 26.25
CA GLN E 65 -5.71 46.47 26.04
C GLN E 65 -4.49 45.93 26.78
N THR E 66 -4.70 45.23 27.90
CA THR E 66 -3.58 44.80 28.75
C THR E 66 -3.46 43.28 28.92
N ALA E 67 -4.20 42.49 28.14
CA ALA E 67 -4.11 41.03 28.19
C ALA E 67 -4.46 40.39 26.86
N ARG E 68 -3.49 40.38 25.95
CA ARG E 68 -3.71 39.99 24.55
C ARG E 68 -3.30 38.54 24.28
N PRO E 69 -3.70 37.98 23.11
CA PRO E 69 -3.33 36.57 22.81
C PRO E 69 -1.83 36.31 22.89
N GLN E 70 -1.05 37.22 22.33
CA GLN E 70 0.40 37.11 22.27
C GLN E 70 1.06 37.20 23.66
N ALA E 71 0.57 38.12 24.49
CA ALA E 71 1.10 38.34 25.83
C ALA E 71 -0.03 38.27 26.85
N PRO E 72 -0.56 37.06 27.10
CA PRO E 72 -1.72 36.89 27.97
C PRO E 72 -1.37 37.07 29.45
N ALA E 73 -2.38 37.39 30.25
CA ALA E 73 -2.19 37.72 31.67
C ALA E 73 -2.26 36.49 32.57
N THR E 74 -1.36 36.43 33.55
CA THR E 74 -1.29 35.30 34.48
C THR E 74 -2.34 35.44 35.57
N VAL E 75 -3.11 34.37 35.77
CA VAL E 75 -4.02 34.23 36.89
C VAL E 75 -3.45 33.15 37.79
N GLY E 76 -3.11 33.50 39.03
CA GLY E 76 -2.63 32.53 40.01
C GLY E 76 -3.78 31.66 40.50
N LEU E 77 -3.51 30.38 40.74
CA LEU E 77 -4.53 29.41 41.20
C LEU E 77 -4.07 28.61 42.41
N ALA E 78 -5.00 28.41 43.35
CA ALA E 78 -4.76 27.66 44.57
C ALA E 78 -5.94 26.71 44.82
N PHE E 79 -5.64 25.44 45.16
CA PHE E 79 -6.67 24.42 45.45
C PHE E 79 -6.90 24.23 46.95
N ARG E 80 -7.94 23.47 47.28
CA ARG E 80 -8.22 23.03 48.64
C ARG E 80 -7.10 22.11 49.17
N ALA E 81 -6.98 22.00 50.49
CA ALA E 81 -6.00 21.11 51.13
C ALA E 81 -6.43 20.68 52.55
N ASP E 82 -7.07 19.51 52.64
CA ASP E 82 -7.63 18.99 53.90
C ASP E 82 -8.51 20.04 54.60
N ASP E 83 -8.15 20.49 55.80
CA ASP E 83 -9.00 21.42 56.55
C ASP E 83 -8.65 22.90 56.31
N THR E 84 -7.96 23.19 55.21
CA THR E 84 -7.57 24.56 54.85
C THR E 84 -7.25 24.68 53.36
N PHE E 85 -6.74 25.84 52.96
CA PHE E 85 -6.27 26.07 51.57
C PHE E 85 -4.75 26.01 51.52
N GLU E 86 -4.24 25.77 50.31
CA GLU E 86 -2.80 25.74 50.09
C GLU E 86 -2.31 27.13 49.73
N ALA E 87 -1.03 27.37 49.98
CA ALA E 87 -0.40 28.63 49.62
C ALA E 87 -0.29 28.74 48.11
N LEU E 88 -0.42 29.96 47.59
CA LEU E 88 -0.22 30.24 46.17
C LEU E 88 1.19 29.85 45.79
N CAS E 89 1.34 28.99 44.79
CA CAS E 89 2.66 28.61 44.31
CB CAS E 89 3.14 27.34 45.00
C CAS E 89 2.62 28.43 42.82
O CAS E 89 1.88 27.59 42.30
SG CAS E 89 4.89 27.38 45.07
AS CAS E 89 5.34 25.59 43.82
CE1 CAS E 89 7.28 25.59 43.36
CE2 CAS E 89 4.92 23.93 44.85
N ILE E 90 3.42 29.24 42.12
CA ILE E 90 3.56 29.15 40.67
C ILE E 90 5.02 28.83 40.35
N GLU E 91 5.29 27.57 40.06
CA GLU E 91 6.64 27.13 39.70
C GLU E 91 7.08 27.95 38.50
N PRO E 92 8.21 28.67 38.61
CA PRO E 92 8.70 29.46 37.47
C PRO E 92 9.12 28.57 36.31
N PHE E 93 8.90 29.06 35.09
CA PHE E 93 9.32 28.34 33.88
C PHE E 93 10.82 28.38 33.79
N SER E 94 11.39 27.40 33.09
CA SER E 94 12.85 27.29 32.95
C SER E 94 13.45 28.60 32.47
N SER E 95 14.74 28.77 32.71
CA SER E 95 15.44 30.00 32.33
C SER E 95 16.16 29.79 31.00
N PRO E 96 16.29 30.87 30.21
CA PRO E 96 16.94 30.78 28.92
C PRO E 96 18.46 30.92 29.05
N PRO E 97 19.22 30.28 28.15
CA PRO E 97 20.68 30.44 28.16
C PRO E 97 21.16 31.81 27.66
N GLU E 98 22.41 32.14 27.99
CA GLU E 98 23.04 33.38 27.52
C GLU E 98 23.66 33.16 26.15
N MET F 2 -11.84 18.74 23.37
CA MET F 2 -11.75 20.23 23.32
C MET F 2 -10.41 20.79 23.83
N TYR F 3 -9.58 19.94 24.43
CA TYR F 3 -8.27 20.35 24.94
C TYR F 3 -7.22 19.28 24.69
N VAL F 4 -5.95 19.63 24.90
CA VAL F 4 -4.84 18.66 24.89
C VAL F 4 -3.73 19.10 25.84
N LYS F 5 -3.05 18.13 26.43
CA LYS F 5 -2.00 18.37 27.43
C LYS F 5 -0.62 18.27 26.80
N LEU F 6 0.14 19.37 26.84
CA LEU F 6 1.51 19.38 26.37
C LEU F 6 2.43 19.44 27.58
N ILE F 7 3.36 18.50 27.67
CA ILE F 7 4.28 18.42 28.79
C ILE F 7 5.70 18.70 28.31
N SER F 8 6.39 19.61 28.99
CA SER F 8 7.75 20.00 28.63
C SER F 8 8.76 18.95 29.08
N SER F 9 10.03 19.19 28.79
CA SER F 9 11.11 18.34 29.30
C SER F 9 11.28 18.52 30.80
N ASP F 10 10.96 19.72 31.29
CA ASP F 10 11.11 20.06 32.71
C ASP F 10 9.87 19.71 33.55
N GLY F 11 8.87 19.07 32.94
CA GLY F 11 7.67 18.64 33.66
C GLY F 11 6.52 19.63 33.70
N HIS F 12 6.68 20.80 33.07
CA HIS F 12 5.60 21.79 33.01
C HIS F 12 4.53 21.36 32.02
N GLU F 13 3.32 21.13 32.54
CA GLU F 13 2.18 20.72 31.71
C GLU F 13 1.36 21.94 31.29
N PHE F 14 1.09 22.02 29.99
CA PHE F 14 0.36 23.14 29.37
C PHE F 14 -0.91 22.64 28.69
N ILE F 15 -2.04 23.28 29.00
CA ILE F 15 -3.33 22.87 28.47
C ILE F 15 -3.87 23.95 27.54
N VAL F 16 -3.93 23.64 26.25
CA VAL F 16 -4.48 24.55 25.24
C VAL F 16 -5.65 23.88 24.52
N LYS F 17 -6.42 24.66 23.77
CA LYS F 17 -7.58 24.12 23.05
C LYS F 17 -7.14 23.14 21.96
N ARG F 18 -8.08 22.28 21.55
CA ARG F 18 -7.79 21.24 20.56
C ARG F 18 -7.40 21.89 19.24
N GLU F 19 -8.26 22.79 18.76
CA GLU F 19 -7.99 23.57 17.55
C GLU F 19 -6.66 24.31 17.57
N HIS F 20 -6.39 24.99 18.69
CA HIS F 20 -5.18 25.80 18.84
C HIS F 20 -3.92 24.94 18.68
N ALA F 21 -3.97 23.73 19.25
CA ALA F 21 -2.85 22.78 19.20
C ALA F 21 -2.60 22.20 17.81
N LEU F 22 -3.66 22.05 17.02
CA LEU F 22 -3.55 21.53 15.64
C LEU F 22 -2.82 22.49 14.69
N THR F 23 -2.61 23.73 15.11
CA THR F 23 -1.75 24.68 14.41
C THR F 23 -0.37 24.08 14.18
N SER F 24 0.13 23.35 15.17
CA SER F 24 1.31 22.51 14.99
C SER F 24 0.94 21.28 14.16
N GLY F 25 1.46 21.21 12.94
CA GLY F 25 1.22 20.08 12.06
C GLY F 25 1.69 18.78 12.69
N THR F 26 2.83 18.84 13.37
CA THR F 26 3.34 17.70 14.12
C THR F 26 2.29 17.14 15.10
N ILE F 27 1.63 18.04 15.82
CA ILE F 27 0.59 17.64 16.77
C ILE F 27 -0.66 17.12 16.06
N LYS F 28 -1.01 17.74 14.92
CA LYS F 28 -2.18 17.33 14.13
C LYS F 28 -2.12 15.84 13.76
N ALA F 29 -0.92 15.35 13.44
CA ALA F 29 -0.71 13.95 13.07
C ALA F 29 -1.03 12.98 14.22
N MET F 30 -0.72 13.41 15.44
CA MET F 30 -0.94 12.60 16.64
C MET F 30 -2.05 13.20 17.49
N ASN F 43 -5.21 12.48 23.33
CA ASN F 43 -5.46 13.81 23.86
C ASN F 43 -4.36 14.32 24.81
N GLU F 44 -3.20 13.67 24.78
CA GLU F 44 -2.05 14.05 25.62
C GLU F 44 -0.74 13.80 24.88
N VAL F 45 0.22 14.73 25.03
CA VAL F 45 1.53 14.61 24.38
C VAL F 45 2.64 15.08 25.34
N ASN F 46 3.82 14.49 25.18
CA ASN F 46 4.99 14.78 26.03
C ASN F 46 6.20 15.11 25.16
N PHE F 47 6.89 16.21 25.48
CA PHE F 47 7.97 16.74 24.63
C PHE F 47 9.31 16.81 25.35
N ARG F 48 10.06 15.71 25.29
CA ARG F 48 11.33 15.58 26.00
C ARG F 48 12.44 16.50 25.48
N GLU F 49 12.32 16.94 24.23
CA GLU F 49 13.33 17.82 23.63
C GLU F 49 13.08 19.30 23.89
N ILE F 50 11.86 19.65 24.31
CA ILE F 50 11.46 21.06 24.46
C ILE F 50 11.23 21.42 25.94
N PRO F 51 11.91 22.47 26.45
CA PRO F 51 11.70 22.92 27.82
C PRO F 51 10.38 23.69 28.00
N SER F 52 10.23 24.43 29.11
CA SER F 52 9.00 25.16 29.41
C SER F 52 9.04 26.61 28.97
N HIS F 53 10.21 27.25 29.08
CA HIS F 53 10.38 28.65 28.71
C HIS F 53 10.19 28.89 27.22
N VAL F 54 10.40 27.83 26.43
CA VAL F 54 10.15 27.85 24.99
C VAL F 54 8.71 27.48 24.71
N LEU F 55 8.30 26.31 25.21
CA LEU F 55 6.96 25.75 24.98
C LEU F 55 5.84 26.68 25.45
N SER F 56 6.11 27.48 26.48
CA SER F 56 5.14 28.47 26.94
C SER F 56 4.86 29.51 25.85
N LYS F 57 5.91 29.86 25.12
CA LYS F 57 5.79 30.85 24.04
C LYS F 57 5.12 30.24 22.80
N VAL F 58 5.37 28.95 22.57
CA VAL F 58 4.74 28.21 21.46
C VAL F 58 3.22 28.15 21.64
N CYS F 59 2.79 27.97 22.89
CA CYS F 59 1.38 27.97 23.20
C CYS F 59 0.77 29.33 22.92
N MET F 60 1.50 30.39 23.23
CA MET F 60 1.04 31.75 22.94
C MET F 60 0.89 32.00 21.44
N TYR F 61 1.87 31.56 20.65
CA TYR F 61 1.78 31.72 19.19
C TYR F 61 0.52 31.09 18.62
N PHE F 62 0.16 29.90 19.07
CA PHE F 62 -1.07 29.25 18.61
C PHE F 62 -2.24 30.21 18.80
N THR F 63 -2.36 30.76 20.01
CA THR F 63 -3.39 31.76 20.31
C THR F 63 -3.36 32.90 19.29
N TYR F 64 -2.15 33.39 19.03
CA TYR F 64 -1.92 34.47 18.07
C TYR F 64 -2.34 34.11 16.64
N LYS F 65 -1.89 32.94 16.14
CA LYS F 65 -2.20 32.52 14.77
C LYS F 65 -3.68 32.21 14.56
N VAL F 66 -4.31 31.56 15.55
CA VAL F 66 -5.74 31.25 15.49
C VAL F 66 -6.59 32.52 15.61
N ARG F 67 -6.27 33.37 16.58
CA ARG F 67 -7.07 34.57 16.85
C ARG F 67 -7.17 35.46 15.61
N TYR F 68 -6.08 35.52 14.85
CA TYR F 68 -6.03 36.31 13.63
C TYR F 68 -5.83 35.40 12.43
N GLU F 74 -6.61 44.15 11.32
CA GLU F 74 -5.15 44.29 11.33
C GLU F 74 -4.51 43.45 12.44
N ILE F 75 -3.51 42.67 12.06
CA ILE F 75 -2.78 41.81 13.00
C ILE F 75 -1.74 42.64 13.77
N PRO F 76 -1.67 42.50 15.10
CA PRO F 76 -0.65 43.18 15.90
C PRO F 76 0.61 42.33 16.04
N GLU F 77 1.63 42.88 16.70
CA GLU F 77 2.93 42.21 16.83
C GLU F 77 2.93 41.05 17.85
N PHE F 78 3.70 40.01 17.52
CA PHE F 78 3.99 38.89 18.44
C PHE F 78 5.47 39.02 18.82
N PRO F 79 5.76 39.61 19.99
CA PRO F 79 7.15 39.86 20.36
C PRO F 79 7.87 38.63 20.93
N ILE F 80 9.15 38.49 20.58
CA ILE F 80 9.99 37.39 21.07
C ILE F 80 11.23 37.97 21.75
N ALA F 81 11.68 37.33 22.82
CA ALA F 81 12.91 37.73 23.50
C ALA F 81 14.09 37.10 22.77
N PRO F 82 15.14 37.89 22.48
CA PRO F 82 16.34 37.38 21.79
C PRO F 82 16.90 36.06 22.35
N GLU F 83 16.74 35.83 23.65
CA GLU F 83 17.37 34.69 24.32
C GLU F 83 16.70 33.35 23.97
N ILE F 84 15.37 33.37 23.79
CA ILE F 84 14.62 32.15 23.46
C ILE F 84 14.53 31.90 21.95
N ALA F 85 14.79 32.94 21.15
CA ALA F 85 14.67 32.87 19.70
C ALA F 85 15.29 31.60 19.11
N LEU F 86 16.50 31.28 19.55
CA LEU F 86 17.25 30.12 19.04
C LEU F 86 16.56 28.80 19.35
N GLU F 87 16.05 28.67 20.57
CA GLU F 87 15.36 27.46 21.00
C GLU F 87 13.99 27.40 20.36
N LEU F 88 13.30 28.53 20.35
CA LEU F 88 11.93 28.64 19.81
C LEU F 88 11.87 28.26 18.34
N LEU F 89 12.91 28.63 17.58
CA LEU F 89 13.05 28.20 16.19
C LEU F 89 13.13 26.67 16.11
N MET F 90 14.07 26.09 16.84
CA MET F 90 14.24 24.64 16.88
C MET F 90 12.92 23.94 17.20
N ALA F 91 12.16 24.52 18.13
CA ALA F 91 10.85 23.98 18.54
C ALA F 91 9.82 24.14 17.43
N ALA F 92 9.70 25.36 16.91
CA ALA F 92 8.76 25.65 15.83
C ALA F 92 9.00 24.74 14.64
N ASN F 93 10.27 24.48 14.36
CA ASN F 93 10.68 23.60 13.27
C ASN F 93 10.28 22.15 13.51
N PHE F 94 10.43 21.69 14.75
CA PHE F 94 10.00 20.34 15.13
C PHE F 94 8.49 20.21 15.15
N LEU F 95 7.80 21.29 15.52
CA LEU F 95 6.34 21.32 15.60
C LEU F 95 5.65 21.61 14.25
N ASP F 96 6.36 22.23 13.33
CA ASP F 96 5.82 22.63 12.03
C ASP F 96 4.67 23.62 12.20
N CYS F 97 5.03 24.86 12.53
CA CYS F 97 4.03 25.92 12.70
C CYS F 97 4.65 27.30 12.55
N MET G 2 32.31 -31.55 39.66
CA MET G 2 32.78 -30.25 40.22
C MET G 2 31.65 -29.27 40.58
N GLN G 3 30.72 -29.76 41.40
CA GLN G 3 29.62 -28.98 42.00
C GLN G 3 30.14 -27.80 42.86
N ALA G 4 31.17 -28.04 43.67
CA ALA G 4 31.56 -27.11 44.75
C ALA G 4 32.18 -25.82 44.23
N ALA G 5 33.17 -25.98 43.37
CA ALA G 5 33.89 -24.83 42.83
C ALA G 5 32.92 -23.82 42.22
N ARG G 6 31.91 -24.32 41.53
CA ARG G 6 30.95 -23.46 40.88
C ARG G 6 30.09 -22.73 41.92
N LEU G 7 29.56 -23.49 42.88
CA LEU G 7 28.77 -22.91 43.97
C LEU G 7 29.55 -21.82 44.71
N ALA G 8 30.83 -22.07 44.94
CA ALA G 8 31.66 -21.13 45.70
C ALA G 8 31.84 -19.86 44.88
N LYS G 9 32.24 -20.00 43.63
CA LYS G 9 32.35 -18.85 42.74
C LYS G 9 31.02 -18.11 42.72
N ALA G 10 29.93 -18.86 42.63
CA ALA G 10 28.61 -18.25 42.57
C ALA G 10 28.39 -17.37 43.80
N LEU G 11 28.75 -17.89 44.97
CA LEU G 11 28.55 -17.17 46.23
C LEU G 11 29.56 -16.03 46.35
N ARG G 12 30.76 -16.26 45.85
CA ARG G 12 31.80 -15.23 45.80
C ARG G 12 31.25 -13.99 45.09
N GLU G 13 30.63 -14.22 43.95
CA GLU G 13 30.08 -13.12 43.16
C GLU G 13 28.88 -12.52 43.85
N LEU G 14 28.08 -13.39 44.44
CA LEU G 14 26.86 -12.98 45.11
C LEU G 14 27.20 -12.01 46.25
N GLY G 15 28.31 -12.26 46.92
CA GLY G 15 28.79 -11.38 48.00
C GLY G 15 29.57 -10.15 47.55
N GLN G 16 29.52 -9.83 46.26
CA GLN G 16 30.03 -8.57 45.75
C GLN G 16 28.91 -7.69 45.23
N THR G 17 27.72 -8.26 45.13
CA THR G 17 26.60 -7.57 44.53
C THR G 17 26.19 -6.40 45.40
N GLY G 18 26.16 -6.65 46.70
CA GLY G 18 25.70 -5.67 47.65
C GLY G 18 24.21 -5.76 47.81
N TRP G 19 23.58 -6.75 47.15
CA TRP G 19 22.16 -7.08 47.34
C TRP G 19 21.91 -8.53 47.77
N TYR G 20 22.95 -9.24 48.22
CA TYR G 20 22.72 -10.55 48.80
C TYR G 20 22.47 -10.41 50.30
N TRP G 21 21.27 -10.73 50.76
CA TRP G 21 20.90 -10.47 52.15
C TRP G 21 21.04 -11.68 53.10
N GLY G 22 21.72 -12.74 52.67
CA GLY G 22 21.96 -13.90 53.51
C GLY G 22 20.71 -14.46 54.17
N SER G 23 20.77 -14.71 55.48
CA SER G 23 19.62 -15.27 56.18
C SER G 23 18.64 -14.20 56.59
N MET G 24 17.82 -13.79 55.63
CA MET G 24 16.79 -12.79 55.83
C MET G 24 15.47 -13.53 55.78
N THR G 25 14.50 -13.11 56.58
CA THR G 25 13.21 -13.80 56.59
C THR G 25 12.26 -13.25 55.52
N VAL G 26 11.11 -13.91 55.39
CA VAL G 26 10.05 -13.49 54.47
C VAL G 26 9.47 -12.13 54.86
N ASN G 27 9.10 -12.01 56.14
CA ASN G 27 8.52 -10.77 56.67
C ASN G 27 9.49 -9.62 56.62
N GLU G 28 10.77 -9.95 56.76
CA GLU G 28 11.82 -8.97 56.65
C GLU G 28 11.87 -8.46 55.19
N ALA G 29 11.99 -9.39 54.24
CA ALA G 29 12.03 -9.04 52.83
C ALA G 29 10.82 -8.21 52.43
N LYS G 30 9.64 -8.56 52.95
CA LYS G 30 8.40 -7.91 52.55
C LYS G 30 8.31 -6.51 53.16
N GLU G 31 8.67 -6.38 54.43
CA GLU G 31 8.77 -5.03 55.02
C GLU G 31 9.75 -4.20 54.20
N LYS G 32 10.87 -4.79 53.83
CA LYS G 32 11.96 -4.06 53.16
C LYS G 32 11.66 -3.68 51.70
N LEU G 33 10.78 -4.42 51.03
CA LEU G 33 10.45 -4.10 49.62
C LEU G 33 9.09 -3.40 49.44
N LYS G 34 8.31 -3.38 50.52
CA LYS G 34 6.93 -2.90 50.54
C LYS G 34 6.67 -1.59 49.79
N GLU G 35 7.36 -0.52 50.17
CA GLU G 35 7.15 0.79 49.52
C GLU G 35 8.17 1.07 48.43
N ALA G 36 8.71 0.03 47.79
CA ALA G 36 9.80 0.21 46.83
C ALA G 36 9.25 0.17 45.42
N PRO G 37 10.04 0.63 44.44
CA PRO G 37 9.52 0.65 43.06
C PRO G 37 9.29 -0.75 42.48
N GLU G 38 8.32 -0.84 41.57
CA GLU G 38 8.08 -2.11 40.86
C GLU G 38 9.39 -2.61 40.28
N GLY G 39 9.66 -3.89 40.45
CA GLY G 39 10.87 -4.48 39.93
C GLY G 39 12.06 -4.48 40.88
N THR G 40 11.95 -3.78 42.01
CA THR G 40 13.05 -3.75 42.98
C THR G 40 13.24 -5.14 43.56
N PHE G 41 14.47 -5.64 43.54
CA PHE G 41 14.72 -7.02 43.92
C PHE G 41 15.92 -7.15 44.84
N LEU G 42 16.01 -8.30 45.48
CA LEU G 42 17.17 -8.65 46.28
C LEU G 42 17.25 -10.16 46.37
N ILE G 43 18.42 -10.69 46.70
CA ILE G 43 18.58 -12.13 46.81
C ILE G 43 18.87 -12.49 48.24
N ARG G 44 18.32 -13.62 48.67
CA ARG G 44 18.53 -14.11 50.03
C ARG G 44 18.39 -15.62 50.04
N ASP G 45 18.73 -16.22 51.17
CA ASP G 45 18.70 -17.65 51.32
C ASP G 45 17.27 -18.14 51.38
N SER G 46 17.05 -19.34 50.87
CA SER G 46 15.77 -20.03 51.03
C SER G 46 15.96 -21.08 52.11
N SER G 47 15.14 -21.02 53.14
CA SER G 47 15.18 -22.07 54.18
C SER G 47 14.41 -23.32 53.72
N HIS G 48 13.96 -23.32 52.46
CA HIS G 48 13.38 -24.53 51.85
C HIS G 48 14.49 -25.55 51.51
N SER G 49 14.16 -26.83 51.70
CA SER G 49 15.13 -27.92 51.59
C SER G 49 15.69 -28.10 50.19
N ASP G 50 14.81 -27.96 49.19
CA ASP G 50 15.16 -28.11 47.79
C ASP G 50 15.65 -26.86 47.07
N TYR G 51 15.86 -25.76 47.80
CA TYR G 51 16.23 -24.50 47.18
C TYR G 51 17.35 -23.78 47.96
N LEU G 52 18.28 -23.19 47.23
CA LEU G 52 19.39 -22.51 47.88
C LEU G 52 19.06 -21.04 48.15
N LEU G 53 18.49 -20.37 47.17
CA LEU G 53 18.29 -18.93 47.25
C LEU G 53 16.90 -18.54 46.80
N THR G 54 16.56 -17.27 46.97
CA THR G 54 15.31 -16.73 46.50
C THR G 54 15.50 -15.31 46.12
N ILE G 55 14.78 -14.93 45.09
CA ILE G 55 14.67 -13.56 44.68
C ILE G 55 13.41 -13.03 45.33
N SER G 56 13.53 -12.11 46.29
CA SER G 56 12.37 -11.38 46.78
C SER G 56 12.25 -10.21 45.82
N VAL G 57 11.04 -9.89 45.38
CA VAL G 57 10.87 -8.83 44.40
C VAL G 57 9.56 -8.09 44.57
N LYS G 58 9.56 -6.81 44.28
CA LYS G 58 8.36 -6.00 44.36
C LYS G 58 7.55 -6.14 43.09
N THR G 59 6.29 -6.55 43.22
CA THR G 59 5.34 -6.51 42.13
C THR G 59 4.23 -5.53 42.48
N SER G 60 3.42 -5.17 41.50
CA SER G 60 2.26 -4.30 41.72
C SER G 60 1.26 -4.90 42.70
N ALA G 61 1.23 -6.23 42.75
CA ALA G 61 0.37 -6.92 43.71
C ALA G 61 1.00 -6.88 45.09
N GLY G 62 2.32 -6.72 45.15
CA GLY G 62 3.05 -6.59 46.42
C GLY G 62 4.44 -7.19 46.33
N PRO G 63 5.14 -7.32 47.49
CA PRO G 63 6.40 -8.03 47.51
C PRO G 63 6.10 -9.51 47.48
N THR G 64 6.86 -10.23 46.67
CA THR G 64 6.67 -11.67 46.47
C THR G 64 8.04 -12.32 46.26
N ASN G 65 8.05 -13.64 46.07
CA ASN G 65 9.30 -14.38 46.11
C ASN G 65 9.32 -15.41 45.02
N LEU G 66 10.51 -15.71 44.50
CA LEU G 66 10.68 -16.65 43.41
C LEU G 66 12.00 -17.35 43.58
N ARG G 67 11.94 -18.67 43.78
CA ARG G 67 13.10 -19.43 44.25
C ARG G 67 14.09 -19.80 43.16
N ILE G 68 15.30 -20.16 43.60
CA ILE G 68 16.37 -20.58 42.72
C ILE G 68 16.88 -21.98 43.06
N GLU G 69 16.71 -22.90 42.12
CA GLU G 69 17.25 -24.25 42.21
C GLU G 69 18.75 -24.23 41.94
N TYR G 70 19.47 -25.19 42.53
CA TYR G 70 20.85 -25.45 42.19
C TYR G 70 21.02 -26.98 42.07
N GLN G 71 20.83 -27.48 40.85
CA GLN G 71 20.82 -28.92 40.55
C GLN G 71 21.86 -29.24 39.50
N ASP G 72 22.78 -30.14 39.85
CA ASP G 72 23.86 -30.59 38.96
C ASP G 72 24.61 -29.38 38.39
N GLY G 73 25.23 -28.61 39.29
CA GLY G 73 26.07 -27.47 38.91
C GLY G 73 25.43 -26.34 38.10
N LYS G 74 24.09 -26.25 38.08
CA LYS G 74 23.41 -25.22 37.30
C LYS G 74 22.24 -24.59 38.06
N PHE G 75 22.14 -23.26 37.98
CA PHE G 75 21.06 -22.52 38.64
C PHE G 75 19.90 -22.28 37.69
N ARG G 76 18.69 -22.29 38.21
CA ARG G 76 17.54 -21.83 37.44
C ARG G 76 16.41 -21.43 38.36
N LEU G 77 15.41 -20.77 37.79
CA LEU G 77 14.24 -20.37 38.53
C LEU G 77 13.38 -21.57 38.91
N ASP G 78 12.44 -21.33 39.81
CA ASP G 78 11.58 -22.37 40.33
C ASP G 78 10.71 -22.93 39.22
N SER G 79 11.10 -24.09 38.70
CA SER G 79 10.34 -24.83 37.66
C SER G 79 8.90 -25.19 38.03
N ILE G 80 8.56 -25.20 39.32
CA ILE G 80 7.19 -25.37 39.78
C ILE G 80 6.29 -24.17 39.43
N ILE G 81 6.80 -22.96 39.64
CA ILE G 81 6.06 -21.73 39.35
C ILE G 81 6.24 -21.28 37.91
N CAS G 82 7.39 -21.63 37.36
CA CAS G 82 7.86 -21.06 36.12
CB CAS G 82 9.13 -20.34 36.58
C CAS G 82 8.07 -22.21 35.17
O CAS G 82 8.66 -23.21 35.55
SG CAS G 82 9.58 -19.08 35.46
AS CAS G 82 8.34 -17.32 35.95
CE1 CAS G 82 9.06 -15.86 34.81
CE2 CAS G 82 6.40 -17.58 35.58
N VAL G 83 7.58 -22.10 33.94
CA VAL G 83 7.48 -23.29 33.07
C VAL G 83 8.84 -23.88 32.68
N LYS G 84 9.10 -25.07 33.22
CA LYS G 84 10.39 -25.76 33.12
C LYS G 84 11.04 -25.69 31.74
N SER G 85 10.25 -25.90 30.69
CA SER G 85 10.72 -25.84 29.30
C SER G 85 11.33 -24.46 28.99
N LYS G 86 10.56 -23.40 29.26
CA LYS G 86 11.01 -22.05 28.99
C LYS G 86 11.86 -21.54 30.15
N LEU G 87 12.97 -22.23 30.42
CA LEU G 87 13.85 -21.92 31.56
C LEU G 87 15.32 -22.09 31.21
N LYS G 88 16.09 -21.00 31.31
CA LYS G 88 17.53 -21.07 31.10
C LYS G 88 18.22 -21.62 32.35
N GLN G 89 19.44 -22.10 32.15
CA GLN G 89 20.28 -22.52 33.25
C GLN G 89 21.64 -21.80 33.18
N PHE G 90 22.17 -21.49 34.36
CA PHE G 90 23.35 -20.67 34.48
C PHE G 90 24.34 -21.29 35.46
N ASP G 91 25.62 -21.05 35.21
CA ASP G 91 26.66 -21.45 36.17
C ASP G 91 26.77 -20.49 37.35
N SER G 92 26.14 -19.32 37.23
CA SER G 92 26.23 -18.27 38.24
C SER G 92 24.86 -17.66 38.54
N VAL G 93 24.62 -17.42 39.82
CA VAL G 93 23.35 -16.87 40.25
C VAL G 93 23.25 -15.39 39.91
N VAL G 94 24.36 -14.65 40.02
CA VAL G 94 24.36 -13.23 39.63
C VAL G 94 24.13 -13.07 38.12
N HIS G 95 24.76 -13.94 37.33
CA HIS G 95 24.53 -14.03 35.89
C HIS G 95 23.07 -14.28 35.54
N LEU G 96 22.47 -15.24 36.24
CA LEU G 96 21.05 -15.51 36.11
C LEU G 96 20.27 -14.20 36.22
N ILE G 97 20.44 -13.52 37.34
CA ILE G 97 19.75 -12.27 37.63
C ILE G 97 20.05 -11.22 36.56
N ASP G 98 21.32 -11.09 36.21
CA ASP G 98 21.73 -10.09 35.24
C ASP G 98 20.99 -10.33 33.91
N TYR G 99 21.02 -11.58 33.46
CA TYR G 99 20.28 -11.99 32.28
C TYR G 99 18.83 -11.50 32.27
N TYR G 100 18.12 -11.63 33.39
CA TYR G 100 16.70 -11.26 33.44
C TYR G 100 16.43 -9.77 33.57
N VAL G 101 17.38 -9.03 34.14
CA VAL G 101 17.25 -7.57 34.21
C VAL G 101 17.29 -7.01 32.80
N GLN G 102 18.28 -7.46 32.04
CA GLN G 102 18.49 -7.03 30.66
C GLN G 102 17.35 -7.48 29.75
N MET G 103 16.81 -8.66 30.01
CA MET G 103 15.80 -9.27 29.12
C MET G 103 14.45 -8.58 29.14
N CYS G 104 14.19 -7.73 30.13
CA CYS G 104 12.97 -6.89 30.13
C CYS G 104 13.31 -5.39 30.04
N LYS G 105 14.49 -5.05 29.54
CA LYS G 105 14.93 -3.66 29.47
C LYS G 105 14.41 -3.02 28.19
N HIS G 120 7.77 -12.67 31.13
CA HIS G 120 9.07 -12.03 31.10
C HIS G 120 9.34 -11.29 32.42
N LEU G 121 9.93 -12.03 33.37
CA LEU G 121 10.18 -11.56 34.74
C LEU G 121 10.70 -10.12 34.86
N TYR G 122 9.99 -9.31 35.66
CA TYR G 122 10.27 -7.89 35.78
C TYR G 122 11.16 -7.63 36.99
N LEU G 123 12.45 -7.53 36.71
CA LEU G 123 13.46 -7.11 37.69
C LEU G 123 14.06 -5.86 37.12
N THR G 124 14.37 -4.89 37.97
CA THR G 124 14.89 -3.59 37.52
C THR G 124 16.14 -3.19 38.29
N LYS G 125 15.95 -2.70 39.51
CA LYS G 125 17.05 -2.18 40.29
C LYS G 125 17.13 -2.95 41.63
N PRO G 126 18.35 -3.36 42.05
CA PRO G 126 18.53 -4.15 43.26
C PRO G 126 18.42 -3.32 44.53
N LEU G 127 18.09 -3.96 45.64
CA LEU G 127 17.99 -3.30 46.93
C LEU G 127 19.23 -3.60 47.77
N TYR G 128 20.18 -2.68 47.76
CA TYR G 128 21.46 -2.87 48.45
C TYR G 128 21.35 -2.97 49.99
N THR G 129 22.13 -3.87 50.59
CA THR G 129 22.24 -3.90 52.05
C THR G 129 23.16 -2.78 52.53
N SER G 130 24.04 -2.30 51.66
CA SER G 130 24.90 -1.16 51.93
C SER G 130 25.49 -0.59 50.65
N ALA G 131 25.86 0.67 50.70
CA ALA G 131 26.52 1.31 49.58
C ALA G 131 27.77 0.52 49.19
N PRO G 132 27.82 -0.01 47.95
CA PRO G 132 29.01 -0.72 47.53
C PRO G 132 30.21 0.20 47.46
N SER G 133 31.40 -0.33 47.19
CA SER G 133 32.57 0.50 46.97
C SER G 133 32.44 1.29 45.68
N LEU G 134 33.19 2.38 45.58
CA LEU G 134 33.21 3.21 44.36
C LEU G 134 33.85 2.45 43.21
N GLN G 135 34.88 1.67 43.55
CA GLN G 135 35.49 0.72 42.61
C GLN G 135 34.46 -0.20 41.96
N HIS G 136 33.58 -0.77 42.77
CA HIS G 136 32.54 -1.64 42.27
C HIS G 136 31.49 -0.93 41.44
N LEU G 137 31.07 0.26 41.90
CA LEU G 137 30.11 1.10 41.18
C LEU G 137 30.66 1.50 39.82
N CYS G 138 31.95 1.82 39.78
CA CYS G 138 32.64 2.08 38.52
C CYS G 138 32.60 0.85 37.62
N ARG G 139 32.90 -0.30 38.21
CA ARG G 139 32.88 -1.58 37.50
C ARG G 139 31.53 -1.84 36.80
N LEU G 140 30.44 -1.54 37.49
CA LEU G 140 29.10 -1.69 36.91
C LEU G 140 28.90 -0.75 35.73
N THR G 141 29.37 0.50 35.85
CA THR G 141 29.17 1.48 34.79
C THR G 141 29.93 1.11 33.53
N ILE G 142 31.12 0.54 33.72
CA ILE G 142 31.95 0.08 32.60
C ILE G 142 31.32 -1.15 31.94
N ASN G 143 30.96 -2.14 32.74
CA ASN G 143 30.32 -3.33 32.19
C ASN G 143 29.09 -3.00 31.34
N LYS G 144 28.38 -1.92 31.69
CA LYS G 144 27.20 -1.48 30.93
C LYS G 144 27.54 -0.89 29.57
N CYS G 145 28.80 -0.53 29.36
CA CYS G 145 29.25 0.08 28.11
C CYS G 145 30.00 -0.91 27.22
N THR G 146 30.76 -1.82 27.82
CA THR G 146 31.60 -2.72 27.05
C THR G 146 31.82 -4.06 27.76
N GLY G 147 31.92 -5.11 26.96
CA GLY G 147 32.43 -6.39 27.41
C GLY G 147 33.93 -6.49 27.16
N ALA G 148 34.42 -5.75 26.17
CA ALA G 148 35.84 -5.80 25.79
C ALA G 148 36.74 -5.12 26.82
N ILE G 149 37.02 -5.84 27.89
CA ILE G 149 37.84 -5.32 28.98
C ILE G 149 39.27 -5.11 28.51
N TRP G 150 39.77 -6.06 27.72
CA TRP G 150 41.14 -5.99 27.18
C TRP G 150 41.44 -4.68 26.44
N GLY G 151 40.45 -4.14 25.74
CA GLY G 151 40.62 -2.93 24.93
C GLY G 151 40.27 -1.63 25.64
N LEU G 152 40.66 -1.53 26.91
CA LEU G 152 40.44 -0.34 27.72
C LEU G 152 41.77 0.26 28.11
N PRO G 153 41.83 1.61 28.20
CA PRO G 153 43.05 2.24 28.68
C PRO G 153 43.18 2.09 30.20
N LEU G 154 43.57 0.89 30.64
CA LEU G 154 43.66 0.56 32.07
C LEU G 154 44.80 -0.42 32.35
N PRO G 155 45.50 -0.25 33.49
CA PRO G 155 46.53 -1.22 33.85
C PRO G 155 45.95 -2.62 34.07
N THR G 156 46.82 -3.62 34.12
CA THR G 156 46.39 -5.01 34.16
C THR G 156 45.55 -5.32 35.40
N ARG G 157 46.00 -4.84 36.56
CA ARG G 157 45.31 -5.07 37.83
C ARG G 157 43.84 -4.66 37.76
N LEU G 158 43.57 -3.55 37.08
CA LEU G 158 42.20 -3.04 36.95
C LEU G 158 41.39 -3.79 35.89
N LYS G 159 42.02 -4.18 34.78
CA LYS G 159 41.36 -5.07 33.81
C LYS G 159 41.00 -6.38 34.50
N ASP G 160 41.94 -6.90 35.29
CA ASP G 160 41.71 -8.10 36.08
C ASP G 160 40.54 -7.89 37.03
N TYR G 161 40.54 -6.75 37.74
CA TYR G 161 39.47 -6.43 38.68
C TYR G 161 38.12 -6.47 38.00
N LEU G 162 38.04 -5.87 36.81
CA LEU G 162 36.80 -5.86 36.05
C LEU G 162 36.37 -7.28 35.69
N GLU G 163 37.36 -8.13 35.39
CA GLU G 163 37.11 -9.53 35.04
C GLU G 163 36.57 -10.37 36.18
N GLU G 164 36.81 -9.99 37.43
CA GLU G 164 36.26 -10.69 38.59
C GLU G 164 34.74 -10.56 38.69
N TYR G 165 34.17 -9.60 37.98
CA TYR G 165 32.71 -9.34 38.04
C TYR G 165 32.23 -8.65 36.75
N LYS G 166 31.78 -9.46 35.78
CA LYS G 166 31.51 -8.97 34.44
C LYS G 166 30.06 -8.49 34.23
N PHE G 167 29.24 -8.49 35.29
CA PHE G 167 27.79 -8.26 35.18
C PHE G 167 27.40 -6.77 35.29
N GLN G 168 26.24 -6.42 34.73
CA GLN G 168 25.77 -5.03 34.64
C GLN G 168 24.89 -4.61 35.81
N VAL G 169 24.82 -5.45 36.84
CA VAL G 169 23.99 -5.17 37.99
C VAL G 169 24.63 -5.78 39.23
N MET H 1 13.90 17.45 55.17
CA MET H 1 14.84 16.72 56.07
C MET H 1 16.22 17.37 56.04
N ASP H 2 17.24 16.60 55.67
CA ASP H 2 18.58 17.16 55.42
C ASP H 2 18.69 17.57 53.97
N VAL H 3 19.83 18.16 53.63
CA VAL H 3 20.13 18.53 52.26
C VAL H 3 21.63 18.71 52.08
N PHE H 4 22.13 18.35 50.90
CA PHE H 4 23.57 18.22 50.66
C PHE H 4 24.06 19.18 49.58
N LEU H 5 25.15 19.90 49.88
CA LEU H 5 25.51 21.10 49.11
C LEU H 5 27.00 21.20 48.81
N MET H 6 27.30 21.58 47.58
CA MET H 6 28.64 22.02 47.20
C MET H 6 28.63 23.54 47.19
N ILE H 7 29.37 24.15 48.11
CA ILE H 7 29.51 25.61 48.15
C ILE H 7 30.80 25.97 47.41
N ARG H 8 30.69 26.80 46.37
CA ARG H 8 31.81 27.02 45.45
C ARG H 8 32.16 28.48 45.17
N ARG H 9 33.47 28.75 45.14
CA ARG H 9 34.03 30.03 44.71
C ARG H 9 35.42 29.78 44.12
N HIS H 10 35.69 30.32 42.95
CA HIS H 10 37.01 30.23 42.31
C HIS H 10 37.40 28.75 42.09
N LYS H 11 38.48 28.29 42.73
CA LYS H 11 38.92 26.90 42.61
C LYS H 11 38.65 26.13 43.93
N THR H 12 37.92 26.78 44.84
CA THR H 12 37.50 26.15 46.09
C THR H 12 36.09 25.53 45.93
N THR H 13 35.91 24.35 46.53
CA THR H 13 34.62 23.68 46.62
C THR H 13 34.49 23.05 48.01
N ILE H 14 33.41 23.37 48.73
CA ILE H 14 33.15 22.81 50.06
C ILE H 14 31.96 21.85 50.05
N PHE H 15 32.18 20.65 50.59
CA PHE H 15 31.11 19.66 50.78
C PHE H 15 30.59 19.71 52.22
N THR H 16 29.38 20.25 52.36
CA THR H 16 28.71 20.30 53.65
C THR H 16 27.25 19.92 53.45
N ASP H 17 26.56 19.64 54.54
CA ASP H 17 25.14 19.32 54.51
C ASP H 17 24.47 20.09 55.61
N ALA H 18 23.20 20.44 55.40
CA ALA H 18 22.44 21.19 56.39
C ALA H 18 20.98 20.77 56.38
N LYS H 19 20.27 21.10 57.44
CA LYS H 19 18.85 20.79 57.55
C LYS H 19 18.09 21.70 56.58
N GLU H 20 16.99 21.19 56.03
CA GLU H 20 16.25 21.90 54.97
C GLU H 20 15.71 23.25 55.43
N SER H 21 15.22 23.32 56.65
CA SER H 21 14.61 24.54 57.16
C SER H 21 15.62 25.55 57.66
N SER H 22 16.91 25.17 57.71
CA SER H 22 17.95 26.09 58.19
C SER H 22 18.04 27.30 57.25
N THR H 23 18.46 28.43 57.81
CA THR H 23 18.48 29.68 57.07
C THR H 23 19.79 29.86 56.29
N VAL H 24 19.74 30.72 55.28
CA VAL H 24 20.91 31.06 54.48
C VAL H 24 21.97 31.66 55.39
N PHE H 25 21.56 32.52 56.31
CA PHE H 25 22.48 33.13 57.28
C PHE H 25 23.26 32.07 58.02
N GLU H 26 22.54 31.07 58.55
CA GLU H 26 23.15 29.96 59.28
C GLU H 26 24.16 29.23 58.41
N LEU H 27 23.90 29.17 57.10
CA LEU H 27 24.84 28.58 56.14
C LEU H 27 26.06 29.48 55.93
N LYS H 28 25.85 30.78 55.79
CA LYS H 28 26.95 31.73 55.68
C LYS H 28 27.86 31.61 56.91
N ARG H 29 27.25 31.39 58.08
CA ARG H 29 27.98 31.19 59.33
C ARG H 29 28.80 29.88 59.33
N ILE H 30 28.33 28.87 58.61
CA ILE H 30 29.11 27.64 58.38
C ILE H 30 30.30 27.88 57.42
N VAL H 31 30.09 28.67 56.37
CA VAL H 31 31.19 29.09 55.48
C VAL H 31 32.20 29.92 56.29
N GLU H 32 31.70 30.71 57.23
CA GLU H 32 32.56 31.51 58.11
C GLU H 32 33.52 30.65 58.92
N GLY H 33 33.04 29.52 59.43
CA GLY H 33 33.88 28.62 60.22
C GLY H 33 35.05 28.09 59.44
N ILE H 34 34.78 27.71 58.19
CA ILE H 34 35.78 27.04 57.34
C ILE H 34 36.77 28.03 56.72
N LEU H 35 36.25 29.06 56.08
CA LEU H 35 37.09 29.99 55.31
C LEU H 35 37.53 31.23 56.11
N LYS H 36 36.97 31.40 57.31
CA LYS H 36 37.37 32.47 58.22
C LYS H 36 37.01 33.86 57.66
N ARG H 37 35.76 34.00 57.21
CA ARG H 37 35.21 35.25 56.68
C ARG H 37 33.75 35.44 57.12
N PRO H 38 33.40 36.63 57.63
CA PRO H 38 32.09 36.79 58.27
C PRO H 38 30.91 36.78 57.28
N PRO H 39 29.68 36.52 57.79
CA PRO H 39 28.45 36.54 57.01
C PRO H 39 28.24 37.80 56.18
N ASP H 40 28.41 38.97 56.80
CA ASP H 40 28.20 40.25 56.10
C ASP H 40 29.19 40.50 54.94
N GLU H 41 30.28 39.72 54.88
CA GLU H 41 31.19 39.74 53.72
C GLU H 41 31.06 38.45 52.90
N GLN H 42 29.81 38.07 52.62
CA GLN H 42 29.49 36.90 51.76
C GLN H 42 28.25 37.16 50.92
N ARG H 43 28.26 36.63 49.69
CA ARG H 43 27.05 36.53 48.89
C ARG H 43 26.88 35.09 48.40
N LEU H 44 25.71 34.50 48.68
CA LEU H 44 25.42 33.13 48.26
C LEU H 44 24.42 33.09 47.11
N TYR H 45 24.60 32.14 46.19
CA TYR H 45 23.81 32.10 44.95
C TYR H 45 23.23 30.73 44.58
N LYS H 46 21.95 30.71 44.24
CA LYS H 46 21.38 29.60 43.46
C LYS H 46 21.54 29.97 41.99
N ASP H 47 22.60 29.47 41.38
CA ASP H 47 23.04 29.89 40.04
C ASP H 47 23.28 31.40 39.95
N ASP H 48 22.44 32.14 39.23
CA ASP H 48 22.63 33.58 39.06
C ASP H 48 21.87 34.39 40.13
N GLN H 49 20.91 33.76 40.80
CA GLN H 49 20.05 34.44 41.78
C GLN H 49 20.71 34.54 43.16
N LEU H 50 20.69 35.73 43.75
CA LEU H 50 21.20 35.93 45.11
C LEU H 50 20.21 35.40 46.14
N LEU H 51 20.73 34.85 47.23
CA LEU H 51 19.91 34.23 48.27
C LEU H 51 19.78 35.11 49.52
N ASP H 52 18.55 35.25 50.01
CA ASP H 52 18.26 36.06 51.19
C ASP H 52 18.69 35.35 52.47
N ASP H 53 19.43 36.08 53.32
CA ASP H 53 19.92 35.54 54.60
C ASP H 53 18.82 34.86 55.41
N GLY H 54 17.66 35.51 55.50
CA GLY H 54 16.56 35.04 56.32
C GLY H 54 15.85 33.80 55.80
N LYS H 55 15.69 33.71 54.48
CA LYS H 55 14.95 32.60 53.87
C LYS H 55 15.60 31.23 54.11
N THR H 56 14.76 30.20 54.19
CA THR H 56 15.22 28.84 54.48
C THR H 56 15.79 28.19 53.23
N LEU H 57 16.69 27.22 53.40
CA LEU H 57 17.23 26.48 52.27
C LEU H 57 16.11 25.85 51.44
N GLY H 58 15.07 25.39 52.12
CA GLY H 58 13.86 24.88 51.46
C GLY H 58 13.14 25.95 50.67
N GLU H 59 13.03 27.15 51.26
CA GLU H 59 12.44 28.30 50.59
C GLU H 59 13.26 28.72 49.37
N CYS H 60 14.59 28.60 49.48
CA CYS H 60 15.49 28.90 48.36
C CYS H 60 15.37 27.88 47.22
N GLY H 61 14.85 26.71 47.53
CA GLY H 61 14.68 25.64 46.54
C GLY H 61 15.71 24.51 46.68
N PHE H 62 16.35 24.42 47.84
CA PHE H 62 17.28 23.32 48.13
C PHE H 62 16.58 22.25 48.97
N THR H 63 15.65 21.55 48.32
CA THR H 63 14.95 20.43 48.95
C THR H 63 15.82 19.19 49.01
N SER H 64 15.48 18.28 49.91
CA SER H 64 16.12 16.97 49.99
C SER H 64 16.01 16.22 48.67
N GLN H 65 14.88 16.39 47.97
CA GLN H 65 14.67 15.78 46.65
C GLN H 65 15.62 16.33 45.57
N THR H 66 16.01 17.60 45.69
CA THR H 66 16.82 18.27 44.66
C THR H 66 18.28 18.51 45.05
N ALA H 67 18.71 17.96 46.19
CA ALA H 67 20.10 18.10 46.62
C ALA H 67 20.53 16.88 47.44
N ARG H 68 20.82 15.80 46.72
CA ARG H 68 21.07 14.50 47.33
C ARG H 68 22.56 14.32 47.59
N PRO H 69 22.92 13.40 48.51
CA PRO H 69 24.34 13.17 48.77
C PRO H 69 25.10 12.84 47.49
N GLN H 70 24.55 11.92 46.70
CA GLN H 70 25.16 11.50 45.43
C GLN H 70 25.18 12.62 44.38
N ALA H 71 24.24 13.56 44.50
CA ALA H 71 24.13 14.68 43.56
C ALA H 71 23.84 15.98 44.33
N PRO H 72 24.90 16.58 44.92
CA PRO H 72 24.71 17.79 45.74
C PRO H 72 24.48 19.02 44.89
N ALA H 73 23.81 20.02 45.47
CA ALA H 73 23.48 21.25 44.75
C ALA H 73 24.59 22.30 44.90
N THR H 74 24.95 22.93 43.79
CA THR H 74 25.94 24.00 43.80
C THR H 74 25.36 25.27 44.41
N VAL H 75 26.10 25.85 45.34
CA VAL H 75 25.78 27.15 45.93
C VAL H 75 26.93 28.13 45.65
N GLY H 76 26.66 29.13 44.82
CA GLY H 76 27.67 30.12 44.48
C GLY H 76 28.06 30.96 45.68
N LEU H 77 29.31 31.40 45.70
CA LEU H 77 29.86 32.21 46.79
C LEU H 77 30.74 33.34 46.26
N ALA H 78 30.59 34.53 46.83
CA ALA H 78 31.40 35.68 46.49
C ALA H 78 31.81 36.47 47.74
N PHE H 79 33.09 36.81 47.85
CA PHE H 79 33.62 37.63 48.95
C PHE H 79 33.66 39.12 48.58
N ARG H 80 33.75 39.97 49.61
CA ARG H 80 33.89 41.40 49.42
C ARG H 80 35.30 41.74 48.91
N ALA H 81 35.43 42.92 48.29
CA ALA H 81 36.72 43.38 47.76
C ALA H 81 36.69 44.89 47.51
N ASP H 82 37.33 45.64 48.41
CA ASP H 82 37.21 47.10 48.44
C ASP H 82 35.79 47.47 48.86
N ASP H 83 35.24 48.57 48.34
CA ASP H 83 33.86 48.96 48.67
C ASP H 83 32.82 48.33 47.74
N THR H 84 33.07 47.08 47.32
CA THR H 84 32.13 46.32 46.49
C THR H 84 32.34 44.82 46.63
N PHE H 85 31.28 44.04 46.42
CA PHE H 85 31.39 42.59 46.32
C PHE H 85 31.99 42.20 44.96
N GLU H 86 32.76 41.12 44.94
CA GLU H 86 33.30 40.59 43.70
C GLU H 86 32.18 40.05 42.78
N ALA H 87 32.51 39.89 41.51
CA ALA H 87 31.63 39.20 40.58
C ALA H 87 31.68 37.72 40.92
N LEU H 88 30.51 37.10 41.10
CA LEU H 88 30.43 35.67 41.33
C LEU H 88 31.26 34.97 40.26
N CAS H 89 32.11 34.03 40.69
CA CAS H 89 33.02 33.37 39.75
CB CAS H 89 34.30 34.20 39.66
C CAS H 89 33.33 31.97 40.22
O CAS H 89 33.88 31.78 41.29
SG CAS H 89 35.18 33.75 38.21
AS CAS H 89 36.84 32.58 39.13
CE1 CAS H 89 37.50 31.23 37.81
CE2 CAS H 89 38.34 33.80 39.62
N ILE H 90 32.96 30.99 39.40
CA ILE H 90 33.24 29.58 39.72
C ILE H 90 34.04 28.94 38.60
N GLU H 91 35.26 28.52 38.92
CA GLU H 91 36.12 27.83 37.97
C GLU H 91 35.54 26.44 37.68
N PRO H 92 35.28 26.14 36.40
CA PRO H 92 34.80 24.80 36.09
C PRO H 92 35.86 23.75 36.39
N PHE H 93 35.42 22.53 36.70
CA PHE H 93 36.35 21.42 36.89
C PHE H 93 36.89 21.01 35.54
N SER H 94 37.89 20.14 35.55
CA SER H 94 38.49 19.64 34.32
C SER H 94 37.48 18.93 33.42
N SER H 95 37.87 18.73 32.18
CA SER H 95 37.06 17.97 31.24
C SER H 95 37.49 16.51 31.25
N PRO H 96 36.53 15.59 31.22
CA PRO H 96 36.94 14.22 30.95
C PRO H 96 37.34 14.06 29.48
N PRO H 97 38.20 13.08 29.19
CA PRO H 97 38.53 12.73 27.81
C PRO H 97 37.30 12.38 26.96
N GLU H 98 37.51 12.27 25.64
CA GLU H 98 36.47 11.81 24.73
C GLU H 98 36.19 10.34 25.03
N LEU H 99 34.91 9.98 25.04
CA LEU H 99 34.46 8.63 25.42
C LEU H 99 35.06 7.57 24.49
N PRO H 100 35.97 6.72 24.99
CA PRO H 100 36.66 5.73 24.15
C PRO H 100 35.75 4.92 23.22
N ASP H 101 36.25 4.58 22.03
CA ASP H 101 35.47 3.88 21.00
C ASP H 101 34.68 2.66 21.48
N VAL H 102 35.22 1.92 22.44
CA VAL H 102 34.52 0.76 23.04
C VAL H 102 33.23 1.12 23.78
N MET H 103 33.21 2.28 24.43
CA MET H 103 32.14 2.59 25.36
C MET H 103 31.17 3.63 24.80
N MET I 1 40.70 18.43 63.56
CA MET I 1 39.62 19.42 63.28
C MET I 1 38.51 18.77 62.46
N MET I 2 37.33 19.38 62.48
CA MET I 2 36.13 18.90 61.77
C MET I 2 36.34 18.53 60.30
N TYR I 3 37.13 19.31 59.58
CA TYR I 3 37.25 19.13 58.12
C TYR I 3 38.67 18.78 57.69
N VAL I 4 38.78 18.48 56.40
CA VAL I 4 40.06 18.25 55.74
C VAL I 4 39.98 18.81 54.32
N LYS I 5 41.14 19.05 53.73
CA LYS I 5 41.23 19.67 52.42
C LYS I 5 41.91 18.71 51.48
N LEU I 6 41.36 18.59 50.27
CA LEU I 6 41.90 17.69 49.26
C LEU I 6 42.16 18.47 47.97
N ILE I 7 43.43 18.59 47.59
CA ILE I 7 43.79 19.35 46.39
C ILE I 7 43.91 18.41 45.19
N SER I 8 43.15 18.72 44.13
CA SER I 8 43.22 17.98 42.88
C SER I 8 44.50 18.31 42.10
N SER I 9 44.79 17.52 41.07
CA SER I 9 45.99 17.70 40.25
C SER I 9 45.96 19.01 39.46
N ASP I 10 44.75 19.42 39.08
CA ASP I 10 44.54 20.70 38.38
C ASP I 10 44.20 21.84 39.35
N GLY I 11 44.57 21.69 40.62
CA GLY I 11 44.56 22.81 41.56
C GLY I 11 43.30 23.06 42.38
N HIS I 12 42.16 22.50 41.98
CA HIS I 12 40.93 22.68 42.75
C HIS I 12 41.06 22.15 44.18
N GLU I 13 40.61 22.96 45.14
CA GLU I 13 40.68 22.59 46.55
C GLU I 13 39.30 22.17 47.04
N PHE I 14 39.23 20.97 47.61
CA PHE I 14 37.99 20.40 48.10
C PHE I 14 37.96 20.25 49.62
N ILE I 15 37.02 20.92 50.27
CA ILE I 15 36.91 20.91 51.72
C ILE I 15 35.73 20.03 52.17
N VAL I 16 36.03 18.87 52.75
CA VAL I 16 35.00 17.86 53.08
C VAL I 16 35.16 17.39 54.51
N LYS I 17 34.07 17.04 55.17
CA LYS I 17 34.14 16.61 56.57
C LYS I 17 35.16 15.49 56.77
N ARG I 18 35.97 15.62 57.84
CA ARG I 18 37.03 14.67 58.15
C ARG I 18 36.50 13.24 58.18
N GLU I 19 35.40 13.04 58.91
CA GLU I 19 34.71 11.74 58.98
C GLU I 19 34.44 11.18 57.59
N HIS I 20 33.89 12.02 56.71
CA HIS I 20 33.56 11.63 55.34
C HIS I 20 34.80 11.21 54.57
N ALA I 21 35.86 12.00 54.70
CA ALA I 21 37.12 11.72 54.00
C ALA I 21 37.79 10.46 54.50
N LEU I 22 37.50 10.05 55.74
CA LEU I 22 38.03 8.79 56.27
C LEU I 22 37.44 7.57 55.56
N THR I 23 36.39 7.77 54.77
CA THR I 23 35.86 6.74 53.88
C THR I 23 36.93 6.14 52.97
N SER I 24 37.84 6.98 52.49
CA SER I 24 39.01 6.48 51.78
C SER I 24 39.94 5.89 52.84
N GLY I 25 40.31 4.62 52.65
CA GLY I 25 41.20 3.94 53.58
C GLY I 25 42.61 4.46 53.43
N THR I 26 42.98 4.80 52.20
CA THR I 26 44.24 5.46 51.91
C THR I 26 44.33 6.77 52.71
N ILE I 27 43.28 7.59 52.61
CA ILE I 27 43.21 8.85 53.36
C ILE I 27 43.28 8.64 54.87
N LYS I 28 42.55 7.64 55.36
CA LYS I 28 42.60 7.33 56.79
C LYS I 28 44.04 7.09 57.22
N ALA I 29 44.82 6.42 56.38
CA ALA I 29 46.20 6.05 56.69
C ALA I 29 47.14 7.25 56.84
N MET I 30 46.88 8.33 56.11
CA MET I 30 47.68 9.56 56.25
C MET I 30 47.00 10.61 57.13
N LEU I 31 46.42 10.15 58.25
CA LEU I 31 46.21 11.00 59.42
C LEU I 31 46.85 10.27 60.59
N SER I 32 48.17 10.12 60.49
CA SER I 32 49.01 9.52 61.52
C SER I 32 50.46 9.87 61.18
N GLY I 33 50.77 11.17 61.25
CA GLY I 33 52.08 11.69 60.84
C GLY I 33 52.10 12.08 59.39
N ASN I 43 45.59 17.64 58.13
CA ASN I 43 44.71 18.76 57.78
C ASN I 43 44.51 18.88 56.27
N GLU I 44 45.58 18.75 55.50
CA GLU I 44 45.53 18.84 54.04
C GLU I 44 46.13 17.61 53.36
N VAL I 45 45.73 17.37 52.12
CA VAL I 45 46.24 16.28 51.30
C VAL I 45 46.23 16.73 49.84
N ASN I 46 47.29 16.39 49.11
CA ASN I 46 47.38 16.78 47.72
C ASN I 46 47.53 15.56 46.82
N PHE I 47 46.73 15.53 45.75
CA PHE I 47 46.74 14.42 44.82
C PHE I 47 47.27 14.88 43.47
N ARG I 48 48.56 14.63 43.26
CA ARG I 48 49.22 15.04 42.02
C ARG I 48 48.65 14.34 40.77
N GLU I 49 48.03 13.18 40.95
CA GLU I 49 47.53 12.38 39.83
C GLU I 49 46.01 12.42 39.62
N ILE I 50 45.26 13.06 40.51
CA ILE I 50 43.78 13.06 40.44
C ILE I 50 43.22 14.44 40.08
N PRO I 51 42.63 14.59 38.87
CA PRO I 51 42.05 15.85 38.43
C PRO I 51 40.74 16.18 39.12
N SER I 52 40.21 17.36 38.83
CA SER I 52 39.08 17.89 39.57
C SER I 52 37.79 17.15 39.21
N HIS I 53 37.54 16.96 37.92
CA HIS I 53 36.32 16.30 37.45
C HIS I 53 36.15 14.91 38.05
N VAL I 54 37.28 14.26 38.36
CA VAL I 54 37.32 12.98 39.10
C VAL I 54 37.18 13.16 40.61
N LEU I 55 37.98 14.07 41.17
CA LEU I 55 38.02 14.29 42.62
C LEU I 55 36.76 14.92 43.21
N SER I 56 35.98 15.63 42.39
CA SER I 56 34.66 16.11 42.82
C SER I 56 33.73 14.91 43.06
N LYS I 57 33.80 13.94 42.16
CA LYS I 57 32.91 12.78 42.20
C LYS I 57 33.24 11.89 43.39
N VAL I 58 34.53 11.71 43.66
CA VAL I 58 35.00 10.94 44.83
C VAL I 58 34.48 11.55 46.13
N CYS I 59 34.46 12.87 46.22
CA CYS I 59 33.88 13.52 47.38
C CYS I 59 32.39 13.12 47.49
N MET I 60 31.66 13.29 46.39
CA MET I 60 30.24 12.97 46.36
C MET I 60 29.99 11.54 46.83
N TYR I 61 30.91 10.63 46.49
CA TYR I 61 30.82 9.25 46.98
C TYR I 61 31.03 9.16 48.51
N PHE I 62 31.96 9.93 49.07
CA PHE I 62 32.12 9.94 50.53
C PHE I 62 30.81 10.26 51.22
N THR I 63 30.15 11.32 50.76
CA THR I 63 28.87 11.75 51.32
C THR I 63 27.88 10.59 51.30
N TYR I 64 27.74 9.99 50.10
CA TYR I 64 26.84 8.86 49.83
C TYR I 64 27.10 7.68 50.77
N LYS I 65 28.36 7.27 50.85
CA LYS I 65 28.77 6.12 51.63
C LYS I 65 28.43 6.33 53.11
N VAL I 66 28.81 7.50 53.63
CA VAL I 66 28.53 7.84 55.02
C VAL I 66 27.03 7.92 55.29
N ARG I 67 26.31 8.61 54.42
CA ARG I 67 24.86 8.77 54.56
C ARG I 67 24.09 7.45 54.52
N TYR I 68 24.65 6.44 53.85
CA TYR I 68 23.96 5.15 53.70
C TYR I 68 24.80 3.95 54.16
N THR I 69 25.19 3.96 55.42
CA THR I 69 25.75 2.79 56.09
C THR I 69 25.34 2.82 57.56
N ASN I 70 25.11 1.64 58.13
CA ASN I 70 24.46 1.49 59.44
C ASN I 70 23.09 2.16 59.47
N SER I 71 22.40 2.14 58.34
CA SER I 71 21.13 2.87 58.15
C SER I 71 20.10 2.01 57.41
N SER I 72 18.88 2.01 57.93
CA SER I 72 17.79 1.18 57.41
C SER I 72 16.90 1.98 56.46
N THR I 73 17.53 2.63 55.48
CA THR I 73 16.83 3.49 54.54
C THR I 73 17.27 3.14 53.12
N GLU I 74 16.28 2.95 52.23
CA GLU I 74 16.56 2.65 50.83
C GLU I 74 17.76 3.46 50.34
N ILE I 75 18.79 2.76 49.89
CA ILE I 75 19.99 3.38 49.33
C ILE I 75 19.71 3.70 47.85
N PRO I 76 19.80 4.97 47.47
CA PRO I 76 19.56 5.35 46.09
C PRO I 76 20.80 5.08 45.23
N GLU I 77 20.67 5.26 43.92
CA GLU I 77 21.78 5.01 43.01
C GLU I 77 22.77 6.18 43.05
N PHE I 78 24.03 5.89 42.73
CA PHE I 78 25.08 6.88 42.70
C PHE I 78 25.49 7.05 41.26
N PRO I 79 24.98 8.10 40.60
CA PRO I 79 25.15 8.11 39.14
C PRO I 79 26.59 8.36 38.74
N ILE I 80 27.12 7.47 37.91
CA ILE I 80 28.41 7.69 37.27
C ILE I 80 28.20 7.86 35.76
N ALA I 81 28.76 8.93 35.19
CA ALA I 81 28.71 9.13 33.73
C ALA I 81 29.86 8.34 33.09
N PRO I 82 29.59 7.66 31.95
CA PRO I 82 30.59 6.80 31.31
C PRO I 82 31.93 7.46 30.99
N GLU I 83 31.97 8.79 30.93
CA GLU I 83 33.18 9.55 30.59
C GLU I 83 34.23 9.57 31.72
N ILE I 84 33.77 9.52 32.96
CA ILE I 84 34.67 9.55 34.14
C ILE I 84 34.95 8.18 34.75
N ALA I 85 34.15 7.17 34.38
CA ALA I 85 34.23 5.84 35.01
C ALA I 85 35.65 5.27 35.08
N LEU I 86 36.39 5.38 33.98
CA LEU I 86 37.74 4.83 33.91
C LEU I 86 38.68 5.53 34.87
N GLU I 87 38.66 6.87 34.89
CA GLU I 87 39.49 7.62 35.83
C GLU I 87 39.03 7.44 37.26
N LEU I 88 37.72 7.46 37.45
CA LEU I 88 37.10 7.29 38.76
C LEU I 88 37.41 5.91 39.34
N LEU I 89 37.52 4.91 38.45
CA LEU I 89 37.92 3.57 38.88
C LEU I 89 39.34 3.59 39.41
N MET I 90 40.24 4.24 38.67
CA MET I 90 41.65 4.31 39.07
C MET I 90 41.78 5.04 40.40
N ALA I 91 41.17 6.21 40.48
CA ALA I 91 41.22 7.02 41.69
C ALA I 91 40.72 6.22 42.88
N ALA I 92 39.51 5.68 42.75
CA ALA I 92 38.84 4.95 43.84
C ALA I 92 39.63 3.71 44.27
N ASN I 93 40.33 3.11 43.33
CA ASN I 93 41.23 2.02 43.64
C ASN I 93 42.44 2.53 44.36
N PHE I 94 43.01 3.63 43.86
CA PHE I 94 44.13 4.26 44.52
C PHE I 94 43.74 4.65 45.94
N LEU I 95 42.55 5.23 46.06
CA LEU I 95 42.07 5.75 47.33
C LEU I 95 41.50 4.68 48.26
N ASP I 96 41.27 3.49 47.74
CA ASP I 96 40.73 2.37 48.53
C ASP I 96 39.35 2.70 49.12
N CYS I 97 38.41 3.07 48.24
CA CYS I 97 37.04 3.41 48.66
C CYS I 97 36.01 2.89 47.67
N MET J 2 -2.07 48.17 -15.09
CA MET J 2 -2.08 46.68 -14.89
C MET J 2 -0.87 45.91 -15.45
N GLN J 3 0.14 46.63 -15.94
CA GLN J 3 1.27 46.01 -16.65
C GLN J 3 2.13 45.16 -15.73
N ALA J 4 2.49 45.71 -14.56
CA ALA J 4 3.44 45.09 -13.65
C ALA J 4 2.82 43.89 -12.94
N ALA J 5 1.64 44.12 -12.40
CA ALA J 5 0.88 43.05 -11.77
C ALA J 5 0.91 41.79 -12.65
N ARG J 6 0.59 41.96 -13.93
CA ARG J 6 0.54 40.83 -14.86
C ARG J 6 1.93 40.18 -14.99
N LEU J 7 2.97 41.01 -15.10
CA LEU J 7 4.34 40.52 -15.24
C LEU J 7 4.79 39.73 -14.02
N ALA J 8 4.45 40.25 -12.84
CA ALA J 8 4.78 39.55 -11.60
C ALA J 8 4.22 38.13 -11.59
N LYS J 9 2.90 38.02 -11.65
CA LYS J 9 2.26 36.70 -11.56
C LYS J 9 2.79 35.71 -12.60
N ALA J 10 3.29 36.22 -13.73
CA ALA J 10 3.90 35.36 -14.75
C ALA J 10 5.25 34.80 -14.30
N LEU J 11 6.04 35.64 -13.62
CA LEU J 11 7.35 35.24 -13.11
C LEU J 11 7.27 34.34 -11.86
N ARG J 12 6.18 34.44 -11.12
CA ARG J 12 5.97 33.58 -9.96
C ARG J 12 5.62 32.17 -10.46
N GLU J 13 4.79 32.10 -11.50
CA GLU J 13 4.46 30.83 -12.13
C GLU J 13 5.71 30.23 -12.75
N LEU J 14 6.43 31.06 -13.51
CA LEU J 14 7.65 30.63 -14.21
C LEU J 14 8.68 30.10 -13.21
N GLY J 15 8.69 30.68 -12.01
CA GLY J 15 9.50 30.16 -10.91
C GLY J 15 9.14 28.75 -10.44
N GLN J 16 7.87 28.37 -10.51
CA GLN J 16 7.42 27.06 -10.04
C GLN J 16 7.46 25.95 -11.10
N THR J 17 7.82 26.30 -12.34
CA THR J 17 7.93 25.29 -13.41
C THR J 17 9.15 24.40 -13.22
N GLY J 18 10.25 25.02 -12.78
CA GLY J 18 11.50 24.32 -12.60
C GLY J 18 12.28 24.16 -13.89
N TRP J 19 11.81 24.82 -14.96
CA TRP J 19 12.58 24.92 -16.21
C TRP J 19 12.79 26.38 -16.59
N TYR J 20 12.91 27.22 -15.57
CA TYR J 20 13.28 28.62 -15.79
C TYR J 20 14.70 28.86 -15.28
N TRP J 21 15.62 29.07 -16.21
CA TRP J 21 17.06 29.12 -15.93
C TRP J 21 17.63 30.53 -15.86
N GLY J 22 16.81 31.52 -15.49
CA GLY J 22 17.27 32.89 -15.22
C GLY J 22 18.32 33.44 -16.18
N SER J 23 19.46 33.86 -15.65
CA SER J 23 20.51 34.48 -16.46
C SER J 23 21.37 33.46 -17.23
N MET J 24 20.76 32.47 -17.87
CA MET J 24 21.52 31.49 -18.64
C MET J 24 21.84 32.06 -20.01
N THR J 25 23.03 31.78 -20.52
CA THR J 25 23.45 32.31 -21.81
C THR J 25 23.15 31.33 -22.94
N VAL J 26 23.33 31.79 -24.17
CA VAL J 26 23.11 30.96 -25.36
C VAL J 26 23.96 29.69 -25.31
N ASN J 27 25.28 29.86 -25.22
CA ASN J 27 26.21 28.72 -25.18
C ASN J 27 25.99 27.77 -24.01
N GLU J 28 25.50 28.29 -22.88
CA GLU J 28 25.15 27.44 -21.76
C GLU J 28 23.99 26.53 -22.16
N ALA J 29 22.94 27.12 -22.72
CA ALA J 29 21.76 26.37 -23.18
C ALA J 29 22.07 25.46 -24.36
N LYS J 30 22.99 25.89 -25.24
CA LYS J 30 23.41 25.06 -26.36
C LYS J 30 24.01 23.76 -25.82
N GLU J 31 24.96 23.90 -24.91
CA GLU J 31 25.60 22.75 -24.26
C GLU J 31 24.60 21.87 -23.49
N LYS J 32 23.63 22.49 -22.84
CA LYS J 32 22.71 21.78 -21.93
C LYS J 32 21.60 21.04 -22.67
N LEU J 33 21.43 21.34 -23.95
CA LEU J 33 20.49 20.63 -24.80
C LEU J 33 21.18 19.88 -25.93
N LYS J 34 22.48 20.10 -26.11
CA LYS J 34 23.24 19.64 -27.28
C LYS J 34 22.82 18.25 -27.74
N GLU J 35 22.83 17.31 -26.79
CA GLU J 35 22.47 15.92 -27.07
C GLU J 35 21.14 15.51 -26.42
N ALA J 36 20.20 16.45 -26.30
CA ALA J 36 18.88 16.17 -25.70
C ALA J 36 17.88 15.71 -26.78
N PRO J 37 16.76 15.06 -26.37
CA PRO J 37 15.79 14.60 -27.37
C PRO J 37 14.96 15.72 -28.00
N GLU J 38 14.70 15.60 -29.29
CA GLU J 38 13.93 16.59 -30.06
C GLU J 38 12.74 17.15 -29.29
N GLY J 39 12.64 18.47 -29.23
CA GLY J 39 11.53 19.14 -28.55
C GLY J 39 11.76 19.41 -27.07
N THR J 40 12.88 18.94 -26.53
CA THR J 40 13.27 19.32 -25.19
C THR J 40 13.48 20.84 -25.16
N PHE J 41 12.91 21.49 -24.15
CA PHE J 41 12.93 22.94 -24.05
C PHE J 41 13.14 23.39 -22.62
N LEU J 42 13.56 24.65 -22.49
CA LEU J 42 13.62 25.35 -21.23
C LEU J 42 13.39 26.81 -21.54
N ILE J 43 13.03 27.60 -20.54
CA ILE J 43 12.99 29.07 -20.69
C ILE J 43 14.10 29.74 -19.90
N ARG J 44 14.59 30.85 -20.44
CA ARG J 44 15.57 31.69 -19.77
C ARG J 44 15.43 33.13 -20.25
N ASP J 45 16.16 34.04 -19.61
CA ASP J 45 16.09 35.44 -19.95
C ASP J 45 16.64 35.74 -21.35
N SER J 46 16.14 36.81 -21.95
CA SER J 46 16.69 37.34 -23.19
C SER J 46 17.49 38.60 -22.87
N SER J 47 18.80 38.54 -23.12
CA SER J 47 19.66 39.72 -23.00
C SER J 47 19.30 40.77 -24.04
N HIS J 48 18.53 40.38 -25.06
CA HIS J 48 18.03 41.33 -26.05
C HIS J 48 17.11 42.38 -25.41
N SER J 49 17.28 43.64 -25.82
CA SER J 49 16.55 44.76 -25.24
C SER J 49 15.04 44.61 -25.41
N ASP J 50 14.63 44.42 -26.66
CA ASP J 50 13.22 44.27 -27.02
C ASP J 50 12.49 43.04 -26.47
N TYR J 51 13.21 42.03 -25.98
CA TYR J 51 12.58 40.80 -25.48
C TYR J 51 12.91 40.48 -24.01
N LEU J 52 12.06 39.66 -23.39
CA LEU J 52 12.20 39.35 -21.96
C LEU J 52 12.70 37.93 -21.73
N LEU J 53 12.03 36.96 -22.36
CA LEU J 53 12.33 35.54 -22.17
C LEU J 53 12.60 34.89 -23.52
N THR J 54 13.20 33.70 -23.48
CA THR J 54 13.49 32.94 -24.68
C THR J 54 13.24 31.47 -24.48
N ILE J 55 12.78 30.81 -25.53
CA ILE J 55 12.67 29.37 -25.53
C ILE J 55 13.93 28.85 -26.19
N SER J 56 14.69 28.05 -25.45
CA SER J 56 15.80 27.30 -26.02
C SER J 56 15.26 25.89 -26.22
N VAL J 57 15.28 25.42 -27.46
CA VAL J 57 14.63 24.16 -27.80
C VAL J 57 15.49 23.32 -28.72
N LYS J 58 15.50 22.01 -28.48
CA LYS J 58 16.25 21.10 -29.34
C LYS J 58 15.48 20.83 -30.61
N THR J 59 16.22 20.81 -31.71
CA THR J 59 15.68 20.47 -33.01
C THR J 59 16.57 19.41 -33.64
N SER J 60 16.13 18.91 -34.80
CA SER J 60 16.95 18.04 -35.63
C SER J 60 18.20 18.79 -36.13
N ALA J 61 18.06 20.10 -36.29
CA ALA J 61 19.18 20.94 -36.68
C ALA J 61 20.10 21.27 -35.49
N GLY J 62 19.53 21.33 -34.29
CA GLY J 62 20.29 21.53 -33.05
C GLY J 62 19.48 22.27 -32.01
N PRO J 63 20.13 22.69 -30.90
CA PRO J 63 19.44 23.63 -30.02
C PRO J 63 19.34 24.97 -30.73
N THR J 64 18.24 25.67 -30.51
CA THR J 64 18.01 26.97 -31.15
C THR J 64 17.14 27.83 -30.23
N ASN J 65 17.06 29.12 -30.53
CA ASN J 65 16.36 30.09 -29.69
C ASN J 65 15.14 30.68 -30.41
N LEU J 66 14.08 30.92 -29.64
CA LEU J 66 12.91 31.62 -30.14
C LEU J 66 12.39 32.46 -28.99
N ARG J 67 12.24 33.76 -29.23
CA ARG J 67 12.07 34.75 -28.17
C ARG J 67 10.62 35.02 -27.82
N ILE J 68 10.40 35.68 -26.68
CA ILE J 68 9.06 35.97 -26.21
C ILE J 68 8.87 37.45 -25.89
N GLU J 69 8.03 38.10 -26.69
CA GLU J 69 7.67 39.50 -26.46
C GLU J 69 6.73 39.59 -25.27
N TYR J 70 6.88 40.67 -24.50
CA TYR J 70 5.88 41.06 -23.51
C TYR J 70 5.49 42.49 -23.85
N GLN J 71 4.48 42.60 -24.72
CA GLN J 71 4.03 43.85 -25.25
C GLN J 71 2.62 44.11 -24.74
N ASP J 72 2.42 45.26 -24.11
CA ASP J 72 1.11 45.68 -23.61
C ASP J 72 0.36 44.52 -22.94
N GLY J 73 0.97 43.97 -21.89
CA GLY J 73 0.31 43.00 -21.04
C GLY J 73 0.18 41.58 -21.56
N LYS J 74 0.73 41.28 -22.74
CA LYS J 74 0.54 39.97 -23.34
C LYS J 74 1.84 39.37 -23.89
N PHE J 75 2.05 38.09 -23.64
CA PHE J 75 3.20 37.37 -24.18
C PHE J 75 2.86 36.65 -25.47
N ARG J 76 3.76 36.71 -26.43
CA ARG J 76 3.58 36.00 -27.69
C ARG J 76 4.93 35.64 -28.26
N LEU J 77 4.95 34.68 -29.18
CA LEU J 77 6.18 34.26 -29.82
C LEU J 77 6.74 35.38 -30.70
N ASP J 78 8.05 35.35 -30.91
CA ASP J 78 8.76 36.32 -31.73
C ASP J 78 8.02 36.57 -33.05
N SER J 79 7.49 37.78 -33.22
CA SER J 79 6.70 38.11 -34.39
C SER J 79 7.54 38.21 -35.66
N ILE J 80 8.85 38.37 -35.52
CA ILE J 80 9.73 38.43 -36.69
C ILE J 80 9.87 37.03 -37.29
N ILE J 81 10.12 36.02 -36.46
CA ILE J 81 10.28 34.65 -36.96
C ILE J 81 8.92 34.01 -37.26
N CAS J 82 8.05 33.98 -36.26
CA CAS J 82 6.70 33.44 -36.41
CB CAS J 82 6.15 33.05 -35.05
C CAS J 82 5.80 34.48 -37.02
O CAS J 82 5.82 35.63 -36.60
SG CAS J 82 7.21 31.91 -34.24
AS CAS J 82 6.92 30.11 -35.54
CE1 CAS J 82 6.07 28.69 -34.43
CE2 CAS J 82 8.66 29.51 -36.28
N VAL J 83 4.96 34.08 -37.97
CA VAL J 83 4.12 35.04 -38.70
C VAL J 83 3.05 35.64 -37.77
N LYS J 84 3.04 36.97 -37.69
CA LYS J 84 2.24 37.70 -36.71
C LYS J 84 0.74 37.44 -36.79
N SER J 85 0.23 37.24 -38.01
CA SER J 85 -1.19 36.95 -38.24
C SER J 85 -1.61 35.64 -37.57
N LYS J 86 -0.81 34.59 -37.76
CA LYS J 86 -1.02 33.31 -37.09
C LYS J 86 -0.25 33.32 -35.78
N LEU J 87 -0.70 34.13 -34.83
CA LEU J 87 -0.01 34.27 -33.56
C LEU J 87 -0.98 34.56 -32.41
N LYS J 88 -1.08 33.62 -31.48
CA LYS J 88 -1.94 33.77 -30.32
C LYS J 88 -1.19 34.60 -29.26
N GLN J 89 -1.94 35.17 -28.33
CA GLN J 89 -1.38 35.93 -27.23
C GLN J 89 -1.82 35.35 -25.90
N PHE J 90 -1.01 35.58 -24.87
CA PHE J 90 -1.24 34.99 -23.57
C PHE J 90 -0.94 35.98 -22.46
N ASP J 91 -1.70 35.90 -21.38
CA ASP J 91 -1.45 36.70 -20.18
C ASP J 91 -0.40 36.04 -19.27
N SER J 92 -0.11 34.76 -19.55
CA SER J 92 0.82 33.96 -18.75
C SER J 92 1.85 33.34 -19.69
N VAL J 93 3.12 33.32 -19.28
CA VAL J 93 4.19 32.80 -20.12
C VAL J 93 4.23 31.28 -20.10
N VAL J 94 3.89 30.69 -18.97
CA VAL J 94 3.81 29.22 -18.86
C VAL J 94 2.63 28.69 -19.68
N HIS J 95 1.50 29.39 -19.61
CA HIS J 95 0.32 29.08 -20.42
C HIS J 95 0.62 29.10 -21.92
N LEU J 96 1.51 30.01 -22.35
CA LEU J 96 1.95 30.08 -23.74
C LEU J 96 2.68 28.80 -24.10
N ILE J 97 3.70 28.47 -23.32
CA ILE J 97 4.46 27.24 -23.51
C ILE J 97 3.52 26.03 -23.50
N ASP J 98 2.82 25.83 -22.38
CA ASP J 98 1.90 24.72 -22.20
C ASP J 98 1.09 24.47 -23.47
N TYR J 99 0.51 25.56 -23.98
CA TYR J 99 -0.36 25.54 -25.15
C TYR J 99 0.27 24.88 -26.37
N TYR J 100 1.48 25.31 -26.71
CA TYR J 100 2.18 24.76 -27.87
C TYR J 100 2.60 23.30 -27.70
N VAL J 101 2.83 22.87 -26.45
CA VAL J 101 3.16 21.48 -26.16
C VAL J 101 1.98 20.59 -26.58
N GLN J 102 0.80 20.97 -26.11
CA GLN J 102 -0.41 20.23 -26.41
C GLN J 102 -0.71 20.29 -27.91
N MET J 103 -0.42 21.45 -28.53
CA MET J 103 -0.78 21.70 -29.93
C MET J 103 -0.09 20.80 -30.97
N CYS J 104 1.02 20.17 -30.61
CA CYS J 104 1.71 19.23 -31.51
C CYS J 104 1.68 17.80 -30.96
N LYS J 105 0.91 17.58 -29.89
CA LYS J 105 0.91 16.31 -29.18
C LYS J 105 0.10 15.25 -29.93
N HIS J 120 3.22 25.13 -35.97
CA HIS J 120 3.61 23.76 -35.62
C HIS J 120 4.96 23.75 -34.90
N LEU J 121 5.16 24.70 -33.98
CA LEU J 121 6.33 24.67 -33.09
C LEU J 121 6.34 23.35 -32.33
N TYR J 122 7.51 22.72 -32.27
CA TYR J 122 7.64 21.38 -31.72
C TYR J 122 8.33 21.43 -30.36
N LEU J 123 7.51 21.51 -29.32
CA LEU J 123 7.98 21.31 -27.95
C LEU J 123 7.54 19.93 -27.54
N THR J 124 8.22 19.36 -26.55
CA THR J 124 7.85 18.07 -25.99
C THR J 124 8.07 18.09 -24.47
N LYS J 125 9.20 17.56 -24.00
CA LYS J 125 9.52 17.55 -22.57
C LYS J 125 10.34 18.80 -22.17
N PRO J 126 10.17 19.27 -20.93
CA PRO J 126 11.02 20.33 -20.42
C PRO J 126 12.39 19.82 -19.97
N LEU J 127 13.28 20.75 -19.63
CA LEU J 127 14.58 20.45 -19.05
C LEU J 127 14.64 21.14 -17.68
N TYR J 128 14.42 20.35 -16.62
CA TYR J 128 14.40 20.88 -15.25
C TYR J 128 15.79 21.27 -14.74
N THR J 129 15.86 22.36 -13.98
CA THR J 129 17.11 22.77 -13.32
C THR J 129 17.42 21.78 -12.20
N SER J 130 16.48 21.65 -11.27
CA SER J 130 16.51 20.58 -10.27
C SER J 130 15.21 19.78 -10.37
N ALA J 131 15.22 18.57 -9.81
CA ALA J 131 14.02 17.77 -9.74
C ALA J 131 13.02 18.50 -8.82
N PRO J 132 11.77 18.71 -9.28
CA PRO J 132 10.79 19.44 -8.48
C PRO J 132 10.26 18.64 -7.30
N SER J 133 9.36 19.25 -6.54
CA SER J 133 8.69 18.57 -5.44
C SER J 133 7.79 17.47 -6.00
N LEU J 134 7.53 16.46 -5.18
CA LEU J 134 6.57 15.42 -5.52
C LEU J 134 5.18 16.04 -5.66
N GLN J 135 4.89 16.99 -4.78
CA GLN J 135 3.61 17.69 -4.78
C GLN J 135 3.35 18.38 -6.10
N HIS J 136 4.40 18.95 -6.70
CA HIS J 136 4.27 19.56 -8.02
C HIS J 136 4.04 18.50 -9.11
N LEU J 137 4.80 17.39 -9.06
CA LEU J 137 4.69 16.33 -10.05
C LEU J 137 3.27 15.73 -10.10
N CYS J 138 2.66 15.58 -8.93
CA CYS J 138 1.28 15.09 -8.83
C CYS J 138 0.33 16.11 -9.44
N ARG J 139 0.61 17.39 -9.20
CA ARG J 139 -0.17 18.49 -9.78
C ARG J 139 -0.21 18.42 -11.31
N LEU J 140 0.90 18.06 -11.94
CA LEU J 140 0.95 17.89 -13.39
C LEU J 140 0.14 16.68 -13.89
N THR J 141 0.25 15.56 -13.18
CA THR J 141 -0.47 14.35 -13.56
C THR J 141 -1.96 14.58 -13.37
N ILE J 142 -2.32 15.32 -12.32
CA ILE J 142 -3.72 15.62 -12.04
C ILE J 142 -4.27 16.58 -13.09
N ASN J 143 -3.51 17.62 -13.41
CA ASN J 143 -3.91 18.57 -14.43
C ASN J 143 -3.94 17.99 -15.86
N LYS J 144 -3.14 16.94 -16.10
CA LYS J 144 -3.18 16.24 -17.38
C LYS J 144 -4.45 15.40 -17.55
N CYS J 145 -5.09 15.07 -16.42
CA CYS J 145 -6.32 14.28 -16.39
C CYS J 145 -7.59 15.12 -16.34
N THR J 146 -7.60 16.14 -15.48
CA THR J 146 -8.83 16.91 -15.23
C THR J 146 -8.56 18.40 -15.03
N GLY J 147 -9.59 19.20 -15.29
CA GLY J 147 -9.57 20.64 -15.01
C GLY J 147 -10.70 21.05 -14.09
N ALA J 148 -11.21 20.11 -13.31
CA ALA J 148 -12.32 20.35 -12.39
C ALA J 148 -11.90 20.06 -10.97
N ILE J 149 -11.14 20.97 -10.38
CA ILE J 149 -10.54 20.76 -9.05
C ILE J 149 -11.61 20.67 -7.97
N TRP J 150 -12.65 21.49 -8.10
CA TRP J 150 -13.78 21.48 -7.18
C TRP J 150 -14.42 20.09 -7.03
N GLY J 151 -14.40 19.30 -8.11
CA GLY J 151 -14.98 17.96 -8.12
C GLY J 151 -13.94 16.86 -7.99
N LEU J 152 -13.13 16.93 -6.95
CA LEU J 152 -12.16 15.88 -6.61
C LEU J 152 -12.25 15.61 -5.11
N PRO J 153 -12.03 14.34 -4.70
CA PRO J 153 -12.07 14.00 -3.27
C PRO J 153 -10.82 14.48 -2.54
N LEU J 154 -10.72 15.79 -2.36
CA LEU J 154 -9.52 16.43 -1.80
C LEU J 154 -9.90 17.55 -0.83
N PRO J 155 -9.14 17.70 0.26
CA PRO J 155 -9.43 18.78 1.21
C PRO J 155 -9.09 20.15 0.60
N THR J 156 -9.72 21.19 1.13
CA THR J 156 -9.64 22.55 0.57
C THR J 156 -8.20 23.03 0.35
N ARG J 157 -7.31 22.70 1.29
CA ARG J 157 -5.90 23.07 1.19
C ARG J 157 -5.29 22.60 -0.14
N LEU J 158 -5.52 21.33 -0.47
CA LEU J 158 -4.96 20.72 -1.68
C LEU J 158 -5.71 21.13 -2.95
N LYS J 159 -7.02 21.36 -2.82
CA LYS J 159 -7.81 21.93 -3.92
C LYS J 159 -7.30 23.35 -4.23
N ASP J 160 -6.96 24.10 -3.19
CA ASP J 160 -6.31 25.40 -3.34
C ASP J 160 -4.95 25.27 -3.99
N TYR J 161 -4.12 24.35 -3.48
CA TYR J 161 -2.79 24.14 -4.01
C TYR J 161 -2.81 23.96 -5.53
N LEU J 162 -3.71 23.11 -6.01
CA LEU J 162 -3.81 22.80 -7.43
C LEU J 162 -4.19 24.01 -8.27
N GLU J 163 -5.00 24.90 -7.71
CA GLU J 163 -5.44 26.11 -8.41
C GLU J 163 -4.30 27.07 -8.73
N GLU J 164 -3.24 27.06 -7.91
CA GLU J 164 -2.07 27.90 -8.14
C GLU J 164 -1.36 27.57 -9.45
N TYR J 165 -1.44 26.32 -9.90
CA TYR J 165 -0.74 25.87 -11.11
C TYR J 165 -1.61 24.92 -11.93
N LYS J 166 -2.29 25.47 -12.94
CA LYS J 166 -3.27 24.73 -13.73
C LYS J 166 -2.71 24.10 -15.01
N PHE J 167 -1.42 24.22 -15.26
CA PHE J 167 -0.87 23.86 -16.57
C PHE J 167 -0.36 22.43 -16.54
N GLN J 168 -0.40 21.77 -17.69
CA GLN J 168 -0.08 20.34 -17.80
C GLN J 168 1.41 20.03 -17.88
N VAL J 169 2.27 21.03 -17.65
CA VAL J 169 3.70 20.86 -17.85
C VAL J 169 4.49 21.84 -16.99
N ASP K 2 26.08 2.76 -12.01
CA ASP K 2 25.24 2.55 -10.79
C ASP K 2 23.89 1.92 -11.12
N VAL K 3 23.18 1.46 -10.09
CA VAL K 3 21.88 0.80 -10.25
C VAL K 3 21.06 0.87 -8.97
N PHE K 4 19.73 0.92 -9.11
CA PHE K 4 18.82 1.19 -7.99
C PHE K 4 17.74 0.12 -7.94
N LEU K 5 17.42 -0.36 -6.74
CA LEU K 5 16.49 -1.47 -6.64
C LEU K 5 15.79 -1.65 -5.29
N MET K 6 14.67 -2.35 -5.34
CA MET K 6 13.94 -2.82 -4.17
C MET K 6 14.30 -4.29 -3.96
N ILE K 7 14.54 -4.65 -2.70
CA ILE K 7 14.74 -6.05 -2.31
C ILE K 7 13.56 -6.41 -1.43
N ARG K 8 12.83 -7.45 -1.78
CA ARG K 8 11.52 -7.70 -1.15
C ARG K 8 11.26 -9.13 -0.69
N ARG K 9 10.87 -9.23 0.58
CA ARG K 9 10.42 -10.46 1.21
C ARG K 9 9.18 -10.16 2.04
N HIS K 10 8.11 -10.90 1.81
CA HIS K 10 6.88 -10.79 2.61
C HIS K 10 6.33 -9.35 2.58
N LYS K 11 6.44 -8.61 3.69
CA LYS K 11 6.00 -7.21 3.74
C LYS K 11 7.17 -6.24 3.95
N THR K 12 8.40 -6.78 3.91
CA THR K 12 9.60 -5.97 3.97
C THR K 12 9.95 -5.54 2.56
N THR K 13 10.50 -4.34 2.42
CA THR K 13 10.98 -3.80 1.15
C THR K 13 12.18 -2.87 1.38
N ILE K 14 13.35 -3.24 0.88
CA ILE K 14 14.58 -2.45 1.07
C ILE K 14 14.97 -1.66 -0.20
N PHE K 15 15.18 -0.35 -0.05
CA PHE K 15 15.68 0.51 -1.12
C PHE K 15 17.16 0.78 -0.93
N THR K 16 17.97 0.42 -1.93
CA THR K 16 19.41 0.68 -1.89
C THR K 16 19.96 0.73 -3.30
N ASP K 17 20.81 1.72 -3.56
CA ASP K 17 21.53 1.78 -4.84
C ASP K 17 22.60 0.69 -4.85
N ALA K 18 23.33 0.59 -5.95
CA ALA K 18 24.35 -0.44 -6.10
C ALA K 18 25.27 -0.09 -7.29
N LYS K 19 26.16 -1.01 -7.63
CA LYS K 19 26.99 -0.88 -8.82
C LYS K 19 26.52 -1.91 -9.85
N GLU K 20 26.65 -1.57 -11.13
CA GLU K 20 26.23 -2.47 -12.21
C GLU K 20 27.09 -3.74 -12.30
N SER K 21 28.30 -3.71 -11.75
CA SER K 21 29.23 -4.84 -11.77
C SER K 21 29.43 -5.51 -10.41
N SER K 22 28.83 -4.98 -9.35
CA SER K 22 28.91 -5.61 -8.02
C SER K 22 28.22 -6.98 -8.03
N THR K 23 28.76 -7.92 -7.26
CA THR K 23 28.27 -9.31 -7.32
C THR K 23 27.02 -9.52 -6.49
N VAL K 24 26.29 -10.58 -6.81
CA VAL K 24 25.11 -10.97 -6.05
C VAL K 24 25.50 -11.32 -4.63
N PHE K 25 26.63 -12.00 -4.47
CA PHE K 25 27.17 -12.32 -3.15
C PHE K 25 27.34 -11.06 -2.31
N GLU K 26 27.96 -10.04 -2.91
CA GLU K 26 28.13 -8.74 -2.26
C GLU K 26 26.79 -8.12 -1.89
N LEU K 27 25.80 -8.27 -2.76
CA LEU K 27 24.44 -7.77 -2.49
C LEU K 27 23.76 -8.50 -1.34
N LYS K 28 23.98 -9.81 -1.20
CA LYS K 28 23.52 -10.55 -0.02
C LYS K 28 24.21 -10.05 1.25
N ARG K 29 25.49 -9.68 1.12
CA ARG K 29 26.28 -9.10 2.22
C ARG K 29 25.75 -7.73 2.67
N ILE K 30 25.09 -7.01 1.78
CA ILE K 30 24.40 -5.76 2.13
C ILE K 30 23.11 -6.06 2.91
N VAL K 31 22.35 -7.04 2.44
CA VAL K 31 21.09 -7.44 3.08
C VAL K 31 21.33 -8.06 4.46
N GLU K 32 22.47 -8.74 4.61
CA GLU K 32 22.93 -9.21 5.92
C GLU K 32 23.06 -8.03 6.88
N GLY K 33 23.71 -6.96 6.41
CA GLY K 33 23.88 -5.75 7.21
C GLY K 33 22.56 -5.26 7.78
N ILE K 34 21.55 -5.22 6.93
CA ILE K 34 20.26 -4.64 7.29
C ILE K 34 19.34 -5.63 8.01
N LEU K 35 19.25 -6.85 7.50
CA LEU K 35 18.29 -7.85 8.04
C LEU K 35 18.91 -8.92 8.96
N LYS K 36 20.24 -8.97 9.01
CA LYS K 36 20.96 -9.85 9.92
C LYS K 36 20.68 -11.34 9.66
N ARG K 37 20.89 -11.75 8.41
CA ARG K 37 20.86 -13.17 8.02
C ARG K 37 21.97 -13.42 7.00
N PRO K 38 22.89 -14.36 7.30
CA PRO K 38 24.10 -14.51 6.50
C PRO K 38 23.82 -14.88 5.04
N PRO K 39 24.78 -14.62 4.14
CA PRO K 39 24.63 -14.92 2.71
C PRO K 39 24.12 -16.32 2.39
N ASP K 40 24.72 -17.36 3.00
CA ASP K 40 24.32 -18.73 2.71
C ASP K 40 22.90 -19.09 3.18
N GLU K 41 22.29 -18.21 3.98
CA GLU K 41 20.86 -18.34 4.35
C GLU K 41 19.93 -17.41 3.53
N GLN K 42 20.35 -17.08 2.31
CA GLN K 42 19.58 -16.17 1.45
C GLN K 42 19.49 -16.67 0.02
N ARG K 43 18.34 -16.42 -0.60
CA ARG K 43 18.13 -16.71 -2.02
C ARG K 43 17.53 -15.51 -2.77
N LEU K 44 18.32 -14.91 -3.64
CA LEU K 44 17.89 -13.73 -4.38
C LEU K 44 17.31 -14.11 -5.73
N TYR K 45 16.17 -13.52 -6.07
CA TYR K 45 15.45 -13.88 -7.29
C TYR K 45 15.18 -12.65 -8.13
N LYS K 46 15.34 -12.81 -9.45
CA LYS K 46 14.78 -11.88 -10.41
C LYS K 46 13.55 -12.61 -10.97
N ASP K 47 12.37 -12.15 -10.55
CA ASP K 47 11.11 -12.87 -10.77
C ASP K 47 11.21 -14.28 -10.14
N ASP K 48 10.94 -15.33 -10.92
CA ASP K 48 11.02 -16.70 -10.43
C ASP K 48 12.47 -17.21 -10.43
N GLN K 49 13.31 -16.63 -11.28
CA GLN K 49 14.68 -17.09 -11.51
C GLN K 49 15.64 -16.79 -10.35
N LEU K 50 16.31 -17.83 -9.86
CA LEU K 50 17.28 -17.71 -8.77
C LEU K 50 18.61 -17.13 -9.27
N LEU K 51 19.16 -16.17 -8.54
CA LEU K 51 20.41 -15.53 -8.93
C LEU K 51 21.63 -16.20 -8.29
N ASP K 52 22.74 -16.26 -9.03
CA ASP K 52 23.99 -16.89 -8.56
C ASP K 52 24.89 -15.88 -7.85
N ASP K 53 25.58 -16.34 -6.82
CA ASP K 53 26.39 -15.46 -5.98
C ASP K 53 27.56 -14.82 -6.72
N GLY K 54 28.12 -15.55 -7.69
CA GLY K 54 29.26 -15.07 -8.46
C GLY K 54 28.92 -14.06 -9.55
N LYS K 55 27.72 -14.16 -10.11
CA LYS K 55 27.32 -13.29 -11.21
C LYS K 55 27.24 -11.81 -10.80
N THR K 56 27.59 -10.93 -11.74
CA THR K 56 27.43 -9.48 -11.54
C THR K 56 25.97 -9.10 -11.71
N LEU K 57 25.54 -8.05 -11.02
CA LEU K 57 24.17 -7.55 -11.15
C LEU K 57 23.83 -7.32 -12.62
N GLY K 58 24.81 -6.81 -13.37
CA GLY K 58 24.69 -6.65 -14.82
C GLY K 58 24.65 -7.98 -15.56
N GLU K 59 25.44 -8.96 -15.11
CA GLU K 59 25.35 -10.33 -15.64
C GLU K 59 23.96 -10.93 -15.43
N CYS K 60 23.31 -10.54 -14.33
CA CYS K 60 21.92 -10.95 -14.07
C CYS K 60 20.91 -10.21 -14.95
N GLY K 61 21.17 -8.93 -15.22
CA GLY K 61 20.26 -8.10 -16.01
C GLY K 61 19.71 -6.89 -15.28
N PHE K 62 20.50 -6.33 -14.37
CA PHE K 62 20.14 -5.14 -13.62
C PHE K 62 21.00 -3.96 -14.07
N THR K 63 20.81 -3.55 -15.31
CA THR K 63 21.53 -2.41 -15.88
C THR K 63 21.09 -1.11 -15.24
N SER K 64 21.88 -0.06 -15.45
CA SER K 64 21.47 1.30 -15.13
C SER K 64 20.23 1.67 -15.95
N GLN K 65 20.20 1.21 -17.20
CA GLN K 65 19.10 1.49 -18.13
C GLN K 65 17.78 0.81 -17.76
N THR K 66 17.83 -0.27 -16.98
CA THR K 66 16.61 -1.02 -16.61
C THR K 66 16.30 -1.00 -15.10
N ALA K 67 17.03 -0.20 -14.33
CA ALA K 67 16.79 -0.08 -12.88
C ALA K 67 17.18 1.31 -12.40
N ARG K 68 16.28 2.26 -12.65
CA ARG K 68 16.48 3.67 -12.33
C ARG K 68 16.01 3.96 -10.89
N PRO K 69 16.27 5.18 -10.39
CA PRO K 69 15.82 5.56 -9.05
C PRO K 69 14.30 5.65 -8.94
N GLN K 70 13.68 6.25 -9.95
CA GLN K 70 12.22 6.41 -10.01
C GLN K 70 11.51 5.10 -10.27
N ALA K 71 12.20 4.17 -10.94
CA ALA K 71 11.63 2.88 -11.28
C ALA K 71 12.63 1.76 -10.99
N PRO K 72 12.86 1.48 -9.70
CA PRO K 72 13.84 0.47 -9.30
C PRO K 72 13.32 -0.94 -9.54
N ALA K 73 14.22 -1.90 -9.72
CA ALA K 73 13.86 -3.29 -10.02
C ALA K 73 13.70 -4.12 -8.74
N THR K 74 12.68 -4.98 -8.72
CA THR K 74 12.43 -5.83 -7.55
C THR K 74 13.38 -7.00 -7.51
N VAL K 75 13.89 -7.29 -6.31
CA VAL K 75 14.73 -8.46 -6.04
C VAL K 75 14.04 -9.34 -5.00
N GLY K 76 13.64 -10.54 -5.41
CA GLY K 76 12.98 -11.46 -4.51
C GLY K 76 13.94 -11.97 -3.48
N LEU K 77 13.48 -12.08 -2.23
CA LEU K 77 14.32 -12.55 -1.14
C LEU K 77 13.59 -13.62 -0.31
N ALA K 78 14.16 -14.81 -0.28
CA ALA K 78 13.66 -15.89 0.56
C ALA K 78 14.76 -16.26 1.55
N PHE K 79 14.41 -16.31 2.83
CA PHE K 79 15.35 -16.74 3.86
C PHE K 79 15.39 -18.26 3.95
N ARG K 80 16.45 -18.78 4.59
CA ARG K 80 16.45 -20.16 5.04
C ARG K 80 15.28 -20.34 6.00
N ALA K 81 14.70 -21.54 6.01
CA ALA K 81 13.63 -21.89 6.95
C ALA K 81 13.83 -23.32 7.45
N ASP K 82 14.51 -23.45 8.59
CA ASP K 82 14.83 -24.76 9.18
C ASP K 82 15.69 -25.56 8.19
N ASP K 83 15.26 -26.76 7.81
CA ASP K 83 16.07 -27.67 6.98
C ASP K 83 16.03 -27.34 5.48
N THR K 84 15.41 -26.22 5.11
CA THR K 84 15.29 -25.87 3.71
C THR K 84 15.04 -24.35 3.53
N PHE K 85 14.88 -23.93 2.28
CA PHE K 85 14.53 -22.55 1.97
C PHE K 85 13.02 -22.36 1.87
N GLU K 86 12.52 -21.27 2.44
CA GLU K 86 11.10 -20.96 2.45
C GLU K 86 10.60 -20.66 1.05
N ALA K 87 9.29 -20.74 0.88
CA ALA K 87 8.65 -20.30 -0.35
C ALA K 87 8.91 -18.81 -0.55
N LEU K 88 9.53 -18.46 -1.68
CA LEU K 88 9.71 -17.07 -2.11
C LEU K 88 8.37 -16.34 -2.11
N CAS K 89 8.27 -15.29 -1.32
CA CAS K 89 7.01 -14.57 -1.16
CB CAS K 89 6.34 -15.05 0.12
C CAS K 89 7.18 -13.09 -1.12
O CAS K 89 7.94 -12.55 -0.30
SG CAS K 89 4.60 -15.03 -0.13
AS CAS K 89 4.00 -13.60 1.47
CE1 CAS K 89 2.03 -13.36 1.36
CE2 CAS K 89 4.47 -14.38 3.24
N ILE K 90 6.46 -12.39 -1.99
CA ILE K 90 6.41 -10.94 -2.03
C ILE K 90 4.95 -10.53 -1.94
N GLU K 91 4.54 -10.00 -0.78
CA GLU K 91 3.15 -9.61 -0.59
C GLU K 91 2.82 -8.30 -1.31
N PRO K 92 1.80 -8.31 -2.19
CA PRO K 92 1.42 -7.11 -2.93
C PRO K 92 1.10 -5.91 -2.05
N PHE K 93 1.38 -4.71 -2.54
CA PHE K 93 1.01 -3.47 -1.84
C PHE K 93 -0.49 -3.27 -1.94
N SER K 94 -0.99 -2.32 -1.16
CA SER K 94 -2.40 -1.98 -1.19
C SER K 94 -2.88 -1.62 -2.61
N SER K 95 -4.19 -1.72 -2.82
CA SER K 95 -4.77 -1.41 -4.11
C SER K 95 -5.18 0.04 -4.14
N PRO K 96 -4.86 0.75 -5.25
CA PRO K 96 -5.36 2.11 -5.39
C PRO K 96 -6.86 2.10 -5.66
N PRO K 97 -7.60 3.06 -5.09
CA PRO K 97 -9.03 3.14 -5.39
C PRO K 97 -9.29 3.37 -6.88
N GLU K 98 -10.51 3.06 -7.33
CA GLU K 98 -10.88 3.27 -8.73
C GLU K 98 -10.82 4.75 -9.07
N LEU K 99 -10.32 5.07 -10.27
CA LEU K 99 -10.24 6.45 -10.75
C LEU K 99 -11.60 7.16 -10.65
N PRO K 100 -11.65 8.31 -9.96
CA PRO K 100 -12.85 9.15 -9.97
C PRO K 100 -13.28 9.58 -11.39
N ASP K 101 -14.53 10.01 -11.52
CA ASP K 101 -15.19 10.17 -12.82
C ASP K 101 -14.59 11.24 -13.75
N VAL K 102 -13.91 12.24 -13.19
CA VAL K 102 -13.27 13.29 -14.02
C VAL K 102 -11.92 12.86 -14.59
N MET K 103 -11.22 11.96 -13.90
CA MET K 103 -9.88 11.55 -14.30
C MET K 103 -9.93 10.31 -15.18
N MET L 1 23.04 4.21 12.50
CA MET L 1 21.75 4.75 11.98
C MET L 1 21.83 5.03 10.47
N MET L 2 22.39 4.07 9.73
CA MET L 2 22.61 4.21 8.29
C MET L 2 21.29 4.17 7.53
N TYR L 3 20.32 3.42 8.06
CA TYR L 3 18.99 3.29 7.47
C TYR L 3 17.90 3.69 8.46
N VAL L 4 16.66 3.69 7.97
CA VAL L 4 15.48 3.95 8.79
C VAL L 4 14.31 3.11 8.26
N LYS L 5 13.38 2.75 9.15
CA LYS L 5 12.22 1.94 8.79
C LYS L 5 10.96 2.80 8.64
N LEU L 6 10.26 2.66 7.51
CA LEU L 6 8.98 3.31 7.27
C LEU L 6 7.86 2.28 7.11
N ILE L 7 6.95 2.23 8.09
CA ILE L 7 5.83 1.28 8.03
C ILE L 7 4.60 1.96 7.45
N SER L 8 3.98 1.30 6.47
CA SER L 8 2.74 1.79 5.87
C SER L 8 1.57 1.67 6.82
N SER L 9 0.40 2.14 6.40
CA SER L 9 -0.83 1.90 7.12
C SER L 9 -1.22 0.43 6.98
N ASP L 10 -0.85 -0.16 5.84
CA ASP L 10 -1.09 -1.58 5.56
C ASP L 10 -0.03 -2.52 6.20
N GLY L 11 0.83 -1.99 7.07
CA GLY L 11 1.85 -2.80 7.74
C GLY L 11 3.06 -3.14 6.89
N HIS L 12 3.23 -2.47 5.75
CA HIS L 12 4.37 -2.72 4.86
C HIS L 12 5.61 -1.97 5.34
N GLU L 13 6.62 -2.72 5.79
CA GLU L 13 7.87 -2.13 6.25
C GLU L 13 8.78 -1.81 5.07
N PHE L 14 9.21 -0.55 4.99
CA PHE L 14 10.09 -0.07 3.93
C PHE L 14 11.38 0.44 4.55
N ILE L 15 12.52 -0.07 4.10
CA ILE L 15 13.80 0.34 4.66
C ILE L 15 14.61 1.18 3.67
N VAL L 16 14.83 2.45 4.01
CA VAL L 16 15.60 3.40 3.17
C VAL L 16 16.75 4.02 3.95
N LYS L 17 17.73 4.55 3.23
CA LYS L 17 18.89 5.18 3.85
C LYS L 17 18.45 6.46 4.57
N ARG L 18 19.15 6.83 5.64
CA ARG L 18 18.76 8.00 6.45
C ARG L 18 18.69 9.26 5.59
N GLU L 19 19.78 9.52 4.87
CA GLU L 19 19.88 10.67 3.95
C GLU L 19 18.72 10.75 2.96
N HIS L 20 18.37 9.61 2.35
CA HIS L 20 17.28 9.55 1.38
C HIS L 20 15.93 9.89 2.01
N ALA L 21 15.68 9.38 3.22
CA ALA L 21 14.47 9.72 3.96
C ALA L 21 14.48 11.18 4.38
N LEU L 22 15.65 11.69 4.72
CA LEU L 22 15.83 13.10 5.10
C LEU L 22 15.25 14.08 4.07
N THR L 23 15.06 13.63 2.83
CA THR L 23 14.38 14.41 1.79
C THR L 23 13.01 14.94 2.27
N SER L 24 12.26 14.11 2.98
CA SER L 24 11.01 14.55 3.61
C SER L 24 11.29 15.47 4.79
N GLY L 25 10.78 16.71 4.71
CA GLY L 25 10.94 17.69 5.78
C GLY L 25 10.30 17.26 7.08
N THR L 26 9.17 16.57 7.00
CA THR L 26 8.51 16.01 8.17
C THR L 26 9.42 14.98 8.82
N ILE L 27 10.03 14.13 7.99
CA ILE L 27 10.95 13.10 8.49
C ILE L 27 12.24 13.74 9.05
N LYS L 28 12.71 14.82 8.41
CA LYS L 28 13.91 15.53 8.87
C LYS L 28 13.81 16.11 10.28
N ALA L 29 12.59 16.28 10.78
CA ALA L 29 12.36 16.70 12.17
C ALA L 29 12.58 15.55 13.18
N MET L 30 12.11 14.35 12.86
CA MET L 30 12.28 13.20 13.74
C MET L 30 13.65 12.55 13.54
N GLU L 44 12.94 3.98 12.96
CA GLU L 44 11.60 3.43 12.77
C GLU L 44 10.55 4.53 12.88
N VAL L 45 9.78 4.73 11.81
CA VAL L 45 8.70 5.72 11.79
C VAL L 45 7.44 5.14 11.13
N ASN L 46 6.36 5.07 11.90
CA ASN L 46 5.10 4.50 11.45
C ASN L 46 4.18 5.55 10.83
N PHE L 47 3.37 5.14 9.85
CA PHE L 47 2.37 6.01 9.24
C PHE L 47 1.02 5.31 9.17
N ARG L 48 0.15 5.65 10.10
CA ARG L 48 -1.19 5.07 10.16
C ARG L 48 -2.10 5.57 9.02
N GLU L 49 -1.76 6.72 8.45
CA GLU L 49 -2.57 7.30 7.39
C GLU L 49 -2.17 6.80 5.99
N ILE L 50 -0.87 6.71 5.74
CA ILE L 50 -0.35 6.47 4.38
C ILE L 50 -0.21 4.98 4.06
N PRO L 51 -0.94 4.49 3.04
CA PRO L 51 -0.89 3.07 2.70
C PRO L 51 0.33 2.67 1.89
N SER L 52 0.47 1.38 1.65
CA SER L 52 1.68 0.81 1.05
C SER L 52 1.93 1.32 -0.37
N HIS L 53 0.93 1.20 -1.24
CA HIS L 53 1.06 1.58 -2.64
C HIS L 53 1.41 3.07 -2.88
N VAL L 54 1.18 3.91 -1.86
CA VAL L 54 1.58 5.31 -1.89
C VAL L 54 2.99 5.47 -1.29
N LEU L 55 3.21 4.88 -0.11
CA LEU L 55 4.49 5.03 0.59
C LEU L 55 5.67 4.44 -0.19
N SER L 56 5.42 3.39 -0.97
CA SER L 56 6.43 2.84 -1.86
C SER L 56 6.83 3.88 -2.91
N LYS L 57 5.83 4.55 -3.48
CA LYS L 57 6.08 5.56 -4.51
C LYS L 57 6.82 6.78 -3.94
N VAL L 58 6.49 7.15 -2.71
CA VAL L 58 7.21 8.18 -1.97
C VAL L 58 8.70 7.85 -1.85
N CYS L 59 9.01 6.60 -1.52
CA CYS L 59 10.39 6.18 -1.39
C CYS L 59 11.17 6.32 -2.71
N MET L 60 10.53 6.00 -3.83
CA MET L 60 11.13 6.13 -5.15
C MET L 60 11.48 7.59 -5.46
N TYR L 61 10.65 8.52 -4.98
CA TYR L 61 10.93 9.94 -5.14
C TYR L 61 12.14 10.37 -4.31
N PHE L 62 12.34 9.75 -3.14
CA PHE L 62 13.55 10.01 -2.36
C PHE L 62 14.77 9.63 -3.18
N THR L 63 14.78 8.41 -3.70
CA THR L 63 15.88 7.93 -4.53
C THR L 63 16.10 8.86 -5.70
N TYR L 64 14.98 9.29 -6.30
CA TYR L 64 14.96 10.22 -7.42
C TYR L 64 15.52 11.60 -7.05
N LYS L 65 15.03 12.16 -5.93
CA LYS L 65 15.41 13.49 -5.48
C LYS L 65 16.87 13.59 -5.10
N VAL L 66 17.34 12.66 -4.26
CA VAL L 66 18.73 12.65 -3.83
C VAL L 66 19.66 12.46 -5.02
N ARG L 67 19.30 11.53 -5.91
CA ARG L 67 20.15 11.16 -7.03
C ARG L 67 20.44 12.34 -7.95
N TYR L 68 19.45 13.20 -8.13
CA TYR L 68 19.61 14.37 -9.01
C TYR L 68 19.59 15.70 -8.24
N THR L 69 20.24 15.71 -7.07
CA THR L 69 20.60 16.95 -6.40
C THR L 69 21.89 17.42 -7.04
N ASN L 70 21.97 18.70 -7.38
CA ASN L 70 23.09 19.24 -8.17
C ASN L 70 23.22 18.48 -9.49
N SER L 71 22.08 18.21 -10.13
CA SER L 71 22.01 17.36 -11.32
C SER L 71 22.77 17.94 -12.51
N SER L 72 23.98 17.42 -12.74
CA SER L 72 24.81 17.81 -13.88
C SER L 72 24.22 17.30 -15.19
N THR L 73 23.73 16.07 -15.17
CA THR L 73 23.13 15.43 -16.35
C THR L 73 21.60 15.52 -16.32
N GLU L 74 21.01 15.31 -17.49
CA GLU L 74 19.57 15.52 -17.73
C GLU L 74 18.64 14.73 -16.80
N ILE L 75 17.92 15.45 -15.92
CA ILE L 75 16.93 14.84 -15.02
C ILE L 75 15.76 14.25 -15.81
N PRO L 76 15.53 12.93 -15.68
CA PRO L 76 14.43 12.23 -16.36
C PRO L 76 13.11 12.32 -15.60
N GLU L 77 12.01 11.95 -16.26
CA GLU L 77 10.67 12.09 -15.66
C GLU L 77 10.42 11.02 -14.60
N PHE L 78 9.82 11.45 -13.49
CA PHE L 78 9.36 10.57 -12.42
C PHE L 78 7.89 10.22 -12.67
N PRO L 79 7.60 8.98 -13.11
CA PRO L 79 6.24 8.69 -13.56
C PRO L 79 5.26 8.39 -12.43
N ILE L 80 4.12 9.08 -12.45
CA ILE L 80 3.06 8.87 -11.47
C ILE L 80 1.85 8.31 -12.21
N ALA L 81 1.21 7.30 -11.61
CA ALA L 81 -0.03 6.75 -12.16
C ALA L 81 -1.21 7.63 -11.73
N PRO L 82 -2.15 7.90 -12.67
CA PRO L 82 -3.34 8.70 -12.33
C PRO L 82 -4.17 8.20 -11.14
N GLU L 83 -4.02 6.92 -10.80
CA GLU L 83 -4.82 6.31 -9.73
C GLU L 83 -4.27 6.65 -8.36
N ILE L 84 -2.95 6.82 -8.29
CA ILE L 84 -2.28 7.10 -7.02
C ILE L 84 -2.10 8.59 -6.75
N ALA L 85 -2.12 9.40 -7.82
CA ALA L 85 -1.83 10.84 -7.75
C ALA L 85 -2.49 11.55 -6.57
N LEU L 86 -3.78 11.29 -6.39
CA LEU L 86 -4.58 11.95 -5.35
C LEU L 86 -4.04 11.66 -3.96
N GLU L 87 -3.60 10.42 -3.75
CA GLU L 87 -3.10 10.00 -2.45
C GLU L 87 -1.66 10.45 -2.25
N LEU L 88 -0.85 10.25 -3.29
CA LEU L 88 0.56 10.65 -3.28
C LEU L 88 0.73 12.15 -3.07
N LEU L 89 -0.27 12.93 -3.49
CA LEU L 89 -0.32 14.36 -3.19
C LEU L 89 -0.55 14.58 -1.69
N MET L 90 -1.59 13.95 -1.14
CA MET L 90 -1.87 14.06 0.30
C MET L 90 -0.68 13.64 1.15
N ALA L 91 0.09 12.67 0.65
CA ALA L 91 1.29 12.19 1.33
C ALA L 91 2.44 13.19 1.20
N ALA L 92 2.70 13.63 -0.02
CA ALA L 92 3.80 14.56 -0.31
C ALA L 92 3.63 15.92 0.38
N ASN L 93 2.38 16.34 0.56
CA ASN L 93 2.07 17.55 1.32
C ASN L 93 2.25 17.30 2.81
N PHE L 94 1.83 16.13 3.28
CA PHE L 94 2.00 15.75 4.68
C PHE L 94 3.48 15.61 5.02
N LEU L 95 4.25 15.04 4.10
CA LEU L 95 5.67 14.72 4.37
C LEU L 95 6.62 15.88 4.08
N ASP L 96 6.13 16.92 3.42
CA ASP L 96 6.93 18.09 3.08
C ASP L 96 8.04 17.74 2.08
N CYS L 97 7.64 17.19 0.92
CA CYS L 97 8.60 16.89 -0.15
C CYS L 97 7.99 17.00 -1.55
N GLN M 3 -20.96 -43.53 -49.33
CA GLN M 3 -22.29 -43.18 -48.77
C GLN M 3 -22.16 -42.22 -47.61
N ALA M 4 -21.43 -42.61 -46.56
CA ALA M 4 -21.25 -41.72 -45.40
C ALA M 4 -20.42 -40.49 -45.80
N ALA M 5 -19.36 -40.71 -46.58
CA ALA M 5 -18.54 -39.62 -47.08
C ALA M 5 -19.40 -38.58 -47.83
N ARG M 6 -20.37 -39.08 -48.60
CA ARG M 6 -21.28 -38.21 -49.35
C ARG M 6 -22.26 -37.51 -48.42
N LEU M 7 -22.78 -38.23 -47.44
CA LEU M 7 -23.69 -37.60 -46.47
C LEU M 7 -22.97 -36.58 -45.58
N ALA M 8 -21.81 -36.99 -45.04
CA ALA M 8 -20.88 -36.09 -44.36
C ALA M 8 -20.66 -34.77 -45.10
N LYS M 9 -20.34 -34.85 -46.38
CA LYS M 9 -20.06 -33.68 -47.20
C LYS M 9 -21.31 -32.82 -47.45
N ALA M 10 -22.46 -33.47 -47.58
CA ALA M 10 -23.70 -32.74 -47.84
C ALA M 10 -24.07 -31.92 -46.62
N LEU M 11 -23.96 -32.54 -45.46
CA LEU M 11 -24.20 -31.89 -44.16
C LEU M 11 -23.18 -30.82 -43.82
N ARG M 12 -21.94 -30.99 -44.28
CA ARG M 12 -20.87 -30.03 -44.04
C ARG M 12 -21.19 -28.71 -44.73
N GLU M 13 -21.56 -28.81 -46.01
CA GLU M 13 -22.05 -27.67 -46.81
C GLU M 13 -23.28 -27.05 -46.19
N LEU M 14 -24.11 -27.89 -45.58
CA LEU M 14 -25.34 -27.44 -44.97
C LEU M 14 -25.05 -26.55 -43.76
N GLY M 15 -24.02 -26.92 -43.00
CA GLY M 15 -23.55 -26.08 -41.89
C GLY M 15 -23.03 -24.72 -42.34
N GLN M 16 -22.49 -24.67 -43.55
CA GLN M 16 -21.98 -23.43 -44.09
C GLN M 16 -23.07 -22.44 -44.48
N THR M 17 -24.32 -22.89 -44.55
CA THR M 17 -25.41 -22.05 -45.05
C THR M 17 -25.82 -21.04 -43.99
N GLY M 18 -25.97 -21.50 -42.76
CA GLY M 18 -26.47 -20.67 -41.70
C GLY M 18 -27.98 -20.69 -41.60
N TRP M 19 -28.65 -21.54 -42.39
CA TRP M 19 -30.08 -21.78 -42.22
C TRP M 19 -30.41 -23.26 -42.02
N TYR M 20 -29.41 -24.01 -41.55
CA TYR M 20 -29.63 -25.40 -41.17
C TYR M 20 -29.66 -25.49 -39.65
N TRP M 21 -30.76 -26.02 -39.10
CA TRP M 21 -31.06 -25.87 -37.69
C TRP M 21 -30.88 -27.15 -36.89
N GLY M 22 -30.08 -28.08 -37.42
CA GLY M 22 -29.77 -29.32 -36.70
C GLY M 22 -31.02 -29.99 -36.20
N SER M 23 -31.02 -30.40 -34.93
CA SER M 23 -32.11 -31.21 -34.38
C SER M 23 -33.28 -30.35 -33.91
N MET M 24 -33.71 -29.44 -34.75
CA MET M 24 -34.87 -28.62 -34.49
C MET M 24 -36.10 -29.52 -34.57
N THR M 25 -37.07 -29.30 -33.70
CA THR M 25 -38.30 -30.09 -33.71
C THR M 25 -39.39 -29.40 -34.53
N VAL M 26 -40.53 -30.08 -34.65
CA VAL M 26 -41.62 -29.65 -35.51
C VAL M 26 -42.32 -28.42 -34.97
N ASN M 27 -42.74 -28.49 -33.72
CA ASN M 27 -43.35 -27.31 -33.11
C ASN M 27 -42.37 -26.16 -33.07
N GLU M 28 -41.12 -26.47 -32.75
CA GLU M 28 -40.08 -25.45 -32.79
C GLU M 28 -40.05 -24.71 -34.14
N ALA M 29 -39.94 -25.48 -35.23
CA ALA M 29 -39.98 -24.91 -36.59
C ALA M 29 -41.28 -24.16 -36.90
N LYS M 30 -42.41 -24.69 -36.42
CA LYS M 30 -43.72 -24.07 -36.62
C LYS M 30 -43.85 -22.74 -35.87
N GLU M 31 -43.28 -22.67 -34.67
CA GLU M 31 -43.25 -21.42 -33.92
C GLU M 31 -42.37 -20.40 -34.65
N LYS M 32 -41.17 -20.84 -35.02
CA LYS M 32 -40.17 -19.99 -35.67
C LYS M 32 -40.65 -19.39 -37.00
N LEU M 33 -41.51 -20.13 -37.71
CA LEU M 33 -42.03 -19.68 -39.01
C LEU M 33 -43.46 -19.14 -38.95
N LYS M 34 -44.14 -19.30 -37.81
CA LYS M 34 -45.53 -18.89 -37.69
C LYS M 34 -45.86 -17.63 -38.46
N GLU M 35 -45.18 -16.53 -38.09
CA GLU M 35 -45.50 -15.19 -38.59
C GLU M 35 -44.53 -14.67 -39.64
N ALA M 36 -43.76 -15.55 -40.27
CA ALA M 36 -42.80 -15.14 -41.31
C ALA M 36 -43.49 -14.88 -42.64
N PRO M 37 -42.78 -14.22 -43.58
CA PRO M 37 -43.34 -14.11 -44.93
C PRO M 37 -43.54 -15.47 -45.58
N GLU M 38 -44.48 -15.54 -46.54
CA GLU M 38 -44.68 -16.75 -47.34
C GLU M 38 -43.36 -17.10 -48.04
N GLY M 39 -42.98 -18.37 -48.00
CA GLY M 39 -41.74 -18.83 -48.66
C GLY M 39 -40.50 -18.82 -47.79
N THR M 40 -40.60 -18.26 -46.59
CA THR M 40 -39.51 -18.29 -45.62
C THR M 40 -39.26 -19.73 -45.18
N PHE M 41 -38.03 -20.22 -45.33
CA PHE M 41 -37.76 -21.65 -45.12
C PHE M 41 -36.49 -21.91 -44.32
N LEU M 42 -36.36 -23.13 -43.82
CA LEU M 42 -35.13 -23.56 -43.15
C LEU M 42 -34.99 -25.07 -43.31
N ILE M 43 -33.82 -25.61 -42.98
CA ILE M 43 -33.59 -27.05 -43.02
C ILE M 43 -33.27 -27.59 -41.63
N ARG M 44 -33.75 -28.80 -41.36
CA ARG M 44 -33.43 -29.49 -40.12
C ARG M 44 -33.44 -31.00 -40.28
N ASP M 45 -32.76 -31.65 -39.34
CA ASP M 45 -32.85 -33.08 -39.20
C ASP M 45 -34.31 -33.48 -39.05
N SER M 46 -34.65 -34.59 -39.71
CA SER M 46 -36.01 -35.11 -39.66
C SER M 46 -36.17 -35.89 -38.40
N SER M 47 -37.39 -35.91 -37.88
CA SER M 47 -37.70 -36.74 -36.73
C SER M 47 -38.27 -38.10 -37.18
N HIS M 48 -38.54 -38.21 -38.49
CA HIS M 48 -38.97 -39.47 -39.09
C HIS M 48 -37.81 -40.44 -39.21
N SER M 49 -38.12 -41.73 -39.18
CA SER M 49 -37.09 -42.76 -39.29
C SER M 49 -36.50 -42.78 -40.70
N ASP M 50 -37.35 -43.05 -41.68
CA ASP M 50 -36.94 -43.17 -43.08
C ASP M 50 -36.23 -41.97 -43.70
N TYR M 51 -36.56 -40.75 -43.29
CA TYR M 51 -35.96 -39.55 -43.88
C TYR M 51 -34.80 -38.99 -43.06
N LEU M 52 -33.98 -38.16 -43.73
CA LEU M 52 -32.74 -37.63 -43.18
C LEU M 52 -32.81 -36.12 -42.91
N LEU M 53 -33.41 -35.35 -43.82
CA LEU M 53 -33.51 -33.90 -43.69
C LEU M 53 -34.92 -33.47 -44.07
N THR M 54 -35.30 -32.26 -43.71
CA THR M 54 -36.62 -31.75 -44.03
C THR M 54 -36.61 -30.25 -44.23
N ILE M 55 -37.45 -29.81 -45.14
CA ILE M 55 -37.72 -28.42 -45.33
C ILE M 55 -38.91 -28.04 -44.45
N SER M 56 -38.70 -27.07 -43.57
CA SER M 56 -39.82 -26.40 -42.93
C SER M 56 -40.00 -25.13 -43.72
N VAL M 57 -41.23 -24.82 -44.11
CA VAL M 57 -41.48 -23.63 -44.91
C VAL M 57 -42.84 -23.03 -44.59
N LYS M 58 -42.93 -21.72 -44.75
CA LYS M 58 -44.16 -20.97 -44.52
C LYS M 58 -44.98 -21.01 -45.79
N THR M 59 -46.24 -21.38 -45.63
CA THR M 59 -47.21 -21.33 -46.69
C THR M 59 -48.37 -20.49 -46.21
N SER M 60 -49.25 -20.08 -47.13
CA SER M 60 -50.42 -19.27 -46.77
C SER M 60 -51.33 -19.99 -45.78
N ALA M 61 -51.30 -21.33 -45.82
CA ALA M 61 -52.02 -22.14 -44.82
C ALA M 61 -51.28 -22.13 -43.49
N GLY M 62 -49.96 -22.14 -43.53
CA GLY M 62 -49.16 -22.06 -42.33
C GLY M 62 -47.82 -22.73 -42.49
N PRO M 63 -47.04 -22.82 -41.41
CA PRO M 63 -45.77 -23.50 -41.55
C PRO M 63 -46.02 -24.96 -41.86
N THR M 64 -45.20 -25.55 -42.72
CA THR M 64 -45.35 -26.95 -43.07
C THR M 64 -44.00 -27.57 -43.39
N ASN M 65 -44.00 -28.88 -43.56
CA ASN M 65 -42.77 -29.62 -43.75
C ASN M 65 -42.78 -30.40 -45.04
N LEU M 66 -41.66 -30.38 -45.75
CA LEU M 66 -41.50 -31.17 -46.98
C LEU M 66 -40.17 -31.93 -46.92
N ARG M 67 -40.26 -33.26 -46.74
CA ARG M 67 -39.08 -34.07 -46.46
C ARG M 67 -38.18 -34.30 -47.66
N ILE M 68 -36.90 -34.55 -47.38
CA ILE M 68 -35.88 -34.75 -48.41
C ILE M 68 -35.40 -36.19 -48.38
N GLU M 69 -35.55 -36.90 -49.50
CA GLU M 69 -35.10 -38.27 -49.58
C GLU M 69 -33.63 -38.33 -49.97
N TYR M 70 -32.96 -39.35 -49.48
CA TYR M 70 -31.56 -39.58 -49.80
C TYR M 70 -31.40 -41.08 -50.10
N GLN M 71 -31.18 -41.39 -51.38
CA GLN M 71 -30.91 -42.78 -51.79
C GLN M 71 -29.80 -42.84 -52.84
N ASP M 72 -28.93 -43.84 -52.71
CA ASP M 72 -27.76 -44.03 -53.57
C ASP M 72 -27.03 -42.70 -53.88
N GLY M 73 -26.63 -42.01 -52.81
CA GLY M 73 -25.85 -40.77 -52.92
C GLY M 73 -26.60 -39.52 -53.38
N LYS M 74 -27.91 -39.61 -53.60
CA LYS M 74 -28.65 -38.52 -54.24
C LYS M 74 -29.85 -38.01 -53.45
N PHE M 75 -30.00 -36.69 -53.44
CA PHE M 75 -31.08 -36.02 -52.70
C PHE M 75 -32.22 -35.61 -53.62
N ARG M 76 -33.45 -35.72 -53.11
CA ARG M 76 -34.62 -35.21 -53.82
C ARG M 76 -35.82 -35.05 -52.90
N LEU M 77 -36.83 -34.35 -53.38
CA LEU M 77 -38.03 -34.05 -52.59
C LEU M 77 -38.89 -35.29 -52.32
N ASP M 78 -39.71 -35.23 -51.28
CA ASP M 78 -40.55 -36.37 -50.90
C ASP M 78 -41.35 -36.88 -52.10
N SER M 79 -40.99 -38.06 -52.59
CA SER M 79 -41.62 -38.67 -53.75
C SER M 79 -43.11 -38.96 -53.53
N ILE M 80 -43.48 -39.29 -52.29
CA ILE M 80 -44.89 -39.57 -51.99
C ILE M 80 -45.75 -38.33 -52.21
N ILE M 81 -45.22 -37.18 -51.84
CA ILE M 81 -45.95 -35.91 -51.88
C ILE M 81 -45.78 -35.25 -53.25
N CAS M 82 -44.57 -35.30 -53.78
CA CAS M 82 -44.26 -34.73 -55.11
CB CAS M 82 -42.96 -33.93 -55.11
C CAS M 82 -44.09 -35.84 -56.11
O CAS M 82 -43.38 -36.81 -55.84
SG CAS M 82 -42.89 -32.77 -53.79
AS CAS M 82 -43.97 -30.99 -54.57
CE1 CAS M 82 -43.33 -30.47 -56.38
CE2 CAS M 82 -45.91 -31.47 -54.53
N VAL M 83 -44.70 -35.69 -57.28
CA VAL M 83 -44.74 -36.76 -58.27
C VAL M 83 -43.33 -37.21 -58.68
N LYS M 84 -43.03 -38.48 -58.41
CA LYS M 84 -41.70 -39.08 -58.60
C LYS M 84 -41.08 -38.88 -60.00
N SER M 85 -41.94 -38.88 -61.03
CA SER M 85 -41.49 -38.66 -62.41
C SER M 85 -40.97 -37.24 -62.63
N LYS M 86 -41.59 -36.26 -61.97
CA LYS M 86 -41.18 -34.87 -62.04
C LYS M 86 -40.25 -34.49 -60.89
N LEU M 87 -39.15 -35.22 -60.75
CA LEU M 87 -38.17 -35.03 -59.67
C LEU M 87 -36.72 -35.09 -60.17
N LYS M 88 -35.98 -34.00 -59.99
CA LYS M 88 -34.55 -33.98 -60.26
C LYS M 88 -33.82 -34.50 -59.03
N GLN M 89 -32.56 -34.89 -59.21
CA GLN M 89 -31.76 -35.43 -58.12
C GLN M 89 -30.45 -34.66 -57.98
N PHE M 90 -29.96 -34.54 -56.75
CA PHE M 90 -28.78 -33.74 -56.47
C PHE M 90 -27.80 -34.49 -55.56
N ASP M 91 -26.52 -34.21 -55.70
CA ASP M 91 -25.50 -34.71 -54.77
C ASP M 91 -25.47 -33.84 -53.52
N SER M 92 -25.95 -32.61 -53.66
CA SER M 92 -25.90 -31.59 -52.60
C SER M 92 -27.31 -31.09 -52.31
N VAL M 93 -27.68 -31.13 -51.04
CA VAL M 93 -29.00 -30.61 -50.62
C VAL M 93 -29.02 -29.08 -50.72
N VAL M 94 -27.89 -28.44 -50.45
CA VAL M 94 -27.81 -27.00 -50.57
C VAL M 94 -28.10 -26.64 -52.01
N HIS M 95 -27.48 -27.37 -52.93
CA HIS M 95 -27.70 -27.19 -54.35
C HIS M 95 -29.18 -27.39 -54.69
N LEU M 96 -29.73 -28.51 -54.22
CA LEU M 96 -31.16 -28.82 -54.39
C LEU M 96 -32.02 -27.62 -54.07
N ILE M 97 -31.81 -27.04 -52.90
CA ILE M 97 -32.58 -25.89 -52.41
C ILE M 97 -32.37 -24.67 -53.30
N ASP M 98 -31.13 -24.42 -53.69
CA ASP M 98 -30.79 -23.27 -54.52
C ASP M 98 -31.58 -23.34 -55.81
N TYR M 99 -31.63 -24.55 -56.37
CA TYR M 99 -32.40 -24.84 -57.57
C TYR M 99 -33.84 -24.34 -57.45
N TYR M 100 -34.56 -24.78 -56.42
CA TYR M 100 -35.98 -24.44 -56.29
C TYR M 100 -36.23 -22.99 -55.94
N VAL M 101 -35.27 -22.38 -55.23
CA VAL M 101 -35.32 -20.95 -54.94
C VAL M 101 -35.22 -20.18 -56.23
N GLN M 102 -34.36 -20.67 -57.13
CA GLN M 102 -34.20 -20.09 -58.47
C GLN M 102 -35.42 -20.34 -59.35
N MET M 103 -35.96 -21.56 -59.32
CA MET M 103 -37.08 -21.93 -60.20
C MET M 103 -38.26 -20.99 -60.09
N CYS M 104 -38.69 -20.69 -58.87
CA CYS M 104 -39.91 -19.90 -58.68
C CYS M 104 -39.70 -18.38 -58.68
N LYS M 105 -38.62 -17.91 -59.29
CA LYS M 105 -38.38 -16.46 -59.46
C LYS M 105 -38.97 -15.95 -60.79
N HIS M 120 -44.88 -24.22 -58.88
CA HIS M 120 -43.60 -24.76 -58.42
C HIS M 120 -43.40 -24.46 -56.93
N LEU M 121 -42.69 -25.34 -56.23
CA LEU M 121 -42.36 -25.16 -54.80
C LEU M 121 -41.87 -23.74 -54.46
N TYR M 122 -42.59 -23.10 -53.54
CA TYR M 122 -42.38 -21.67 -53.26
C TYR M 122 -41.42 -21.47 -52.08
N LEU M 123 -40.19 -21.14 -52.42
CA LEU M 123 -39.14 -20.89 -51.45
C LEU M 123 -38.53 -19.55 -51.78
N THR M 124 -38.59 -18.62 -50.84
CA THR M 124 -38.06 -17.29 -51.04
C THR M 124 -36.76 -17.12 -50.25
N LYS M 125 -36.86 -16.66 -49.00
CA LYS M 125 -35.66 -16.29 -48.24
C LYS M 125 -35.50 -17.24 -47.06
N PRO M 126 -34.26 -17.66 -46.78
CA PRO M 126 -34.01 -18.56 -45.66
C PRO M 126 -34.06 -17.86 -44.31
N LEU M 127 -34.33 -18.64 -43.28
CA LEU M 127 -34.33 -18.17 -41.90
C LEU M 127 -32.98 -18.52 -41.29
N TYR M 128 -32.16 -17.51 -41.07
CA TYR M 128 -30.82 -17.70 -40.50
C TYR M 128 -30.88 -18.00 -38.99
N THR M 129 -30.01 -18.88 -38.53
CA THR M 129 -29.83 -19.11 -37.11
C THR M 129 -29.15 -17.89 -36.49
N SER M 130 -28.19 -17.34 -37.23
CA SER M 130 -27.44 -16.17 -36.80
C SER M 130 -26.89 -15.47 -38.01
N ALA M 131 -26.79 -14.15 -37.90
CA ALA M 131 -26.41 -13.30 -39.02
C ALA M 131 -25.12 -13.79 -39.65
N PRO M 132 -25.06 -13.80 -40.99
CA PRO M 132 -23.87 -14.32 -41.63
C PRO M 132 -22.75 -13.30 -41.74
N SER M 133 -21.53 -13.80 -41.95
CA SER M 133 -20.38 -12.95 -42.26
C SER M 133 -20.75 -11.98 -43.36
N LEU M 134 -20.14 -10.79 -43.31
CA LEU M 134 -20.16 -9.87 -44.44
C LEU M 134 -19.44 -10.48 -45.64
N GLN M 135 -18.40 -11.26 -45.36
CA GLN M 135 -17.67 -12.03 -46.38
C GLN M 135 -18.58 -13.07 -47.06
N HIS M 136 -19.40 -13.76 -46.27
CA HIS M 136 -20.39 -14.67 -46.82
C HIS M 136 -21.44 -13.92 -47.65
N LEU M 137 -22.07 -12.93 -47.05
CA LEU M 137 -23.08 -12.13 -47.75
C LEU M 137 -22.59 -11.62 -49.11
N CYS M 138 -21.31 -11.22 -49.16
CA CYS M 138 -20.69 -10.79 -50.41
C CYS M 138 -20.56 -11.98 -51.36
N ARG M 139 -20.07 -13.11 -50.84
CA ARG M 139 -19.92 -14.34 -51.63
C ARG M 139 -21.22 -14.77 -52.32
N LEU M 140 -22.34 -14.69 -51.60
CA LEU M 140 -23.65 -15.03 -52.16
C LEU M 140 -23.99 -14.09 -53.32
N THR M 141 -23.72 -12.81 -53.12
CA THR M 141 -24.05 -11.79 -54.12
C THR M 141 -23.18 -11.92 -55.38
N ILE M 142 -21.91 -12.29 -55.21
CA ILE M 142 -21.02 -12.51 -56.34
C ILE M 142 -21.45 -13.76 -57.13
N ASN M 143 -21.90 -14.79 -56.42
CA ASN M 143 -22.38 -16.02 -57.05
C ASN M 143 -23.70 -15.88 -57.82
N LYS M 144 -24.52 -14.91 -57.43
CA LYS M 144 -25.75 -14.61 -58.18
C LYS M 144 -25.42 -14.05 -59.55
N CYS M 145 -24.28 -13.35 -59.63
CA CYS M 145 -23.88 -12.62 -60.84
C CYS M 145 -22.92 -13.38 -61.75
N THR M 146 -22.05 -14.22 -61.19
CA THR M 146 -21.14 -15.05 -61.99
C THR M 146 -20.84 -16.41 -61.39
N GLY M 147 -20.62 -17.38 -62.26
CA GLY M 147 -20.03 -18.67 -61.89
C GLY M 147 -18.55 -18.76 -62.22
N ALA M 148 -18.05 -17.83 -63.03
CA ALA M 148 -16.65 -17.83 -63.48
C ALA M 148 -15.72 -17.20 -62.44
N ILE M 149 -15.37 -17.98 -61.42
CA ILE M 149 -14.49 -17.52 -60.33
C ILE M 149 -13.18 -17.02 -60.90
N TRP M 150 -12.59 -17.84 -61.76
CA TRP M 150 -11.29 -17.59 -62.36
C TRP M 150 -11.16 -16.21 -63.01
N GLY M 151 -12.26 -15.67 -63.52
CA GLY M 151 -12.25 -14.36 -64.18
C GLY M 151 -12.13 -13.17 -63.25
N LEU M 152 -12.67 -13.28 -62.05
CA LEU M 152 -12.78 -12.13 -61.16
C LEU M 152 -11.40 -11.55 -60.80
N PRO M 153 -11.28 -10.21 -60.76
CA PRO M 153 -10.04 -9.56 -60.35
C PRO M 153 -9.86 -9.56 -58.82
N LEU M 154 -9.37 -10.67 -58.29
CA LEU M 154 -9.04 -10.79 -56.88
C LEU M 154 -7.80 -11.66 -56.73
N PRO M 155 -7.15 -11.62 -55.56
CA PRO M 155 -6.06 -12.57 -55.31
C PRO M 155 -6.58 -14.01 -55.18
N THR M 156 -5.68 -14.98 -55.21
CA THR M 156 -6.05 -16.40 -55.16
C THR M 156 -6.82 -16.72 -53.88
N ARG M 157 -6.30 -16.25 -52.75
CA ARG M 157 -6.89 -16.48 -51.42
C ARG M 157 -8.40 -16.25 -51.34
N LEU M 158 -8.90 -15.27 -52.08
CA LEU M 158 -10.32 -14.93 -52.09
C LEU M 158 -11.10 -15.70 -53.16
N LYS M 159 -10.45 -16.02 -54.27
CA LYS M 159 -11.03 -16.94 -55.25
C LYS M 159 -11.14 -18.34 -54.64
N ASP M 160 -10.12 -18.71 -53.86
CA ASP M 160 -10.15 -19.93 -53.03
C ASP M 160 -11.33 -19.93 -52.07
N TYR M 161 -11.60 -18.75 -51.49
CA TYR M 161 -12.70 -18.58 -50.55
C TYR M 161 -14.07 -18.78 -51.20
N LEU M 162 -14.25 -18.17 -52.37
CA LEU M 162 -15.50 -18.34 -53.12
C LEU M 162 -15.68 -19.80 -53.56
N GLU M 163 -14.56 -20.44 -53.89
CA GLU M 163 -14.52 -21.87 -54.18
C GLU M 163 -15.35 -22.64 -53.16
N GLU M 164 -15.16 -22.29 -51.89
CA GLU M 164 -15.69 -23.05 -50.74
C GLU M 164 -17.22 -23.04 -50.57
N TYR M 165 -17.92 -22.17 -51.30
CA TYR M 165 -19.38 -22.14 -51.24
C TYR M 165 -19.94 -21.51 -52.52
N LYS M 166 -20.23 -22.34 -53.50
CA LYS M 166 -20.58 -21.87 -54.85
C LYS M 166 -22.07 -21.56 -55.06
N PHE M 167 -22.84 -21.37 -53.98
CA PHE M 167 -24.29 -21.22 -54.10
C PHE M 167 -24.80 -19.77 -53.97
N GLN M 168 -25.99 -19.54 -54.51
CA GLN M 168 -26.62 -18.21 -54.53
C GLN M 168 -27.45 -17.91 -53.27
N VAL M 169 -27.67 -18.93 -52.44
CA VAL M 169 -28.45 -18.79 -51.24
C VAL M 169 -27.77 -19.58 -50.11
N ASP N 2 -37.59 2.53 -33.18
CA ASP N 2 -36.24 3.01 -33.59
C ASP N 2 -36.14 3.17 -35.11
N VAL N 3 -35.09 3.83 -35.55
CA VAL N 3 -34.89 4.15 -36.95
C VAL N 3 -33.42 4.51 -37.20
N PHE N 4 -32.92 4.15 -38.38
CA PHE N 4 -31.49 4.19 -38.68
C PHE N 4 -31.21 5.10 -39.87
N LEU N 5 -30.28 6.04 -39.69
CA LEU N 5 -30.01 7.06 -40.71
C LEU N 5 -28.52 7.34 -40.90
N MET N 6 -28.21 8.01 -42.00
CA MET N 6 -26.85 8.45 -42.30
C MET N 6 -26.86 9.98 -42.48
N ILE N 7 -26.15 10.69 -41.60
CA ILE N 7 -26.08 12.15 -41.62
C ILE N 7 -24.88 12.57 -42.46
N ARG N 8 -25.08 13.50 -43.40
CA ARG N 8 -24.08 13.77 -44.43
C ARG N 8 -23.89 15.25 -44.78
N ARG N 9 -22.64 15.71 -44.65
CA ARG N 9 -22.23 17.03 -45.11
C ARG N 9 -20.78 16.94 -45.62
N HIS N 10 -20.58 17.34 -46.87
CA HIS N 10 -19.26 17.37 -47.52
C HIS N 10 -18.63 15.98 -47.64
N LYS N 11 -17.62 15.69 -46.83
CA LYS N 11 -16.94 14.39 -46.82
C LYS N 11 -17.26 13.57 -45.54
N THR N 12 -17.86 14.20 -44.54
CA THR N 12 -18.20 13.53 -43.29
C THR N 12 -19.52 12.77 -43.42
N THR N 13 -19.61 11.61 -42.76
CA THR N 13 -20.82 10.79 -42.74
C THR N 13 -20.97 10.10 -41.38
N ILE N 14 -22.04 10.42 -40.65
CA ILE N 14 -22.30 9.82 -39.34
C ILE N 14 -23.37 8.74 -39.47
N GLU N 20 -37.91 7.36 -33.62
CA GLU N 20 -39.04 7.36 -34.53
C GLU N 20 -39.92 8.58 -34.27
N SER N 21 -40.34 8.73 -33.01
CA SER N 21 -41.13 9.88 -32.59
C SER N 21 -40.25 11.06 -32.15
N SER N 22 -38.94 10.84 -32.03
CA SER N 22 -37.99 11.88 -31.65
C SER N 22 -38.05 13.08 -32.58
N THR N 23 -37.76 14.27 -32.03
CA THR N 23 -37.87 15.53 -32.76
C THR N 23 -36.57 15.93 -33.46
N VAL N 24 -36.68 16.71 -34.52
CA VAL N 24 -35.52 17.12 -35.32
C VAL N 24 -34.50 17.93 -34.51
N PHE N 25 -34.98 18.77 -33.60
CA PHE N 25 -34.09 19.54 -32.72
C PHE N 25 -33.23 18.64 -31.82
N GLU N 26 -33.77 17.48 -31.44
CA GLU N 26 -33.02 16.50 -30.67
C GLU N 26 -31.99 15.77 -31.53
N LEU N 27 -32.25 15.65 -32.83
CA LEU N 27 -31.27 15.11 -33.77
C LEU N 27 -30.17 16.14 -34.06
N LYS N 28 -30.53 17.42 -34.01
CA LYS N 28 -29.52 18.50 -34.01
C LYS N 28 -28.69 18.45 -32.73
N ARG N 29 -29.37 18.19 -31.60
CA ARG N 29 -28.73 18.01 -30.30
C ARG N 29 -27.68 16.88 -30.32
N ILE N 30 -27.97 15.81 -31.05
CA ILE N 30 -27.02 14.73 -31.24
C ILE N 30 -25.96 15.16 -32.24
N PRO N 38 -23.25 24.10 -31.97
CA PRO N 38 -24.58 24.08 -31.37
C PRO N 38 -25.66 23.64 -32.35
N PRO N 39 -26.88 23.42 -31.85
CA PRO N 39 -28.05 23.11 -32.66
C PRO N 39 -28.52 24.29 -33.51
N ASP N 40 -28.37 25.51 -33.00
CA ASP N 40 -28.80 26.74 -33.70
C ASP N 40 -27.97 27.08 -34.93
N GLU N 41 -26.80 26.46 -35.08
CA GLU N 41 -25.97 26.63 -36.28
C GLU N 41 -26.04 25.41 -37.20
N GLN N 42 -27.25 24.86 -37.39
CA GLN N 42 -27.46 23.70 -38.25
C GLN N 42 -28.68 23.90 -39.15
N ARG N 43 -28.72 23.12 -40.23
CA ARG N 43 -29.87 23.09 -41.13
C ARG N 43 -30.01 21.69 -41.74
N LEU N 44 -30.90 20.89 -41.17
CA LEU N 44 -31.10 19.50 -41.61
C LEU N 44 -32.07 19.45 -42.78
N TYR N 45 -31.67 18.73 -43.83
CA TYR N 45 -32.44 18.67 -45.08
C TYR N 45 -32.74 17.23 -45.50
N LYS N 46 -34.01 16.94 -45.76
CA LYS N 46 -34.42 15.64 -46.29
C LYS N 46 -34.58 15.72 -47.81
N ASP N 47 -33.62 15.13 -48.51
CA ASP N 47 -33.43 15.31 -49.96
C ASP N 47 -33.21 16.79 -50.31
N ASP N 48 -34.28 17.53 -50.66
CA ASP N 48 -34.17 18.94 -51.00
C ASP N 48 -34.76 19.88 -49.93
N GLN N 49 -35.85 19.44 -49.30
CA GLN N 49 -36.60 20.28 -48.35
C GLN N 49 -35.92 20.36 -46.97
N LEU N 50 -36.08 21.52 -46.32
CA LEU N 50 -35.55 21.74 -44.98
C LEU N 50 -36.50 21.16 -43.93
N LEU N 51 -35.92 20.54 -42.90
CA LEU N 51 -36.70 19.93 -41.83
C LEU N 51 -36.84 20.91 -40.65
N ASP N 52 -38.07 21.10 -40.17
CA ASP N 52 -38.32 21.95 -39.01
C ASP N 52 -37.89 21.25 -37.72
N ASP N 53 -37.51 22.05 -36.73
CA ASP N 53 -36.91 21.55 -35.49
C ASP N 53 -37.91 20.80 -34.61
N GLY N 54 -39.13 21.33 -34.52
CA GLY N 54 -40.17 20.75 -33.67
C GLY N 54 -40.73 19.43 -34.15
N LYS N 55 -40.86 19.28 -35.47
CA LYS N 55 -41.45 18.09 -36.07
C LYS N 55 -40.71 16.80 -35.71
N THR N 56 -41.46 15.70 -35.60
CA THR N 56 -40.86 14.40 -35.28
C THR N 56 -40.23 13.81 -36.53
N LEU N 57 -39.34 12.84 -36.35
CA LEU N 57 -38.77 12.11 -37.47
C LEU N 57 -39.86 11.37 -38.24
N GLY N 58 -40.81 10.79 -37.51
CA GLY N 58 -41.97 10.13 -38.09
C GLY N 58 -42.86 11.08 -38.89
N GLU N 59 -43.02 12.31 -38.40
CA GLU N 59 -43.79 13.33 -39.11
C GLU N 59 -43.09 13.75 -40.41
N CYS N 60 -41.76 13.75 -40.41
CA CYS N 60 -40.96 14.11 -41.60
C CYS N 60 -40.78 12.95 -42.59
N GLY N 61 -41.32 11.78 -42.27
CA GLY N 61 -41.37 10.64 -43.20
C GLY N 61 -40.23 9.64 -43.07
N PHE N 62 -39.65 9.56 -41.88
CA PHE N 62 -38.55 8.62 -41.61
C PHE N 62 -39.06 7.47 -40.74
N THR N 63 -39.90 6.63 -41.30
CA THR N 63 -40.46 5.49 -40.56
C THR N 63 -39.40 4.40 -40.41
N SER N 64 -39.66 3.46 -39.52
CA SER N 64 -38.78 2.31 -39.32
C SER N 64 -38.79 1.39 -40.55
N GLN N 65 -39.89 1.40 -41.29
CA GLN N 65 -40.00 0.66 -42.55
C GLN N 65 -39.12 1.28 -43.65
N THR N 66 -39.14 2.60 -43.73
CA THR N 66 -38.42 3.32 -44.79
C THR N 66 -36.95 3.60 -44.47
N ALA N 67 -36.54 3.37 -43.22
CA ALA N 67 -35.16 3.63 -42.79
C ALA N 67 -34.66 2.52 -41.85
N ARG N 68 -34.15 1.44 -42.45
CA ARG N 68 -33.68 0.27 -41.72
C ARG N 68 -32.15 0.32 -41.50
N PRO N 69 -31.61 -0.61 -40.69
CA PRO N 69 -30.16 -0.63 -40.41
C PRO N 69 -29.33 -0.88 -41.66
N GLN N 70 -29.74 -1.88 -42.44
CA GLN N 70 -29.07 -2.26 -43.69
C GLN N 70 -29.16 -1.19 -44.78
N ALA N 71 -30.25 -0.42 -44.78
CA ALA N 71 -30.46 0.65 -45.77
C ALA N 71 -30.99 1.92 -45.07
N PRO N 72 -30.10 2.66 -44.40
CA PRO N 72 -30.51 3.85 -43.66
C PRO N 72 -30.75 5.06 -44.57
N ALA N 73 -31.48 6.06 -44.08
CA ALA N 73 -31.87 7.23 -44.87
C ALA N 73 -30.92 8.43 -44.70
N THR N 74 -30.63 9.09 -45.82
CA THR N 74 -29.69 10.20 -45.85
C THR N 74 -30.29 11.49 -45.28
N VAL N 75 -29.62 12.08 -44.29
CA VAL N 75 -29.99 13.39 -43.77
C VAL N 75 -28.94 14.44 -44.21
N GLY N 76 -29.38 15.43 -44.97
CA GLY N 76 -28.49 16.51 -45.42
C GLY N 76 -28.10 17.40 -44.25
N LEU N 77 -26.92 18.00 -44.33
CA LEU N 77 -26.40 18.88 -43.28
C LEU N 77 -25.39 19.89 -43.82
N PRO N 97 -16.01 1.23 -59.75
CA PRO N 97 -15.67 0.78 -61.11
C PRO N 97 -16.87 0.23 -61.88
N GLU N 98 -16.68 0.04 -63.18
CA GLU N 98 -17.65 -0.68 -64.01
C GLU N 98 -17.62 -2.15 -63.59
N LEU N 99 -18.77 -2.81 -63.69
CA LEU N 99 -18.86 -4.21 -63.32
C LEU N 99 -18.15 -5.05 -64.39
N PRO N 100 -17.21 -5.94 -63.98
CA PRO N 100 -16.58 -6.87 -64.93
C PRO N 100 -17.54 -7.69 -65.79
N ASP N 101 -17.01 -8.31 -66.84
CA ASP N 101 -17.83 -8.99 -67.86
C ASP N 101 -18.53 -10.23 -67.32
N VAL N 102 -17.79 -11.06 -66.59
CA VAL N 102 -18.32 -12.30 -66.03
C VAL N 102 -19.54 -12.07 -65.12
N MET N 103 -19.53 -10.99 -64.35
CA MET N 103 -20.64 -10.66 -63.47
C MET N 103 -21.84 -10.11 -64.23
N LYS N 104 -21.58 -9.21 -65.19
CA LYS N 104 -22.60 -8.72 -66.12
C LYS N 104 -23.85 -8.19 -65.40
N MET O 2 -17.36 6.31 -26.37
CA MET O 2 -18.52 5.43 -26.72
C MET O 2 -18.66 5.22 -28.23
N TYR O 3 -18.08 6.13 -29.03
CA TYR O 3 -18.05 5.97 -30.49
C TYR O 3 -16.59 5.96 -31.00
N VAL O 4 -16.42 5.74 -32.30
CA VAL O 4 -15.07 5.66 -32.91
C VAL O 4 -15.06 6.22 -34.34
N LYS O 5 -13.88 6.67 -34.77
CA LYS O 5 -13.71 7.33 -36.07
C LYS O 5 -13.04 6.39 -37.07
N LEU O 6 -13.61 6.31 -38.26
CA LEU O 6 -13.05 5.53 -39.37
C LEU O 6 -12.85 6.47 -40.56
N ILE O 7 -11.66 6.49 -41.12
CA ILE O 7 -11.40 7.31 -42.31
C ILE O 7 -11.16 6.42 -43.53
N SER O 8 -11.80 6.80 -44.65
CA SER O 8 -11.66 6.10 -45.93
C SER O 8 -10.39 6.52 -46.66
N SER O 9 -10.01 5.73 -47.65
CA SER O 9 -8.81 6.02 -48.47
C SER O 9 -8.91 7.39 -49.14
N ASP O 10 -10.12 7.77 -49.54
CA ASP O 10 -10.37 9.08 -50.14
C ASP O 10 -10.95 10.11 -49.15
N GLY O 11 -10.63 9.93 -47.87
CA GLY O 11 -10.85 10.97 -46.86
C GLY O 11 -12.09 10.88 -45.99
N HIS O 12 -13.20 10.42 -46.57
CA HIS O 12 -14.49 10.40 -45.87
C HIS O 12 -14.38 9.89 -44.44
N GLU O 13 -14.75 10.74 -43.48
CA GLU O 13 -14.78 10.35 -42.07
C GLU O 13 -16.12 9.69 -41.75
N PHE O 14 -16.08 8.55 -41.06
CA PHE O 14 -17.27 7.83 -40.63
C PHE O 14 -17.28 7.64 -39.12
N ILE O 15 -18.36 8.08 -38.46
CA ILE O 15 -18.52 7.94 -37.02
C ILE O 15 -19.52 6.83 -36.67
N VAL O 16 -19.10 5.86 -35.86
CA VAL O 16 -19.96 4.75 -35.44
C VAL O 16 -19.76 4.44 -33.95
N LYS O 17 -20.74 3.77 -33.35
CA LYS O 17 -20.66 3.42 -31.93
C LYS O 17 -19.56 2.37 -31.69
N ARG O 18 -18.96 2.37 -30.50
CA ARG O 18 -17.81 1.50 -30.21
C ARG O 18 -18.17 0.02 -30.22
N GLU O 19 -19.40 -0.30 -29.82
CA GLU O 19 -19.90 -1.68 -29.87
C GLU O 19 -20.09 -2.16 -31.32
N HIS O 20 -20.57 -1.28 -32.19
CA HIS O 20 -20.78 -1.58 -33.62
C HIS O 20 -19.47 -1.94 -34.31
N ALA O 21 -18.47 -1.06 -34.17
CA ALA O 21 -17.18 -1.22 -34.84
C ALA O 21 -16.39 -2.43 -34.35
N LEU O 22 -16.68 -2.89 -33.13
CA LEU O 22 -16.06 -4.12 -32.60
C LEU O 22 -16.46 -5.38 -33.37
N THR O 23 -17.54 -5.28 -34.16
CA THR O 23 -17.91 -6.32 -35.11
C THR O 23 -16.73 -6.73 -35.99
N SER O 24 -15.97 -5.72 -36.45
CA SER O 24 -14.73 -5.97 -37.18
C SER O 24 -13.66 -6.45 -36.21
N GLY O 25 -13.34 -7.74 -36.28
CA GLY O 25 -12.31 -8.34 -35.41
C GLY O 25 -10.95 -7.70 -35.60
N THR O 26 -10.75 -7.12 -36.77
CA THR O 26 -9.59 -6.29 -37.05
C THR O 26 -9.60 -5.06 -36.15
N ILE O 27 -10.73 -4.35 -36.12
CA ILE O 27 -10.89 -3.14 -35.28
C ILE O 27 -10.85 -3.47 -33.78
N LYS O 28 -11.30 -4.66 -33.40
CA LYS O 28 -11.22 -5.11 -32.00
C LYS O 28 -9.77 -5.26 -31.53
N ALA O 29 -8.88 -5.63 -32.46
CA ALA O 29 -7.45 -5.75 -32.17
C ALA O 29 -6.76 -4.39 -32.06
N MET O 30 -7.37 -3.34 -32.60
CA MET O 30 -6.84 -1.98 -32.46
C MET O 30 -7.47 -1.38 -31.19
N LEU O 31 -7.03 -1.88 -30.03
CA LEU O 31 -7.60 -1.47 -28.74
C LEU O 31 -6.72 -1.96 -27.60
N ASN O 43 -8.70 5.43 -30.46
CA ASN O 43 -9.45 6.69 -30.56
C ASN O 43 -10.06 6.85 -31.94
N GLU O 44 -9.21 6.78 -32.96
CA GLU O 44 -9.62 6.87 -34.36
C GLU O 44 -8.77 5.91 -35.20
N VAL O 45 -9.29 5.51 -36.37
CA VAL O 45 -8.61 4.56 -37.26
C VAL O 45 -8.67 5.03 -38.71
N ASN O 46 -7.59 4.78 -39.45
CA ASN O 46 -7.50 5.18 -40.86
C ASN O 46 -7.23 3.98 -41.76
N PHE O 47 -7.97 3.90 -42.87
CA PHE O 47 -7.82 2.82 -43.84
C PHE O 47 -7.40 3.39 -45.18
N ARG O 48 -6.11 3.32 -45.48
CA ARG O 48 -5.56 3.81 -46.75
C ARG O 48 -5.94 2.93 -47.95
N GLU O 49 -6.41 1.72 -47.69
CA GLU O 49 -6.69 0.74 -48.75
C GLU O 49 -8.17 0.68 -49.16
N ILE O 50 -9.06 1.07 -48.24
CA ILE O 50 -10.51 0.92 -48.44
C ILE O 50 -11.16 2.26 -48.83
N PRO O 51 -11.89 2.30 -49.96
CA PRO O 51 -12.55 3.54 -50.36
C PRO O 51 -13.85 3.82 -49.59
N SER O 52 -14.50 4.94 -49.89
CA SER O 52 -15.68 5.38 -49.14
C SER O 52 -16.95 4.59 -49.50
N HIS O 53 -17.16 4.35 -50.80
CA HIS O 53 -18.36 3.63 -51.26
C HIS O 53 -18.42 2.18 -50.76
N VAL O 54 -17.24 1.62 -50.47
CA VAL O 54 -17.15 0.32 -49.82
C VAL O 54 -17.25 0.47 -48.29
N LEU O 55 -16.49 1.41 -47.73
CA LEU O 55 -16.41 1.56 -46.28
C LEU O 55 -17.72 2.02 -45.65
N SER O 56 -18.51 2.77 -46.40
CA SER O 56 -19.85 3.17 -45.94
C SER O 56 -20.72 1.93 -45.73
N LYS O 57 -20.65 1.01 -46.67
CA LYS O 57 -21.42 -0.24 -46.63
C LYS O 57 -21.05 -1.10 -45.41
N VAL O 58 -19.76 -1.12 -45.08
CA VAL O 58 -19.26 -1.86 -43.92
C VAL O 58 -19.88 -1.34 -42.63
N CYS O 59 -19.99 -0.02 -42.53
CA CYS O 59 -20.56 0.61 -41.35
C CYS O 59 -22.03 0.24 -41.18
N MET O 60 -22.72 0.00 -42.30
CA MET O 60 -24.12 -0.47 -42.29
C MET O 60 -24.24 -1.91 -41.83
N TYR O 61 -23.29 -2.76 -42.23
CA TYR O 61 -23.27 -4.14 -41.76
C TYR O 61 -23.09 -4.19 -40.24
N PHE O 62 -22.28 -3.29 -39.67
CA PHE O 62 -22.13 -3.25 -38.21
C PHE O 62 -23.49 -3.00 -37.57
N THR O 63 -24.29 -2.12 -38.17
CA THR O 63 -25.63 -1.83 -37.67
C THR O 63 -26.53 -3.05 -37.82
N TYR O 64 -26.54 -3.61 -39.03
CA TYR O 64 -27.31 -4.81 -39.37
C TYR O 64 -26.93 -6.02 -38.49
N LYS O 65 -25.65 -6.19 -38.21
CA LYS O 65 -25.14 -7.35 -37.49
C LYS O 65 -25.45 -7.27 -35.99
N VAL O 66 -25.15 -6.13 -35.39
CA VAL O 66 -25.37 -5.92 -33.96
C VAL O 66 -26.86 -5.91 -33.61
N ARG O 67 -27.65 -5.25 -34.44
CA ARG O 67 -29.11 -5.17 -34.22
C ARG O 67 -29.75 -6.56 -34.18
N TYR O 68 -29.17 -7.52 -34.90
CA TYR O 68 -29.68 -8.89 -34.96
C TYR O 68 -28.58 -9.91 -34.67
N ILE O 75 -34.23 -11.87 -38.80
CA ILE O 75 -33.20 -11.20 -39.59
C ILE O 75 -33.73 -10.95 -41.01
N PRO O 76 -33.82 -9.67 -41.42
CA PRO O 76 -34.17 -9.33 -42.79
C PRO O 76 -32.93 -9.32 -43.71
N GLU O 77 -33.11 -8.90 -44.97
CA GLU O 77 -32.03 -8.94 -45.96
C GLU O 77 -30.95 -7.87 -45.70
N PHE O 78 -29.75 -8.13 -46.22
CA PHE O 78 -28.70 -7.13 -46.33
C PHE O 78 -28.30 -7.07 -47.79
N PRO O 79 -28.93 -6.17 -48.57
CA PRO O 79 -28.70 -6.13 -50.01
C PRO O 79 -27.35 -5.51 -50.37
N ILE O 80 -26.63 -6.15 -51.27
CA ILE O 80 -25.33 -5.69 -51.73
C ILE O 80 -25.38 -5.49 -53.24
N ALA O 81 -25.03 -4.28 -53.70
CA ALA O 81 -25.03 -3.99 -55.13
C ALA O 81 -23.92 -4.78 -55.81
N PRO O 82 -24.24 -5.49 -56.91
CA PRO O 82 -23.26 -6.28 -57.65
C PRO O 82 -21.92 -5.59 -57.91
N GLU O 83 -21.96 -4.28 -58.07
CA GLU O 83 -20.79 -3.48 -58.39
C GLU O 83 -19.79 -3.42 -57.23
N ILE O 84 -20.29 -3.32 -56.00
CA ILE O 84 -19.42 -3.19 -54.81
C ILE O 84 -19.02 -4.52 -54.17
N ALA O 85 -19.61 -5.63 -54.63
CA ALA O 85 -19.39 -6.95 -54.03
C ALA O 85 -17.91 -7.33 -53.95
N LEU O 86 -17.19 -7.16 -55.06
CA LEU O 86 -15.77 -7.57 -55.16
C LEU O 86 -14.85 -6.81 -54.22
N GLU O 87 -15.09 -5.53 -54.01
CA GLU O 87 -14.27 -4.73 -53.10
C GLU O 87 -14.71 -4.96 -51.66
N LEU O 88 -16.03 -4.93 -51.44
CA LEU O 88 -16.62 -5.17 -50.12
C LEU O 88 -16.21 -6.52 -49.52
N LEU O 89 -15.92 -7.49 -50.39
CA LEU O 89 -15.37 -8.76 -49.95
C LEU O 89 -13.99 -8.53 -49.32
N MET O 90 -13.10 -7.92 -50.12
CA MET O 90 -11.73 -7.63 -49.69
C MET O 90 -11.72 -6.88 -48.37
N ALA O 91 -12.59 -5.89 -48.26
CA ALA O 91 -12.77 -5.12 -47.03
C ALA O 91 -13.18 -6.03 -45.87
N ALA O 92 -14.28 -6.76 -46.06
CA ALA O 92 -14.80 -7.69 -45.04
C ALA O 92 -13.72 -8.67 -44.62
N ASN O 93 -13.00 -9.20 -45.62
CA ASN O 93 -11.90 -10.10 -45.36
C ASN O 93 -10.79 -9.44 -44.55
N PHE O 94 -10.42 -8.22 -44.93
CA PHE O 94 -9.40 -7.46 -44.20
C PHE O 94 -9.89 -7.10 -42.80
N LEU O 95 -11.17 -6.76 -42.70
CA LEU O 95 -11.75 -6.30 -41.44
C LEU O 95 -12.21 -7.43 -40.53
N ASP O 96 -12.22 -8.66 -41.04
CA ASP O 96 -12.57 -9.83 -40.24
C ASP O 96 -13.97 -9.68 -39.64
N CYS O 97 -14.95 -9.49 -40.50
CA CYS O 97 -16.35 -9.48 -40.09
C CYS O 97 -17.25 -10.08 -41.18
N GLN P 3 -23.74 -6.10 59.95
CA GLN P 3 -22.51 -6.74 59.44
C GLN P 3 -22.78 -7.95 58.55
N ALA P 4 -23.57 -8.92 59.02
CA ALA P 4 -23.84 -10.13 58.21
C ALA P 4 -24.61 -9.83 56.94
N ALA P 5 -25.63 -8.98 57.03
CA ALA P 5 -26.42 -8.56 55.87
C ALA P 5 -25.55 -7.97 54.76
N ARG P 6 -24.61 -7.11 55.16
CA ARG P 6 -23.75 -6.45 54.20
C ARG P 6 -22.70 -7.41 53.65
N LEU P 7 -22.12 -8.24 54.50
CA LEU P 7 -21.18 -9.25 54.01
C LEU P 7 -21.91 -10.21 53.06
N ALA P 8 -23.07 -10.67 53.51
CA ALA P 8 -23.97 -11.48 52.71
C ALA P 8 -24.15 -10.83 51.36
N LYS P 9 -24.65 -9.60 51.35
CA LYS P 9 -24.88 -8.84 50.12
C LYS P 9 -23.64 -8.75 49.24
N ALA P 10 -22.49 -8.53 49.86
CA ALA P 10 -21.22 -8.38 49.15
C ALA P 10 -20.85 -9.66 48.41
N LEU P 11 -21.04 -10.81 49.07
CA LEU P 11 -20.71 -12.13 48.51
C LEU P 11 -21.74 -12.62 47.49
N ARG P 12 -22.97 -12.13 47.60
CA ARG P 12 -24.00 -12.42 46.63
C ARG P 12 -23.57 -11.81 45.29
N GLU P 13 -23.22 -10.53 45.32
CA GLU P 13 -22.70 -9.82 44.15
C GLU P 13 -21.50 -10.53 43.57
N LEU P 14 -20.59 -10.87 44.45
CA LEU P 14 -19.32 -11.43 44.01
C LEU P 14 -19.60 -12.77 43.32
N GLY P 15 -20.62 -13.48 43.82
CA GLY P 15 -21.07 -14.73 43.23
C GLY P 15 -21.59 -14.60 41.83
N GLN P 16 -22.15 -13.44 41.50
CA GLN P 16 -22.67 -13.17 40.14
C GLN P 16 -21.59 -12.83 39.13
N THR P 17 -20.33 -12.71 39.54
CA THR P 17 -19.31 -12.20 38.65
C THR P 17 -18.89 -13.23 37.63
N GLY P 18 -18.78 -14.46 38.08
CA GLY P 18 -18.24 -15.52 37.26
C GLY P 18 -16.81 -15.83 37.61
N TRP P 19 -16.13 -14.91 38.33
CA TRP P 19 -14.73 -15.11 38.72
C TRP P 19 -14.50 -15.19 40.25
N TYR P 20 -15.54 -15.57 40.99
CA TYR P 20 -15.39 -15.90 42.41
C TYR P 20 -15.31 -17.41 42.62
N TRP P 21 -14.18 -17.88 43.13
CA TRP P 21 -13.92 -19.32 43.21
C TRP P 21 -14.13 -19.90 44.60
N GLY P 22 -14.61 -19.08 45.52
CA GLY P 22 -14.98 -19.55 46.86
C GLY P 22 -13.84 -20.22 47.62
N SER P 23 -13.97 -21.52 47.82
CA SER P 23 -13.11 -22.24 48.72
C SER P 23 -11.79 -22.70 48.11
N MET P 24 -11.34 -22.04 47.07
CA MET P 24 -10.11 -22.44 46.42
C MET P 24 -8.93 -22.23 47.35
N THR P 25 -7.89 -23.04 47.22
CA THR P 25 -6.71 -22.91 48.08
C THR P 25 -5.58 -22.21 47.34
N VAL P 26 -4.51 -21.89 48.07
CA VAL P 26 -3.35 -21.20 47.54
C VAL P 26 -2.70 -21.96 46.38
N ASN P 27 -2.46 -23.25 46.56
CA ASN P 27 -1.90 -24.04 45.46
C ASN P 27 -2.88 -24.21 44.32
N GLU P 28 -4.16 -24.41 44.64
CA GLU P 28 -5.17 -24.47 43.60
C GLU P 28 -5.16 -23.22 42.70
N ALA P 29 -5.11 -22.04 43.32
CA ALA P 29 -5.03 -20.77 42.59
C ALA P 29 -3.68 -20.63 41.88
N LYS P 30 -2.62 -21.11 42.52
CA LYS P 30 -1.27 -21.06 41.94
C LYS P 30 -1.24 -21.92 40.68
N GLU P 31 -1.69 -23.17 40.79
CA GLU P 31 -1.70 -24.08 39.62
C GLU P 31 -2.61 -23.56 38.51
N LYS P 32 -3.69 -22.88 38.89
CA LYS P 32 -4.63 -22.33 37.91
C LYS P 32 -4.01 -21.17 37.14
N LEU P 33 -3.46 -20.20 37.87
CA LEU P 33 -2.90 -18.99 37.25
C LEU P 33 -1.47 -19.14 36.71
N LYS P 34 -0.78 -20.21 37.11
CA LYS P 34 0.61 -20.44 36.70
C LYS P 34 1.01 -19.94 35.31
N GLU P 35 0.20 -20.27 34.29
CA GLU P 35 0.54 -20.02 32.88
C GLU P 35 -0.24 -18.89 32.20
N ALA P 36 -1.00 -18.11 32.96
CA ALA P 36 -1.84 -17.04 32.38
C ALA P 36 -1.08 -15.74 32.05
N PRO P 37 -1.67 -14.89 31.20
CA PRO P 37 -1.08 -13.57 31.04
C PRO P 37 -1.02 -12.78 32.36
N GLU P 38 0.04 -11.99 32.49
CA GLU P 38 0.19 -11.01 33.57
C GLU P 38 -1.12 -10.25 33.76
N GLY P 39 -1.50 -10.03 35.01
CA GLY P 39 -2.70 -9.28 35.32
C GLY P 39 -3.96 -10.12 35.44
N THR P 40 -3.87 -11.39 35.06
CA THR P 40 -5.01 -12.29 35.15
C THR P 40 -5.28 -12.55 36.61
N PHE P 41 -6.53 -12.37 37.05
CA PHE P 41 -6.84 -12.44 38.47
C PHE P 41 -8.08 -13.25 38.75
N LEU P 42 -8.27 -13.61 40.01
CA LEU P 42 -9.53 -14.17 40.48
C LEU P 42 -9.66 -13.90 41.97
N ILE P 43 -10.88 -13.99 42.49
CA ILE P 43 -11.13 -13.77 43.90
C ILE P 43 -11.54 -15.07 44.55
N ARG P 44 -11.04 -15.31 45.74
CA ARG P 44 -11.48 -16.47 46.48
C ARG P 44 -11.52 -16.18 47.96
N ASP P 45 -12.06 -17.13 48.71
CA ASP P 45 -12.04 -17.03 50.15
C ASP P 45 -10.60 -17.04 50.62
N SER P 46 -10.31 -16.28 51.68
CA SER P 46 -8.96 -16.23 52.25
C SER P 46 -8.68 -17.44 53.10
N SER P 47 -7.42 -17.87 53.11
CA SER P 47 -6.99 -18.96 53.96
C SER P 47 -6.38 -18.46 55.25
N HIS P 48 -6.54 -17.17 55.54
CA HIS P 48 -5.95 -16.54 56.71
C HIS P 48 -7.03 -16.04 57.62
N SER P 49 -7.05 -16.52 58.85
CA SER P 49 -8.06 -16.11 59.84
C SER P 49 -8.44 -14.62 59.74
N ASP P 50 -7.50 -13.74 60.06
CA ASP P 50 -7.74 -12.29 60.01
C ASP P 50 -8.59 -11.82 58.83
N TYR P 51 -8.32 -12.35 57.64
CA TYR P 51 -8.98 -11.88 56.41
C TYR P 51 -10.15 -12.76 55.92
N LEU P 52 -10.87 -12.22 54.92
CA LEU P 52 -12.11 -12.80 54.39
C LEU P 52 -12.02 -13.18 52.90
N LEU P 53 -11.35 -12.36 52.10
CA LEU P 53 -11.22 -12.59 50.68
C LEU P 53 -9.82 -12.25 50.24
N THR P 54 -9.43 -12.79 49.09
CA THR P 54 -8.11 -12.55 48.53
C THR P 54 -8.22 -12.38 47.06
N ILE P 55 -7.26 -11.65 46.50
CA ILE P 55 -7.06 -11.63 45.09
C ILE P 55 -5.87 -12.53 44.85
N SER P 56 -6.04 -13.54 44.01
CA SER P 56 -4.93 -14.26 43.44
C SER P 56 -4.74 -13.66 42.05
N VAL P 57 -3.51 -13.25 41.76
CA VAL P 57 -3.21 -12.55 40.50
C VAL P 57 -1.88 -13.03 39.96
N LYS P 58 -1.78 -13.12 38.64
CA LYS P 58 -0.54 -13.46 37.97
C LYS P 58 0.28 -12.20 37.82
N THR P 59 1.54 -12.31 38.21
CA THR P 59 2.51 -11.24 38.03
C THR P 59 3.65 -11.82 37.22
N SER P 60 4.51 -10.95 36.73
CA SER P 60 5.75 -11.36 36.07
C SER P 60 6.59 -12.31 36.96
N ALA P 61 6.46 -12.20 38.27
CA ALA P 61 7.18 -13.07 39.20
C ALA P 61 6.48 -14.38 39.47
N GLY P 62 5.22 -14.47 39.09
CA GLY P 62 4.43 -15.65 39.37
C GLY P 62 3.11 -15.27 40.01
N PRO P 63 2.24 -16.25 40.23
CA PRO P 63 0.95 -15.94 40.79
C PRO P 63 1.11 -15.65 42.25
N THR P 64 0.50 -14.58 42.70
CA THR P 64 0.72 -14.08 44.05
C THR P 64 -0.63 -13.86 44.70
N ASN P 65 -0.64 -13.34 45.91
CA ASN P 65 -1.89 -13.14 46.63
C ASN P 65 -1.91 -11.82 47.38
N LEU P 66 -3.02 -11.12 47.22
CA LEU P 66 -3.22 -9.83 47.83
C LEU P 66 -4.58 -9.87 48.50
N ARG P 67 -4.59 -9.76 49.83
CA ARG P 67 -5.80 -9.95 50.61
C ARG P 67 -6.67 -8.72 50.71
N ILE P 68 -7.95 -8.94 51.03
CA ILE P 68 -8.92 -7.87 51.16
C ILE P 68 -9.36 -7.79 52.61
N GLU P 69 -9.34 -6.59 53.16
CA GLU P 69 -9.78 -6.39 54.52
C GLU P 69 -11.24 -6.06 54.52
N TYR P 70 -11.90 -6.35 55.63
CA TYR P 70 -13.31 -6.04 55.76
C TYR P 70 -13.54 -5.56 57.18
N GLN P 71 -13.56 -4.23 57.36
CA GLN P 71 -13.84 -3.62 58.66
C GLN P 71 -14.95 -2.58 58.53
N ASP P 72 -15.93 -2.66 59.42
CA ASP P 72 -17.08 -1.74 59.46
C ASP P 72 -17.81 -1.60 58.12
N GLY P 73 -18.35 -2.71 57.63
CA GLY P 73 -19.11 -2.71 56.39
C GLY P 73 -18.32 -2.47 55.11
N LYS P 74 -17.03 -2.08 55.22
CA LYS P 74 -16.28 -1.64 54.04
C LYS P 74 -15.04 -2.48 53.77
N PHE P 75 -14.66 -2.56 52.48
CA PHE P 75 -13.56 -3.39 51.98
C PHE P 75 -12.43 -2.54 51.45
N ARG P 76 -11.20 -3.01 51.62
CA ARG P 76 -10.05 -2.35 50.99
C ARG P 76 -8.89 -3.29 50.93
N LEU P 77 -7.87 -2.92 50.18
CA LEU P 77 -6.72 -3.79 49.97
C LEU P 77 -5.88 -3.89 51.23
N ASP P 78 -5.19 -5.03 51.37
CA ASP P 78 -4.40 -5.34 52.54
C ASP P 78 -3.53 -4.18 53.01
N SER P 79 -3.96 -3.51 54.08
CA SER P 79 -3.26 -2.33 54.60
C SER P 79 -1.79 -2.57 54.81
N ILE P 80 -1.46 -3.74 55.34
CA ILE P 80 -0.09 -4.11 55.64
C ILE P 80 0.86 -3.98 54.46
N ILE P 81 0.45 -4.54 53.33
CA ILE P 81 1.32 -4.62 52.15
C ILE P 81 1.24 -3.32 51.36
N CAS P 82 0.08 -2.66 51.46
CA CAS P 82 -0.37 -1.70 50.48
CB CAS P 82 -1.46 -2.55 49.85
C CAS P 82 -0.81 -0.43 51.20
O CAS P 82 -1.94 -0.32 51.65
SG CAS P 82 -1.94 -2.13 48.24
AS CAS P 82 -0.43 -2.47 46.68
CE1 CAS P 82 -0.26 -0.79 45.62
CE2 CAS P 82 1.35 -2.97 47.42
N VAL P 83 0.12 0.52 51.27
CA VAL P 83 0.07 1.69 52.19
C VAL P 83 -1.31 2.24 52.55
N LYS P 84 -1.66 2.09 53.83
CA LYS P 84 -2.98 2.43 54.37
C LYS P 84 -3.49 3.82 54.01
N SER P 85 -2.60 4.82 54.04
CA SER P 85 -2.99 6.20 53.73
C SER P 85 -3.37 6.39 52.26
N LYS P 86 -2.90 5.51 51.38
CA LYS P 86 -3.26 5.53 49.97
C LYS P 86 -4.23 4.40 49.62
N LEU P 87 -5.29 4.25 50.42
CA LEU P 87 -6.26 3.17 50.26
C LEU P 87 -7.69 3.68 50.29
N LYS P 88 -8.44 3.39 49.23
CA LYS P 88 -9.86 3.74 49.16
C LYS P 88 -10.73 2.57 49.61
N GLN P 89 -11.81 2.89 50.29
CA GLN P 89 -12.73 1.89 50.80
C GLN P 89 -13.94 1.69 49.89
N PHE P 90 -14.53 0.49 49.93
CA PHE P 90 -15.68 0.17 49.09
C PHE P 90 -16.69 -0.68 49.88
N ASP P 91 -17.97 -0.48 49.62
CA ASP P 91 -19.03 -1.33 50.16
C ASP P 91 -19.12 -2.63 49.37
N SER P 92 -18.77 -2.56 48.09
CA SER P 92 -18.81 -3.71 47.20
C SER P 92 -17.41 -4.11 46.80
N VAL P 93 -17.17 -5.42 46.75
CA VAL P 93 -15.86 -5.95 46.35
C VAL P 93 -15.75 -6.02 44.83
N VAL P 94 -16.87 -6.24 44.16
CA VAL P 94 -16.89 -6.21 42.70
C VAL P 94 -16.60 -4.78 42.22
N HIS P 95 -17.10 -3.79 42.97
CA HIS P 95 -16.80 -2.39 42.72
C HIS P 95 -15.34 -2.11 42.99
N LEU P 96 -14.85 -2.64 44.12
CA LEU P 96 -13.43 -2.54 44.47
C LEU P 96 -12.56 -3.04 43.33
N ILE P 97 -12.88 -4.22 42.80
CA ILE P 97 -12.10 -4.84 41.73
C ILE P 97 -12.25 -4.07 40.43
N ASP P 98 -13.47 -3.63 40.13
CA ASP P 98 -13.74 -2.82 38.94
C ASP P 98 -12.85 -1.58 38.96
N TYR P 99 -12.78 -0.94 40.13
CA TYR P 99 -11.98 0.25 40.32
C TYR P 99 -10.55 0.05 39.84
N TYR P 100 -9.79 -0.86 40.46
CA TYR P 100 -8.38 -1.02 40.09
C TYR P 100 -8.17 -1.53 38.68
N VAL P 101 -9.15 -2.26 38.12
CA VAL P 101 -9.07 -2.69 36.74
C VAL P 101 -9.09 -1.48 35.83
N GLN P 102 -9.97 -0.52 36.15
CA GLN P 102 -10.09 0.73 35.38
C GLN P 102 -8.85 1.58 35.58
N MET P 103 -8.35 1.62 36.80
CA MET P 103 -7.27 2.53 37.19
C MET P 103 -5.93 2.22 36.51
N CYS P 104 -5.66 0.96 36.18
CA CYS P 104 -4.40 0.62 35.49
C CYS P 104 -4.59 0.48 33.97
N LYS P 105 -5.61 1.14 33.44
CA LYS P 105 -5.82 1.28 31.98
C LYS P 105 -5.54 2.71 31.50
N HIS P 120 -0.29 1.53 40.19
CA HIS P 120 -0.59 0.60 41.27
C HIS P 120 -1.11 -0.74 40.68
N LEU P 121 -1.96 -1.42 41.45
CA LEU P 121 -2.34 -2.79 41.16
C LEU P 121 -2.71 -3.08 39.71
N TYR P 122 -1.95 -4.00 39.11
CA TYR P 122 -2.12 -4.43 37.73
C TYR P 122 -3.06 -5.64 37.63
N LEU P 123 -4.33 -5.35 37.33
CA LEU P 123 -5.37 -6.35 37.09
C LEU P 123 -5.92 -6.16 35.68
N THR P 124 -6.02 -7.24 34.92
CA THR P 124 -6.44 -7.16 33.53
C THR P 124 -7.73 -7.92 33.26
N LYS P 125 -7.66 -9.24 33.15
CA LYS P 125 -8.84 -10.01 32.78
C LYS P 125 -9.06 -11.11 33.82
N PRO P 126 -10.31 -11.26 34.30
CA PRO P 126 -10.61 -12.24 35.36
C PRO P 126 -10.69 -13.69 34.87
N LEU P 127 -10.20 -14.61 35.67
CA LEU P 127 -10.29 -16.05 35.33
C LEU P 127 -11.70 -16.58 35.60
N TYR P 128 -12.51 -16.72 34.55
CA TYR P 128 -13.88 -17.22 34.73
C TYR P 128 -13.93 -18.69 35.11
N THR P 129 -14.85 -19.05 35.99
CA THR P 129 -15.07 -20.44 36.37
C THR P 129 -15.71 -21.21 35.23
N SER P 130 -16.66 -20.53 34.58
CA SER P 130 -17.28 -21.03 33.37
C SER P 130 -17.57 -19.83 32.46
N ALA P 131 -17.71 -20.09 31.17
CA ALA P 131 -17.99 -19.03 30.22
C ALA P 131 -19.26 -18.31 30.63
N PRO P 132 -19.23 -16.96 30.65
CA PRO P 132 -20.44 -16.24 31.03
C PRO P 132 -21.52 -16.33 30.00
N SER P 133 -22.76 -16.06 30.42
CA SER P 133 -23.87 -15.93 29.48
C SER P 133 -23.56 -14.84 28.44
N LEU P 134 -24.16 -14.97 27.27
CA LEU P 134 -24.14 -13.91 26.28
C LEU P 134 -24.86 -12.67 26.84
N GLN P 135 -25.91 -12.92 27.61
CA GLN P 135 -26.64 -11.84 28.27
C GLN P 135 -25.71 -11.00 29.15
N HIS P 136 -24.94 -11.70 29.98
CA HIS P 136 -23.95 -11.05 30.87
C HIS P 136 -22.89 -10.30 30.07
N LEU P 137 -22.23 -11.00 29.15
CA LEU P 137 -21.18 -10.37 28.35
C LEU P 137 -21.65 -9.06 27.71
N CYS P 138 -22.83 -9.10 27.11
CA CYS P 138 -23.47 -7.91 26.56
C CYS P 138 -23.61 -6.81 27.62
N ARG P 139 -24.09 -7.20 28.80
CA ARG P 139 -24.27 -6.30 29.96
C ARG P 139 -22.97 -5.60 30.39
N LEU P 140 -21.86 -6.31 30.33
CA LEU P 140 -20.58 -5.70 30.66
C LEU P 140 -20.30 -4.65 29.61
N THR P 141 -20.39 -5.04 28.34
CA THR P 141 -20.17 -4.11 27.23
C THR P 141 -21.02 -2.85 27.33
N ILE P 142 -22.30 -3.03 27.66
CA ILE P 142 -23.21 -1.90 27.79
C ILE P 142 -22.82 -1.02 28.97
N ASN P 143 -22.55 -1.64 30.12
CA ASN P 143 -22.07 -0.93 31.32
C ASN P 143 -20.79 -0.13 31.11
N LYS P 144 -19.91 -0.60 30.22
CA LYS P 144 -18.70 0.16 29.87
C LYS P 144 -19.02 1.49 29.19
N CYS P 145 -20.01 1.48 28.30
CA CYS P 145 -20.38 2.67 27.50
C CYS P 145 -21.22 3.71 28.24
N THR P 146 -22.20 3.27 29.03
CA THR P 146 -23.17 4.19 29.64
C THR P 146 -23.57 3.80 31.05
N GLY P 147 -23.73 4.79 31.90
CA GLY P 147 -24.31 4.61 33.22
C GLY P 147 -25.82 4.68 33.16
N ALA P 148 -26.33 5.61 32.35
CA ALA P 148 -27.76 5.88 32.26
C ALA P 148 -28.53 4.74 31.58
N ILE P 149 -29.16 3.89 32.39
CA ILE P 149 -29.99 2.80 31.88
C ILE P 149 -31.32 3.38 31.37
N TRP P 150 -31.85 4.31 32.14
CA TRP P 150 -33.10 5.01 31.82
C TRP P 150 -33.16 5.64 30.42
N GLY P 151 -32.00 5.82 29.78
CA GLY P 151 -31.96 6.34 28.42
C GLY P 151 -31.82 5.32 27.29
N LEU P 152 -31.81 4.03 27.61
CA LEU P 152 -31.55 3.01 26.60
C LEU P 152 -32.85 2.55 25.91
N PRO P 153 -32.81 2.31 24.59
CA PRO P 153 -34.00 1.81 23.90
C PRO P 153 -34.25 0.32 24.18
N LEU P 154 -34.72 0.02 25.39
CA LEU P 154 -34.99 -1.35 25.81
C LEU P 154 -36.26 -1.40 26.63
N PRO P 155 -36.97 -2.54 26.59
CA PRO P 155 -38.15 -2.72 27.46
C PRO P 155 -37.75 -2.83 28.94
N THR P 156 -38.69 -2.53 29.84
CA THR P 156 -38.38 -2.41 31.27
C THR P 156 -37.59 -3.60 31.79
N ARG P 157 -37.99 -4.80 31.37
CA ARG P 157 -37.44 -6.04 31.92
C ARG P 157 -35.95 -6.23 31.66
N LEU P 158 -35.46 -5.68 30.54
CA LEU P 158 -34.03 -5.72 30.22
C LEU P 158 -33.26 -4.55 30.81
N LYS P 159 -33.94 -3.45 31.11
CA LYS P 159 -33.33 -2.42 31.92
C LYS P 159 -33.15 -3.00 33.32
N ASP P 160 -34.22 -3.63 33.82
CA ASP P 160 -34.19 -4.33 35.12
C ASP P 160 -33.11 -5.40 35.21
N TYR P 161 -32.82 -6.06 34.08
CA TYR P 161 -31.71 -7.01 34.04
C TYR P 161 -30.34 -6.32 34.19
N LEU P 162 -30.18 -5.19 33.51
CA LEU P 162 -28.95 -4.40 33.66
C LEU P 162 -28.84 -3.80 35.04
N GLU P 163 -29.99 -3.49 35.64
CA GLU P 163 -30.02 -2.97 37.00
C GLU P 163 -29.36 -3.92 38.00
N GLU P 164 -29.45 -5.23 37.73
CA GLU P 164 -28.90 -6.28 38.59
C GLU P 164 -27.38 -6.42 38.63
N TYR P 165 -26.66 -5.75 37.72
CA TYR P 165 -25.20 -5.81 37.70
C TYR P 165 -24.64 -4.63 36.93
N LYS P 166 -24.20 -3.60 37.65
CA LYS P 166 -23.77 -2.33 37.07
C LYS P 166 -22.25 -2.17 36.97
N PHE P 167 -21.50 -3.26 36.89
CA PHE P 167 -20.03 -3.19 36.79
C PHE P 167 -19.53 -3.46 35.38
N GLN P 168 -18.30 -3.06 35.10
CA GLN P 168 -17.72 -3.17 33.76
C GLN P 168 -16.88 -4.43 33.60
N VAL P 169 -16.90 -5.29 34.62
CA VAL P 169 -16.05 -6.45 34.64
C VAL P 169 -16.72 -7.52 35.49
N ASP Q 2 -5.90 -26.33 15.29
CA ASP Q 2 -7.37 -26.13 15.07
C ASP Q 2 -7.68 -24.68 14.72
N VAL Q 3 -8.78 -24.47 13.99
CA VAL Q 3 -9.13 -23.14 13.48
C VAL Q 3 -10.63 -23.05 13.14
N PHE Q 4 -11.20 -21.86 13.20
CA PHE Q 4 -12.66 -21.68 13.14
C PHE Q 4 -13.10 -20.78 11.98
N LEU Q 5 -14.19 -21.16 11.31
CA LEU Q 5 -14.52 -20.58 10.00
C LEU Q 5 -15.98 -20.18 9.79
N MET Q 6 -16.14 -19.08 9.07
CA MET Q 6 -17.40 -18.68 8.44
C MET Q 6 -17.21 -18.86 6.93
N ILE Q 7 -17.95 -19.80 6.35
CA ILE Q 7 -17.90 -20.02 4.91
C ILE Q 7 -19.11 -19.30 4.33
N ARG Q 8 -18.89 -18.41 3.38
CA ARG Q 8 -19.95 -17.49 2.94
C ARG Q 8 -20.14 -17.42 1.42
N ARG Q 9 -21.38 -17.61 0.99
CA ARG Q 9 -21.84 -17.34 -0.38
C ARG Q 9 -23.25 -16.75 -0.32
N HIS Q 10 -23.43 -15.64 -1.03
CA HIS Q 10 -24.74 -14.96 -1.14
C HIS Q 10 -25.32 -14.71 0.26
N LYS Q 11 -26.42 -15.36 0.60
CA LYS Q 11 -27.03 -15.20 1.93
C LYS Q 11 -26.91 -16.46 2.78
N THR Q 12 -26.07 -17.41 2.34
CA THR Q 12 -25.76 -18.58 3.15
C THR Q 12 -24.43 -18.37 3.86
N THR Q 13 -24.41 -18.70 5.16
CA THR Q 13 -23.19 -18.66 5.96
C THR Q 13 -23.10 -19.95 6.75
N ILE Q 14 -22.00 -20.68 6.60
CA ILE Q 14 -21.77 -21.89 7.35
C ILE Q 14 -20.74 -21.63 8.42
N PHE Q 15 -21.08 -21.95 9.66
CA PHE Q 15 -20.14 -21.90 10.77
C PHE Q 15 -19.57 -23.29 10.95
N THR Q 16 -18.27 -23.45 10.71
CA THR Q 16 -17.60 -24.72 10.96
C THR Q 16 -16.13 -24.54 11.38
N ASP Q 17 -15.56 -25.61 11.91
CA ASP Q 17 -14.18 -25.61 12.39
C ASP Q 17 -13.35 -26.68 11.70
N ALA Q 18 -12.07 -26.37 11.48
CA ALA Q 18 -11.15 -27.29 10.81
C ALA Q 18 -9.79 -27.30 11.50
N LYS Q 19 -8.92 -28.24 11.11
CA LYS Q 19 -7.54 -28.27 11.59
C LYS Q 19 -6.69 -27.35 10.71
N GLU Q 20 -5.70 -26.67 11.29
CA GLU Q 20 -4.86 -25.73 10.54
C GLU Q 20 -4.13 -26.42 9.39
N SER Q 21 -3.70 -27.66 9.60
CA SER Q 21 -2.95 -28.41 8.59
C SER Q 21 -3.82 -28.98 7.46
N SER Q 22 -5.13 -29.09 7.73
CA SER Q 22 -6.07 -29.63 6.76
C SER Q 22 -6.05 -28.87 5.44
N THR Q 23 -6.42 -29.57 4.37
CA THR Q 23 -6.32 -29.06 3.01
C THR Q 23 -7.59 -28.32 2.57
N VAL Q 24 -7.44 -27.47 1.54
CA VAL Q 24 -8.56 -26.71 1.00
C VAL Q 24 -9.59 -27.63 0.33
N PHE Q 25 -9.10 -28.65 -0.37
CA PHE Q 25 -9.97 -29.66 -0.96
C PHE Q 25 -10.72 -30.42 0.12
N GLU Q 26 -10.03 -30.67 1.24
CA GLU Q 26 -10.66 -31.31 2.39
C GLU Q 26 -11.83 -30.46 2.92
N LEU Q 27 -11.67 -29.14 2.89
CA LEU Q 27 -12.76 -28.22 3.29
C LEU Q 27 -13.90 -28.21 2.27
N LYS Q 28 -13.57 -28.32 0.99
CA LYS Q 28 -14.61 -28.42 -0.04
C LYS Q 28 -15.42 -29.71 0.12
N ARG Q 29 -14.76 -30.78 0.55
CA ARG Q 29 -15.43 -32.06 0.84
C ARG Q 29 -16.55 -31.90 1.89
N ILE Q 30 -16.25 -31.14 2.94
CA ILE Q 30 -17.20 -30.94 4.04
C ILE Q 30 -18.39 -30.10 3.57
N VAL Q 31 -18.14 -29.19 2.64
CA VAL Q 31 -19.20 -28.37 2.02
C VAL Q 31 -20.21 -29.23 1.24
N GLU Q 32 -19.71 -30.26 0.54
CA GLU Q 32 -20.57 -31.19 -0.20
C GLU Q 32 -21.51 -31.99 0.72
N GLY Q 33 -21.07 -32.21 1.96
CA GLY Q 33 -21.90 -32.88 2.96
C GLY Q 33 -22.94 -31.97 3.60
N ILE Q 34 -22.91 -30.69 3.27
CA ILE Q 34 -23.84 -29.70 3.82
C ILE Q 34 -24.80 -29.18 2.75
N LEU Q 35 -24.26 -28.66 1.66
CA LEU Q 35 -25.07 -28.10 0.57
C LEU Q 35 -25.37 -29.07 -0.58
N LYS Q 36 -24.62 -30.18 -0.65
CA LYS Q 36 -24.83 -31.19 -1.69
C LYS Q 36 -24.37 -30.69 -3.07
N ARG Q 37 -23.17 -30.12 -3.12
CA ARG Q 37 -22.51 -29.71 -4.36
C ARG Q 37 -21.05 -30.16 -4.33
N PRO Q 38 -20.53 -30.70 -5.44
CA PRO Q 38 -19.22 -31.35 -5.43
C PRO Q 38 -18.02 -30.38 -5.47
N PRO Q 39 -16.88 -30.79 -4.88
CA PRO Q 39 -15.65 -29.99 -4.81
C PRO Q 39 -15.22 -29.30 -6.12
N ASP Q 40 -15.32 -30.02 -7.23
CA ASP Q 40 -14.94 -29.45 -8.53
C ASP Q 40 -15.94 -28.41 -9.05
N GLU Q 41 -17.16 -28.38 -8.47
CA GLU Q 41 -18.15 -27.36 -8.78
C GLU Q 41 -18.21 -26.27 -7.71
N GLN Q 42 -17.10 -26.03 -7.02
CA GLN Q 42 -16.98 -24.90 -6.08
C GLN Q 42 -15.56 -24.32 -6.06
N ARG Q 43 -15.47 -23.07 -5.61
CA ARG Q 43 -14.21 -22.34 -5.46
C ARG Q 43 -14.18 -21.67 -4.09
N LEU Q 44 -13.00 -21.58 -3.49
CA LEU Q 44 -12.84 -20.97 -2.16
C LEU Q 44 -11.86 -19.79 -2.16
N TYR Q 45 -12.20 -18.74 -1.43
CA TYR Q 45 -11.47 -17.46 -1.48
C TYR Q 45 -11.15 -16.87 -0.11
N LYS Q 46 -9.92 -16.40 0.05
CA LYS Q 46 -9.55 -15.49 1.14
C LYS Q 46 -9.47 -14.09 0.55
N ASP Q 47 -10.38 -13.21 0.99
CA ASP Q 47 -10.53 -11.87 0.40
C ASP Q 47 -10.87 -11.99 -1.10
N ASP Q 48 -10.04 -11.44 -1.97
CA ASP Q 48 -10.25 -11.53 -3.42
C ASP Q 48 -9.53 -12.74 -4.03
N GLN Q 49 -8.48 -13.23 -3.36
CA GLN Q 49 -7.62 -14.27 -3.91
C GLN Q 49 -8.27 -15.64 -3.89
N LEU Q 50 -8.07 -16.41 -4.97
CA LEU Q 50 -8.55 -17.79 -5.07
C LEU Q 50 -7.56 -18.75 -4.43
N LEU Q 51 -8.08 -19.74 -3.69
CA LEU Q 51 -7.26 -20.68 -2.95
C LEU Q 51 -7.20 -22.04 -3.63
N ASP Q 52 -6.04 -22.68 -3.55
CA ASP Q 52 -5.80 -23.96 -4.24
C ASP Q 52 -6.21 -25.15 -3.38
N ASP Q 53 -6.71 -26.20 -4.03
CA ASP Q 53 -7.21 -27.40 -3.35
C ASP Q 53 -6.14 -28.10 -2.49
N GLY Q 54 -4.93 -28.20 -3.03
CA GLY Q 54 -3.83 -28.91 -2.37
C GLY Q 54 -3.25 -28.23 -1.13
N LYS Q 55 -3.29 -26.91 -1.10
CA LYS Q 55 -2.70 -26.14 0.02
C LYS Q 55 -3.44 -26.34 1.34
N THR Q 56 -2.72 -26.18 2.45
CA THR Q 56 -3.33 -26.24 3.78
C THR Q 56 -4.04 -24.92 4.06
N LEU Q 57 -4.93 -24.93 5.04
CA LEU Q 57 -5.59 -23.71 5.51
C LEU Q 57 -4.54 -22.78 6.13
N GLY Q 58 -3.61 -23.37 6.90
CA GLY Q 58 -2.51 -22.64 7.49
C GLY Q 58 -1.65 -21.94 6.46
N GLU Q 59 -1.33 -22.64 5.37
CA GLU Q 59 -0.57 -22.04 4.28
C GLU Q 59 -1.31 -20.89 3.60
N CYS Q 60 -2.64 -20.92 3.63
CA CYS Q 60 -3.47 -19.84 3.08
C CYS Q 60 -3.61 -18.62 4.00
N GLY Q 61 -2.99 -18.66 5.18
CA GLY Q 61 -3.05 -17.56 6.15
C GLY Q 61 -4.04 -17.78 7.27
N PHE Q 62 -4.64 -18.97 7.31
CA PHE Q 62 -5.64 -19.32 8.33
C PHE Q 62 -4.98 -20.01 9.53
N THR Q 63 -4.33 -19.21 10.38
CA THR Q 63 -3.73 -19.72 11.61
C THR Q 63 -4.76 -19.77 12.74
N SER Q 64 -4.43 -20.51 13.79
CA SER Q 64 -5.29 -20.59 14.98
C SER Q 64 -5.36 -19.25 15.70
N GLN Q 65 -4.26 -18.49 15.65
CA GLN Q 65 -4.21 -17.18 16.30
C GLN Q 65 -5.15 -16.15 15.67
N THR Q 66 -5.31 -16.23 14.34
CA THR Q 66 -6.07 -15.21 13.60
C THR Q 66 -7.48 -15.66 13.17
N ALA Q 67 -7.92 -16.83 13.63
CA ALA Q 67 -9.24 -17.34 13.26
C ALA Q 67 -9.82 -18.15 14.42
N ARG Q 68 -10.43 -17.42 15.35
CA ARG Q 68 -10.84 -17.94 16.64
C ARG Q 68 -12.35 -18.20 16.67
N PRO Q 69 -12.83 -18.93 17.70
CA PRO Q 69 -14.27 -19.12 17.84
C PRO Q 69 -15.05 -17.82 17.91
N GLN Q 70 -14.51 -16.85 18.64
CA GLN Q 70 -15.18 -15.57 18.85
C GLN Q 70 -15.15 -14.66 17.63
N ALA Q 71 -14.08 -14.77 16.84
CA ALA Q 71 -13.90 -13.94 15.64
C ALA Q 71 -13.37 -14.80 14.49
N PRO Q 72 -14.24 -15.64 13.90
CA PRO Q 72 -13.83 -16.58 12.87
C PRO Q 72 -13.61 -15.93 11.52
N ALA Q 73 -12.92 -16.63 10.63
CA ALA Q 73 -12.50 -16.09 9.34
C ALA Q 73 -13.53 -16.37 8.24
N THR Q 74 -13.78 -15.35 7.42
CA THR Q 74 -14.69 -15.49 6.29
C THR Q 74 -13.97 -16.15 5.12
N VAL Q 75 -14.41 -17.36 4.78
CA VAL Q 75 -14.02 -18.01 3.54
C VAL Q 75 -15.12 -17.76 2.50
N GLY Q 76 -14.76 -17.07 1.42
CA GLY Q 76 -15.70 -16.79 0.32
C GLY Q 76 -15.94 -18.05 -0.50
N LEU Q 77 -17.12 -18.14 -1.10
CA LEU Q 77 -17.52 -19.35 -1.85
C LEU Q 77 -18.32 -18.98 -3.10
N ALA Q 78 -18.09 -19.70 -4.19
CA ALA Q 78 -18.81 -19.48 -5.45
C ALA Q 78 -19.12 -20.81 -6.13
N PHE Q 79 -20.34 -21.00 -6.61
CA PHE Q 79 -20.72 -22.25 -7.29
C PHE Q 79 -20.55 -22.17 -8.80
N ARG Q 80 -20.63 -23.33 -9.44
CA ARG Q 80 -20.76 -23.41 -10.90
C ARG Q 80 -22.16 -22.96 -11.32
N ALA Q 81 -22.29 -22.56 -12.59
CA ALA Q 81 -23.57 -22.15 -13.15
C ALA Q 81 -23.65 -22.60 -14.60
N ASP Q 82 -24.15 -23.81 -14.81
CA ASP Q 82 -24.29 -24.41 -16.14
C ASP Q 82 -22.93 -24.56 -16.84
N ASP Q 83 -22.60 -23.62 -17.73
CA ASP Q 83 -21.39 -23.72 -18.55
C ASP Q 83 -20.35 -22.66 -18.20
N THR Q 84 -20.21 -22.36 -16.90
CA THR Q 84 -19.26 -21.38 -16.39
C THR Q 84 -19.28 -21.36 -14.86
N PHE Q 85 -18.72 -20.31 -14.25
CA PHE Q 85 -18.78 -20.12 -12.81
C PHE Q 85 -19.52 -18.84 -12.43
N GLU Q 86 -20.18 -18.87 -11.28
CA GLU Q 86 -20.77 -17.68 -10.67
C GLU Q 86 -19.64 -16.78 -10.16
N ALA Q 87 -19.85 -15.47 -10.20
CA ALA Q 87 -18.90 -14.54 -9.60
C ALA Q 87 -19.03 -14.63 -8.09
N LEU Q 88 -17.89 -14.57 -7.39
CA LEU Q 88 -17.87 -14.53 -5.93
C LEU Q 88 -18.66 -13.32 -5.46
N CAS Q 89 -19.71 -13.58 -4.69
CA CAS Q 89 -20.57 -12.52 -4.16
CB CAS Q 89 -21.77 -12.38 -5.07
C CAS Q 89 -21.00 -12.86 -2.76
O CAS Q 89 -21.44 -13.98 -2.50
SG CAS Q 89 -22.56 -10.82 -4.82
AS CAS Q 89 -24.50 -11.57 -3.99
CE1 CAS Q 89 -25.41 -10.05 -3.08
CE2 CAS Q 89 -25.65 -12.28 -5.45
N ILE Q 90 -20.87 -11.91 -1.84
CA ILE Q 90 -21.23 -12.11 -0.44
C ILE Q 90 -22.18 -11.00 -0.03
N GLU Q 91 -23.43 -11.35 0.24
CA GLU Q 91 -24.42 -10.37 0.71
C GLU Q 91 -23.95 -9.87 2.08
N PRO Q 92 -23.77 -8.54 2.25
CA PRO Q 92 -23.43 -8.02 3.57
C PRO Q 92 -24.48 -8.34 4.62
N PHE Q 93 -24.05 -8.53 5.87
CA PHE Q 93 -25.02 -8.64 6.96
C PHE Q 93 -25.75 -7.32 7.03
N SER Q 94 -26.84 -7.29 7.80
CA SER Q 94 -27.56 -6.05 8.01
C SER Q 94 -26.67 -5.10 8.81
N SER Q 95 -27.16 -3.89 9.08
CA SER Q 95 -26.37 -2.90 9.79
C SER Q 95 -27.08 -2.54 11.08
N PRO Q 96 -26.31 -2.31 12.16
CA PRO Q 96 -26.94 -1.83 13.37
C PRO Q 96 -27.38 -0.37 13.24
N PRO Q 97 -28.32 0.06 14.10
CA PRO Q 97 -28.59 1.49 14.21
C PRO Q 97 -27.39 2.25 14.77
N GLU Q 98 -27.39 3.56 14.60
CA GLU Q 98 -26.36 4.42 15.18
C GLU Q 98 -26.44 4.33 16.71
N LEU Q 99 -25.28 4.40 17.36
CA LEU Q 99 -25.18 4.33 18.83
C LEU Q 99 -26.03 5.37 19.56
N PRO Q 100 -27.05 4.93 20.32
CA PRO Q 100 -27.88 5.86 21.11
C PRO Q 100 -27.08 6.93 21.86
N ASP Q 101 -27.64 8.13 21.96
CA ASP Q 101 -26.95 9.26 22.57
C ASP Q 101 -26.35 8.89 23.94
N VAL Q 102 -27.13 8.16 24.74
CA VAL Q 102 -26.67 7.67 26.05
C VAL Q 102 -25.37 6.85 25.93
N MET Q 103 -25.26 6.03 24.89
CA MET Q 103 -24.05 5.25 24.61
C MET Q 103 -23.10 5.98 23.66
N MET R 2 -26.83 -33.45 12.06
CA MET R 2 -25.51 -32.94 12.57
C MET R 2 -25.36 -31.41 12.49
N TYR R 3 -26.28 -30.74 11.79
CA TYR R 3 -26.26 -29.29 11.66
C TYR R 3 -27.69 -28.78 11.74
N VAL R 4 -27.85 -27.47 11.83
CA VAL R 4 -29.16 -26.82 11.78
C VAL R 4 -29.04 -25.50 11.01
N LYS R 5 -30.17 -24.94 10.59
CA LYS R 5 -30.21 -23.72 9.79
C LYS R 5 -31.05 -22.66 10.47
N LEU R 6 -30.41 -21.55 10.82
CA LEU R 6 -31.10 -20.43 11.46
C LEU R 6 -31.24 -19.33 10.43
N ILE R 7 -32.43 -18.77 10.30
CA ILE R 7 -32.65 -17.68 9.33
C ILE R 7 -32.95 -16.36 10.02
N SER R 8 -32.15 -15.33 9.70
CA SER R 8 -32.34 -13.98 10.22
C SER R 8 -33.62 -13.37 9.68
N SER R 9 -34.03 -12.25 10.28
CA SER R 9 -35.24 -11.55 9.84
C SER R 9 -35.10 -11.05 8.40
N ASP R 10 -33.89 -10.58 8.05
CA ASP R 10 -33.61 -10.11 6.70
C ASP R 10 -33.08 -11.20 5.75
N GLY R 11 -33.46 -12.45 6.00
CA GLY R 11 -33.27 -13.52 5.00
C GLY R 11 -31.91 -14.22 4.89
N HIS R 12 -30.96 -13.88 5.77
CA HIS R 12 -29.68 -14.59 5.79
C HIS R 12 -29.87 -15.98 6.37
N GLU R 13 -29.04 -16.92 5.92
CA GLU R 13 -29.09 -18.30 6.40
C GLU R 13 -27.77 -18.64 7.09
N PHE R 14 -27.87 -19.04 8.35
CA PHE R 14 -26.70 -19.41 9.15
C PHE R 14 -26.77 -20.88 9.55
N ILE R 15 -25.78 -21.66 9.09
CA ILE R 15 -25.74 -23.10 9.33
C ILE R 15 -24.71 -23.47 10.41
N VAL R 16 -25.20 -23.70 11.62
CA VAL R 16 -24.37 -24.03 12.79
C VAL R 16 -24.34 -25.53 13.04
N LYS R 17 -23.31 -26.02 13.73
CA LYS R 17 -23.29 -27.42 14.15
C LYS R 17 -24.48 -27.66 15.09
N ARG R 18 -24.81 -28.92 15.35
CA ARG R 18 -26.02 -29.27 16.10
C ARG R 18 -25.87 -28.93 17.58
N GLU R 19 -24.87 -29.54 18.22
CA GLU R 19 -24.60 -29.30 19.63
C GLU R 19 -24.45 -27.80 19.92
N HIS R 20 -23.70 -27.10 19.07
CA HIS R 20 -23.41 -25.67 19.23
C HIS R 20 -24.68 -24.85 19.44
N ALA R 21 -25.69 -25.10 18.60
CA ALA R 21 -26.96 -24.37 18.65
C ALA R 21 -27.79 -24.70 19.88
N LEU R 22 -27.59 -25.89 20.47
CA LEU R 22 -28.29 -26.29 21.69
C LEU R 22 -27.80 -25.54 22.94
N THR R 23 -26.73 -24.76 22.77
CA THR R 23 -26.33 -23.78 23.76
C THR R 23 -27.49 -22.82 24.05
N SER R 24 -28.10 -22.30 22.99
CA SER R 24 -29.35 -21.52 23.11
C SER R 24 -30.49 -22.41 23.60
N GLY R 25 -30.95 -22.14 24.83
CA GLY R 25 -31.99 -22.94 25.45
C GLY R 25 -33.33 -22.89 24.75
N THR R 26 -33.59 -21.80 24.03
CA THR R 26 -34.79 -21.69 23.21
C THR R 26 -34.72 -22.62 22.00
N ILE R 27 -33.55 -22.70 21.38
CA ILE R 27 -33.36 -23.61 20.26
C ILE R 27 -33.46 -25.06 20.73
N LYS R 28 -32.87 -25.35 21.90
CA LYS R 28 -32.92 -26.70 22.50
C LYS R 28 -34.36 -27.16 22.80
N ALA R 29 -35.21 -26.21 23.15
CA ALA R 29 -36.64 -26.48 23.36
C ALA R 29 -37.35 -26.87 22.06
N MET R 30 -36.83 -26.41 20.93
CA MET R 30 -37.41 -26.73 19.63
C MET R 30 -36.69 -27.94 18.99
N LEU R 31 -36.59 -29.03 19.76
CA LEU R 31 -35.91 -30.25 19.31
C LEU R 31 -35.98 -31.36 20.37
N ASN R 43 -35.16 -29.39 12.27
CA ASN R 43 -33.79 -28.98 12.01
C ASN R 43 -33.68 -27.64 11.26
N GLU R 44 -34.77 -26.88 11.22
CA GLU R 44 -34.77 -25.51 10.69
C GLU R 44 -35.45 -24.59 11.70
N VAL R 45 -34.94 -23.37 11.84
CA VAL R 45 -35.56 -22.34 12.68
C VAL R 45 -35.46 -20.97 11.99
N ASN R 46 -36.50 -20.17 12.14
CA ASN R 46 -36.63 -18.90 11.42
C ASN R 46 -36.91 -17.78 12.40
N PHE R 47 -35.96 -16.87 12.55
CA PHE R 47 -36.08 -15.79 13.53
C PHE R 47 -36.50 -14.49 12.86
N ARG R 48 -37.81 -14.21 12.94
CA ARG R 48 -38.40 -13.02 12.31
C ARG R 48 -38.02 -11.70 13.02
N GLU R 49 -37.60 -11.79 14.28
CA GLU R 49 -37.25 -10.60 15.04
C GLU R 49 -35.75 -10.34 15.11
N ILE R 50 -34.93 -11.31 14.72
CA ILE R 50 -33.48 -11.19 14.87
C ILE R 50 -32.77 -10.97 13.52
N PRO R 51 -32.19 -9.77 13.30
CA PRO R 51 -31.49 -9.50 12.04
C PRO R 51 -30.18 -10.31 11.88
N SER R 52 -29.46 -10.07 10.78
CA SER R 52 -28.28 -10.86 10.43
C SER R 52 -27.01 -10.39 11.14
N HIS R 53 -26.87 -9.08 11.34
CA HIS R 53 -25.71 -8.53 12.04
C HIS R 53 -25.66 -9.00 13.50
N VAL R 54 -26.84 -9.24 14.08
CA VAL R 54 -26.96 -9.78 15.42
C VAL R 54 -26.71 -11.29 15.36
N LEU R 55 -27.59 -12.01 14.67
CA LEU R 55 -27.55 -13.47 14.63
C LEU R 55 -26.15 -14.04 14.39
N SER R 56 -25.41 -13.44 13.46
CA SER R 56 -24.05 -13.90 13.16
C SER R 56 -23.23 -13.94 14.44
N LYS R 57 -23.32 -12.86 15.22
CA LYS R 57 -22.57 -12.75 16.48
C LYS R 57 -23.00 -13.82 17.48
N VAL R 58 -24.28 -14.11 17.52
CA VAL R 58 -24.84 -15.16 18.37
C VAL R 58 -24.26 -16.53 18.00
N CYS R 59 -24.14 -16.77 16.70
CA CYS R 59 -23.58 -18.03 16.26
C CYS R 59 -22.14 -18.12 16.76
N MET R 60 -21.37 -17.05 16.57
CA MET R 60 -20.00 -17.00 17.08
C MET R 60 -19.95 -17.33 18.57
N TYR R 61 -20.89 -16.78 19.34
CA TYR R 61 -20.93 -17.09 20.76
C TYR R 61 -21.04 -18.60 21.00
N PHE R 62 -21.89 -19.29 20.25
CA PHE R 62 -22.02 -20.74 20.41
C PHE R 62 -20.66 -21.42 20.32
N THR R 63 -19.84 -21.01 19.36
CA THR R 63 -18.52 -21.59 19.16
C THR R 63 -17.68 -21.34 20.39
N TYR R 64 -17.59 -20.07 20.75
CA TYR R 64 -16.86 -19.63 21.93
C TYR R 64 -17.29 -20.38 23.20
N LYS R 65 -18.60 -20.57 23.37
CA LYS R 65 -19.17 -21.18 24.57
C LYS R 65 -18.87 -22.66 24.65
N VAL R 66 -19.05 -23.36 23.52
CA VAL R 66 -18.75 -24.78 23.45
C VAL R 66 -17.24 -24.98 23.52
N ARG R 67 -16.50 -24.25 22.69
CA ARG R 67 -15.05 -24.44 22.53
C ARG R 67 -14.28 -24.35 23.85
N TYR R 68 -14.83 -23.62 24.82
CA TYR R 68 -14.29 -23.61 26.18
C TYR R 68 -15.42 -23.79 27.17
N GLU R 74 -8.25 -22.60 30.31
CA GLU R 74 -8.64 -21.19 30.45
C GLU R 74 -9.44 -20.68 29.22
N ILE R 75 -10.16 -19.57 29.41
CA ILE R 75 -11.06 -18.97 28.39
C ILE R 75 -10.54 -17.58 27.95
N PRO R 76 -10.58 -17.29 26.63
CA PRO R 76 -10.18 -15.99 26.10
C PRO R 76 -11.36 -15.03 25.89
N GLU R 77 -11.13 -13.93 25.18
CA GLU R 77 -12.12 -12.86 25.00
C GLU R 77 -13.27 -13.21 24.06
N PHE R 78 -14.38 -12.48 24.22
CA PHE R 78 -15.48 -12.45 23.25
C PHE R 78 -15.89 -10.98 23.02
N PRO R 79 -15.29 -10.35 22.00
CA PRO R 79 -15.48 -8.91 21.88
C PRO R 79 -16.82 -8.57 21.21
N ILE R 80 -17.49 -7.56 21.75
CA ILE R 80 -18.76 -7.10 21.25
C ILE R 80 -18.62 -5.61 20.99
N ALA R 81 -18.78 -5.19 19.74
CA ALA R 81 -18.73 -3.76 19.41
C ALA R 81 -19.97 -3.09 19.97
N PRO R 82 -19.81 -1.95 20.68
CA PRO R 82 -20.93 -1.25 21.32
C PRO R 82 -22.20 -1.08 20.46
N GLU R 83 -22.02 -1.00 19.14
CA GLU R 83 -23.12 -0.74 18.20
C GLU R 83 -24.16 -1.85 18.13
N ILE R 84 -23.75 -3.08 18.44
CA ILE R 84 -24.64 -4.25 18.41
C ILE R 84 -25.09 -4.73 19.80
N ALA R 85 -24.44 -4.24 20.86
CA ALA R 85 -24.70 -4.74 22.20
C ALA R 85 -26.19 -4.80 22.51
N LEU R 86 -26.90 -3.70 22.25
CA LEU R 86 -28.30 -3.57 22.65
C LEU R 86 -29.22 -4.59 22.00
N GLU R 87 -28.95 -4.91 20.73
CA GLU R 87 -29.78 -5.88 20.01
C GLU R 87 -29.36 -7.30 20.39
N LEU R 88 -28.08 -7.47 20.66
CA LEU R 88 -27.49 -8.76 21.02
C LEU R 88 -27.92 -9.22 22.41
N LEU R 89 -28.15 -8.27 23.31
CA LEU R 89 -28.76 -8.58 24.59
C LEU R 89 -30.17 -9.09 24.32
N MET R 90 -30.99 -8.27 23.65
CA MET R 90 -32.37 -8.63 23.37
C MET R 90 -32.45 -9.99 22.72
N ALA R 91 -31.63 -10.20 21.70
CA ALA R 91 -31.48 -11.51 21.07
C ALA R 91 -31.13 -12.59 22.10
N ALA R 92 -30.11 -12.34 22.92
CA ALA R 92 -29.62 -13.34 23.88
C ALA R 92 -30.67 -13.72 24.92
N ASN R 93 -31.40 -12.73 25.39
CA ASN R 93 -32.50 -12.97 26.31
C ASN R 93 -33.56 -13.89 25.70
N PHE R 94 -33.94 -13.63 24.46
CA PHE R 94 -34.93 -14.47 23.78
C PHE R 94 -34.41 -15.88 23.58
N LEU R 95 -33.13 -16.00 23.26
CA LEU R 95 -32.51 -17.28 22.91
C LEU R 95 -32.05 -18.10 24.11
N ASP R 96 -32.10 -17.50 25.29
CA ASP R 96 -31.61 -18.11 26.52
C ASP R 96 -30.18 -18.64 26.32
N CYS R 97 -29.22 -17.72 26.26
CA CYS R 97 -27.82 -18.10 26.24
C CYS R 97 -26.89 -17.00 26.76
#